data_4E1H
# 
_entry.id   4E1H 
# 
_audit_conform.dict_name       mmcif_pdbx.dic 
_audit_conform.dict_version    5.397 
_audit_conform.dict_location   http://mmcif.pdb.org/dictionaries/ascii/mmcif_pdbx.dic 
# 
loop_
_database_2.database_id 
_database_2.database_code 
_database_2.pdbx_database_accession 
_database_2.pdbx_DOI 
PDB   4E1H         pdb_00004e1h 10.2210/pdb4e1h/pdb 
RCSB  RCSB071049   ?            ?                   
WWPDB D_1000071049 ?            ?                   
# 
loop_
_pdbx_audit_revision_history.ordinal 
_pdbx_audit_revision_history.data_content_type 
_pdbx_audit_revision_history.major_revision 
_pdbx_audit_revision_history.minor_revision 
_pdbx_audit_revision_history.revision_date 
1 'Structure model' 1 0 2013-03-06 
2 'Structure model' 1 1 2013-11-27 
3 'Structure model' 1 2 2017-11-15 
4 'Structure model' 1 3 2024-10-16 
# 
_pdbx_audit_revision_details.ordinal             1 
_pdbx_audit_revision_details.revision_ordinal    1 
_pdbx_audit_revision_details.data_content_type   'Structure model' 
_pdbx_audit_revision_details.provider            repository 
_pdbx_audit_revision_details.type                'Initial release' 
_pdbx_audit_revision_details.description         ? 
_pdbx_audit_revision_details.details             ? 
# 
loop_
_pdbx_audit_revision_group.ordinal 
_pdbx_audit_revision_group.revision_ordinal 
_pdbx_audit_revision_group.data_content_type 
_pdbx_audit_revision_group.group 
1 2 'Structure model' 'Database references'    
2 3 'Structure model' 'Refinement description' 
3 4 'Structure model' 'Data collection'        
4 4 'Structure model' 'Database references'    
5 4 'Structure model' 'Derived calculations'   
6 4 'Structure model' 'Structure summary'      
# 
loop_
_pdbx_audit_revision_category.ordinal 
_pdbx_audit_revision_category.revision_ordinal 
_pdbx_audit_revision_category.data_content_type 
_pdbx_audit_revision_category.category 
1 3 'Structure model' software                  
2 4 'Structure model' chem_comp_atom            
3 4 'Structure model' chem_comp_bond            
4 4 'Structure model' database_2                
5 4 'Structure model' pdbx_entry_details        
6 4 'Structure model' pdbx_modification_feature 
7 4 'Structure model' pdbx_struct_conn_angle    
8 4 'Structure model' struct_conn               
9 4 'Structure model' struct_site               
# 
loop_
_pdbx_audit_revision_item.ordinal 
_pdbx_audit_revision_item.revision_ordinal 
_pdbx_audit_revision_item.data_content_type 
_pdbx_audit_revision_item.item 
1  3 'Structure model' '_software.classification'                    
2  3 'Structure model' '_software.contact_author'                    
3  3 'Structure model' '_software.contact_author_email'              
4  3 'Structure model' '_software.date'                              
5  3 'Structure model' '_software.language'                          
6  3 'Structure model' '_software.location'                          
7  3 'Structure model' '_software.name'                              
8  3 'Structure model' '_software.type'                              
9  3 'Structure model' '_software.version'                           
10 4 'Structure model' '_database_2.pdbx_DOI'                        
11 4 'Structure model' '_database_2.pdbx_database_accession'         
12 4 'Structure model' '_pdbx_struct_conn_angle.ptnr1_auth_asym_id'  
13 4 'Structure model' '_pdbx_struct_conn_angle.ptnr1_auth_seq_id'   
14 4 'Structure model' '_pdbx_struct_conn_angle.ptnr1_label_asym_id' 
15 4 'Structure model' '_pdbx_struct_conn_angle.ptnr1_label_atom_id' 
16 4 'Structure model' '_pdbx_struct_conn_angle.ptnr2_auth_asym_id'  
17 4 'Structure model' '_pdbx_struct_conn_angle.ptnr2_auth_seq_id'   
18 4 'Structure model' '_pdbx_struct_conn_angle.ptnr2_label_asym_id' 
19 4 'Structure model' '_pdbx_struct_conn_angle.ptnr3_auth_asym_id'  
20 4 'Structure model' '_pdbx_struct_conn_angle.ptnr3_auth_seq_id'   
21 4 'Structure model' '_pdbx_struct_conn_angle.ptnr3_label_asym_id' 
22 4 'Structure model' '_pdbx_struct_conn_angle.ptnr3_label_atom_id' 
23 4 'Structure model' '_pdbx_struct_conn_angle.value'               
24 4 'Structure model' '_struct_conn.pdbx_dist_value'                
25 4 'Structure model' '_struct_conn.ptnr1_auth_asym_id'             
26 4 'Structure model' '_struct_conn.ptnr1_auth_comp_id'             
27 4 'Structure model' '_struct_conn.ptnr1_auth_seq_id'              
28 4 'Structure model' '_struct_conn.ptnr1_label_asym_id'            
29 4 'Structure model' '_struct_conn.ptnr1_label_atom_id'            
30 4 'Structure model' '_struct_conn.ptnr1_label_comp_id'            
31 4 'Structure model' '_struct_conn.ptnr2_auth_asym_id'             
32 4 'Structure model' '_struct_conn.ptnr2_auth_comp_id'             
33 4 'Structure model' '_struct_conn.ptnr2_auth_seq_id'              
34 4 'Structure model' '_struct_conn.ptnr2_label_asym_id'            
35 4 'Structure model' '_struct_conn.ptnr2_label_atom_id'            
36 4 'Structure model' '_struct_conn.ptnr2_label_comp_id'            
37 4 'Structure model' '_struct_site.pdbx_auth_asym_id'              
38 4 'Structure model' '_struct_site.pdbx_auth_comp_id'              
39 4 'Structure model' '_struct_site.pdbx_auth_seq_id'               
# 
_pdbx_database_status.entry_id                        4E1H 
_pdbx_database_status.status_code                     REL 
_pdbx_database_status.deposit_site                    RCSB 
_pdbx_database_status.process_site                    RCSB 
_pdbx_database_status.recvd_initial_deposition_date   2012-03-06 
_pdbx_database_status.status_code_sf                  REL 
_pdbx_database_status.status_code_mr                  ? 
_pdbx_database_status.SG_entry                        ? 
_pdbx_database_status.status_code_cs                  ? 
_pdbx_database_status.methods_development_category    ? 
_pdbx_database_status.pdb_format_compatible           Y 
_pdbx_database_status.status_code_nmr_data            ? 
# 
_pdbx_database_related.db_name        PDB 
_pdbx_database_related.db_id          4E1I 
_pdbx_database_related.details        . 
_pdbx_database_related.content_type   unspecified 
# 
loop_
_audit_author.name 
_audit_author.pdbx_ordinal 
'Apostol, M.I.'  1 
'Perry, K.'      2 
'Surewicz, W.K.' 3 
# 
_citation.id                        primary 
_citation.title                     'Crystal structure of a human prion protein fragment reveals a motif for oligomer formation.' 
_citation.journal_abbrev            J.Am.Chem.Soc. 
_citation.journal_volume            135 
_citation.page_first                10202 
_citation.page_last                 10205 
_citation.year                      2013 
_citation.journal_id_ASTM           JACSAT 
_citation.country                   US 
_citation.journal_id_ISSN           0002-7863 
_citation.journal_id_CSD            0004 
_citation.book_publisher            ? 
_citation.pdbx_database_id_PubMed   23808589 
_citation.pdbx_database_id_DOI      10.1021/ja403001q 
# 
loop_
_citation_author.citation_id 
_citation_author.name 
_citation_author.ordinal 
_citation_author.identifier_ORCID 
primary 'Apostol, M.I.'  1 ? 
primary 'Perry, K.'      2 ? 
primary 'Surewicz, W.K.' 3 ? 
# 
loop_
_entity.id 
_entity.type 
_entity.src_method 
_entity.pdbx_description 
_entity.formula_weight 
_entity.pdbx_number_of_molecules 
_entity.pdbx_ec 
_entity.pdbx_mutation 
_entity.pdbx_fragment 
_entity.details 
1 polymer     syn 'Major prion protein' 700.784 6  ? ? 'UNP residues 177-182' ? 
2 polymer     syn 'Major prion protein' 723.858 6  ? ? 'UNP residues 211-216' ? 
3 non-polymer syn 'FE (III) ION'        55.845  3  ? ? ?                      ? 
4 non-polymer syn 'CITRIC ACID'         192.124 4  ? ? ?                      ? 
5 water       nat water                 18.015  56 ? ? ?                      ? 
# 
loop_
_entity_name_com.entity_id 
_entity_name_com.name 
1 'PrP, ASCR, PrP27-30, PrP33-35C' 
2 'PrP, ASCR, PrP27-30, PrP33-35C' 
# 
loop_
_entity_poly.entity_id 
_entity_poly.type 
_entity_poly.nstd_linkage 
_entity_poly.nstd_monomer 
_entity_poly.pdbx_seq_one_letter_code 
_entity_poly.pdbx_seq_one_letter_code_can 
_entity_poly.pdbx_strand_id 
_entity_poly.pdbx_target_identifier 
1 'polypeptide(L)' no no HDCVNI HDCVNI A,C,E,G,I,K ? 
2 'polypeptide(L)' no no EQMCIT EQMCIT B,D,F,H,J,L ? 
# 
loop_
_pdbx_entity_nonpoly.entity_id 
_pdbx_entity_nonpoly.name 
_pdbx_entity_nonpoly.comp_id 
3 'FE (III) ION' FE  
4 'CITRIC ACID'  CIT 
5 water          HOH 
# 
loop_
_entity_poly_seq.entity_id 
_entity_poly_seq.num 
_entity_poly_seq.mon_id 
_entity_poly_seq.hetero 
1 1 HIS n 
1 2 ASP n 
1 3 CYS n 
1 4 VAL n 
1 5 ASN n 
1 6 ILE n 
2 1 GLU n 
2 2 GLN n 
2 3 MET n 
2 4 CYS n 
2 5 ILE n 
2 6 THR n 
# 
loop_
_pdbx_entity_src_syn.entity_id 
_pdbx_entity_src_syn.pdbx_src_id 
_pdbx_entity_src_syn.pdbx_alt_source_flag 
_pdbx_entity_src_syn.pdbx_beg_seq_num 
_pdbx_entity_src_syn.pdbx_end_seq_num 
_pdbx_entity_src_syn.organism_scientific 
_pdbx_entity_src_syn.organism_common_name 
_pdbx_entity_src_syn.ncbi_taxonomy_id 
_pdbx_entity_src_syn.details 
1 1 sample ? ? 'Homo sapiens' human 9606 ? 
2 1 sample ? ? 'Homo sapiens' human 9606 ? 
# 
loop_
_chem_comp.id 
_chem_comp.type 
_chem_comp.mon_nstd_flag 
_chem_comp.name 
_chem_comp.pdbx_synonyms 
_chem_comp.formula 
_chem_comp.formula_weight 
ASN 'L-peptide linking' y ASPARAGINE      ? 'C4 H8 N2 O3'    132.118 
ASP 'L-peptide linking' y 'ASPARTIC ACID' ? 'C4 H7 N O4'     133.103 
CIT non-polymer         . 'CITRIC ACID'   ? 'C6 H8 O7'       192.124 
CYS 'L-peptide linking' y CYSTEINE        ? 'C3 H7 N O2 S'   121.158 
FE  non-polymer         . 'FE (III) ION'  ? 'Fe 3'           55.845  
GLN 'L-peptide linking' y GLUTAMINE       ? 'C5 H10 N2 O3'   146.144 
GLU 'L-peptide linking' y 'GLUTAMIC ACID' ? 'C5 H9 N O4'     147.129 
HIS 'L-peptide linking' y HISTIDINE       ? 'C6 H10 N3 O2 1' 156.162 
HOH non-polymer         . WATER           ? 'H2 O'           18.015  
ILE 'L-peptide linking' y ISOLEUCINE      ? 'C6 H13 N O2'    131.173 
MET 'L-peptide linking' y METHIONINE      ? 'C5 H11 N O2 S'  149.211 
THR 'L-peptide linking' y THREONINE       ? 'C4 H9 N O3'     119.119 
VAL 'L-peptide linking' y VALINE          ? 'C5 H11 N O2'    117.146 
# 
loop_
_pdbx_poly_seq_scheme.asym_id 
_pdbx_poly_seq_scheme.entity_id 
_pdbx_poly_seq_scheme.seq_id 
_pdbx_poly_seq_scheme.mon_id 
_pdbx_poly_seq_scheme.ndb_seq_num 
_pdbx_poly_seq_scheme.pdb_seq_num 
_pdbx_poly_seq_scheme.auth_seq_num 
_pdbx_poly_seq_scheme.pdb_mon_id 
_pdbx_poly_seq_scheme.auth_mon_id 
_pdbx_poly_seq_scheme.pdb_strand_id 
_pdbx_poly_seq_scheme.pdb_ins_code 
_pdbx_poly_seq_scheme.hetero 
A 1 1 HIS 1 177 177 HIS HIS A . n 
A 1 2 ASP 2 178 178 ASP ASP A . n 
A 1 3 CYS 3 179 179 CYS CYS A . n 
A 1 4 VAL 4 180 180 VAL VAL A . n 
A 1 5 ASN 5 181 181 ASN ASN A . n 
A 1 6 ILE 6 182 182 ILE ILE A . n 
B 2 1 GLU 1 211 211 GLU GLU B . n 
B 2 2 GLN 2 212 212 GLN GLN B . n 
B 2 3 MET 3 213 213 MET MET B . n 
B 2 4 CYS 4 214 214 CYS CYS B . n 
B 2 5 ILE 5 215 215 ILE ILE B . n 
B 2 6 THR 6 216 216 THR THR B . n 
C 1 1 HIS 1 177 177 HIS HIS C . n 
C 1 2 ASP 2 178 178 ASP ASP C . n 
C 1 3 CYS 3 179 179 CYS CYS C . n 
C 1 4 VAL 4 180 180 VAL VAL C . n 
C 1 5 ASN 5 181 181 ASN ASN C . n 
C 1 6 ILE 6 182 182 ILE ILE C . n 
D 2 1 GLU 1 211 211 GLU GLU D . n 
D 2 2 GLN 2 212 212 GLN GLN D . n 
D 2 3 MET 3 213 213 MET MET D . n 
D 2 4 CYS 4 214 214 CYS CYS D . n 
D 2 5 ILE 5 215 215 ILE ILE D . n 
D 2 6 THR 6 216 216 THR THR D . n 
E 1 1 HIS 1 177 177 HIS HIS E . n 
E 1 2 ASP 2 178 178 ASP ASP E . n 
E 1 3 CYS 3 179 179 CYS CYS E . n 
E 1 4 VAL 4 180 180 VAL VAL E . n 
E 1 5 ASN 5 181 181 ASN ASN E . n 
E 1 6 ILE 6 182 182 ILE ILE E . n 
F 2 1 GLU 1 211 211 GLU GLU F . n 
F 2 2 GLN 2 212 212 GLN GLN F . n 
F 2 3 MET 3 213 213 MET MET F . n 
F 2 4 CYS 4 214 214 CYS CYS F . n 
F 2 5 ILE 5 215 215 ILE ILE F . n 
F 2 6 THR 6 216 216 THR THR F . n 
G 1 1 HIS 1 177 177 HIS HIS G . n 
G 1 2 ASP 2 178 178 ASP ASP G . n 
G 1 3 CYS 3 179 179 CYS CYS G . n 
G 1 4 VAL 4 180 180 VAL VAL G . n 
G 1 5 ASN 5 181 181 ASN ASN G . n 
G 1 6 ILE 6 182 182 ILE ILE G . n 
H 2 1 GLU 1 211 211 GLU GLU H . n 
H 2 2 GLN 2 212 212 GLN GLN H . n 
H 2 3 MET 3 213 213 MET MET H . n 
H 2 4 CYS 4 214 214 CYS CYS H . n 
H 2 5 ILE 5 215 215 ILE ILE H . n 
H 2 6 THR 6 216 216 THR THR H . n 
I 1 1 HIS 1 177 177 HIS HIS I . n 
I 1 2 ASP 2 178 178 ASP ASP I . n 
I 1 3 CYS 3 179 179 CYS CYS I . n 
I 1 4 VAL 4 180 180 VAL VAL I . n 
I 1 5 ASN 5 181 181 ASN ASN I . n 
I 1 6 ILE 6 182 182 ILE ILE I . n 
J 2 1 GLU 1 211 211 GLU GLU J . n 
J 2 2 GLN 2 212 212 GLN GLN J . n 
J 2 3 MET 3 213 213 MET MET J . n 
J 2 4 CYS 4 214 214 CYS CYS J . n 
J 2 5 ILE 5 215 215 ILE ILE J . n 
J 2 6 THR 6 216 216 THR THR J . n 
K 1 1 HIS 1 177 177 HIS HIS K . n 
K 1 2 ASP 2 178 178 ASP ASP K . n 
K 1 3 CYS 3 179 179 CYS CYS K . n 
K 1 4 VAL 4 180 180 VAL VAL K . n 
K 1 5 ASN 5 181 181 ASN ASN K . n 
K 1 6 ILE 6 182 182 ILE ILE K . n 
L 2 1 GLU 1 211 211 GLU GLU L . n 
L 2 2 GLN 2 212 212 GLN GLN L . n 
L 2 3 MET 3 213 213 MET MET L . n 
L 2 4 CYS 4 214 214 CYS CYS L . n 
L 2 5 ILE 5 215 215 ILE ILE L . n 
L 2 6 THR 6 216 216 THR THR L . n 
# 
loop_
_pdbx_nonpoly_scheme.asym_id 
_pdbx_nonpoly_scheme.entity_id 
_pdbx_nonpoly_scheme.mon_id 
_pdbx_nonpoly_scheme.ndb_seq_num 
_pdbx_nonpoly_scheme.pdb_seq_num 
_pdbx_nonpoly_scheme.auth_seq_num 
_pdbx_nonpoly_scheme.pdb_mon_id 
_pdbx_nonpoly_scheme.auth_mon_id 
_pdbx_nonpoly_scheme.pdb_strand_id 
_pdbx_nonpoly_scheme.pdb_ins_code 
M  3 FE  1  201 201 FE  FE  G . 
N  4 CIT 1  202 202 CIT CIT G . 
O  4 CIT 1  203 203 CIT CIT G . 
P  3 FE  1  201 201 FE  FE  I . 
Q  3 FE  1  202 202 FE  FE  I . 
R  4 CIT 1  203 203 CIT CIT I . 
S  4 CIT 1  204 204 CIT CIT I . 
T  5 HOH 1  201 201 HOH HOH A . 
T  5 HOH 2  202 202 HOH HOH A . 
U  5 HOH 1  301 301 HOH HOH B . 
U  5 HOH 2  302 302 HOH HOH B . 
U  5 HOH 3  303 303 HOH HOH B . 
V  5 HOH 1  201 201 HOH HOH C . 
V  5 HOH 2  202 202 HOH HOH C . 
V  5 HOH 3  203 203 HOH HOH C . 
V  5 HOH 4  204 204 HOH HOH C . 
V  5 HOH 5  205 205 HOH HOH C . 
V  5 HOH 6  206 206 HOH HOH C . 
V  5 HOH 7  207 207 HOH HOH C . 
W  5 HOH 1  301 301 HOH HOH D . 
W  5 HOH 2  302 302 HOH HOH D . 
W  5 HOH 3  303 303 HOH HOH D . 
X  5 HOH 1  201 201 HOH HOH E . 
X  5 HOH 2  202 202 HOH HOH E . 
X  5 HOH 3  203 203 HOH HOH E . 
Y  5 HOH 1  301 301 HOH HOH F . 
Y  5 HOH 2  302 302 HOH HOH F . 
Y  5 HOH 3  303 303 HOH HOH F . 
Y  5 HOH 4  304 304 HOH HOH F . 
Y  5 HOH 5  305 305 HOH HOH F . 
Z  5 HOH 1  301 301 HOH HOH G . 
Z  5 HOH 2  302 302 HOH HOH G . 
Z  5 HOH 3  303 303 HOH HOH G . 
Z  5 HOH 4  304 304 HOH HOH G . 
Z  5 HOH 5  305 305 HOH HOH G . 
Z  5 HOH 6  306 301 HOH HOH G . 
Z  5 HOH 7  307 301 HOH HOH G . 
Z  5 HOH 8  308 305 HOH HOH G . 
AA 5 HOH 1  301 302 HOH HOH H . 
AA 5 HOH 2  302 303 HOH HOH H . 
BA 5 HOH 1  301 302 HOH HOH I . 
BA 5 HOH 2  302 303 HOH HOH I . 
BA 5 HOH 3  303 304 HOH HOH I . 
CA 5 HOH 1  301 306 HOH HOH J . 
CA 5 HOH 2  302 301 HOH HOH J . 
CA 5 HOH 3  303 302 HOH HOH J . 
CA 5 HOH 4  304 303 HOH HOH J . 
CA 5 HOH 5  305 304 HOH HOH J . 
CA 5 HOH 6  306 305 HOH HOH J . 
DA 5 HOH 1  201 201 HOH HOH K . 
DA 5 HOH 2  202 202 HOH HOH K . 
EA 5 HOH 1  301 301 HOH HOH L . 
EA 5 HOH 2  302 302 HOH HOH L . 
EA 5 HOH 3  303 303 HOH HOH L . 
EA 5 HOH 4  304 304 HOH HOH L . 
EA 5 HOH 5  305 305 HOH HOH L . 
EA 5 HOH 6  306 306 HOH HOH L . 
EA 5 HOH 7  307 307 HOH HOH L . 
EA 5 HOH 8  308 308 HOH HOH L . 
EA 5 HOH 9  309 309 HOH HOH L . 
EA 5 HOH 10 310 310 HOH HOH L . 
EA 5 HOH 11 311 311 HOH HOH L . 
EA 5 HOH 12 312 312 HOH HOH L . 
# 
loop_
_software.pdbx_ordinal 
_software.name 
_software.version 
_software.date 
_software.type 
_software.contact_author 
_software.contact_author_email 
_software.classification 
_software.location 
_software.language 
_software.citation_id 
1 DENZO       .    ?               package 'Zbyszek Otwinowski'  hkl@hkl-xray.com             'data reduction'  
http://www.hkl-xray.com/                     ?          ? 
2 SCALEPACK   .    ?               package 'Zbyszek Otwinowski'  hkl@hkl-xray.com             'data scaling'    
http://www.hkl-xray.com/                     ?          ? 
3 SHELX       .    ?               package 'George M. Sheldrick' gsheldr@shelx.uni-ac.gwdg.de phasing           
http://shelx.uni-ac.gwdg.de/SHELX/           Fortran_77 ? 
4 REFMAC      .    ?               program 'Garib N. Murshudov'  garib@ysbl.york.ac.uk        refinement        
http://www.ccp4.ac.uk/dist/html/refmac5.html Fortran_77 ? 
5 PDB_EXTRACT 3.10 'June 10, 2010' package PDB                   deposit@deposit.rcsb.org     'data extraction' 
http://sw-tools.pdb.org/apps/PDB_EXTRACT/    C++        ? 
6 Adxv        .    ?               ?       ?                     ?                            'data processing' ? ?          ? 
7 SHELXD      .    ?               ?       ?                     ?                            phasing           ? ?          ? 
# 
_cell.length_a           32.317 
_cell.length_b           42.898 
_cell.length_c           46.353 
_cell.angle_alpha        90.000 
_cell.angle_beta         90.000 
_cell.angle_gamma        90.000 
_cell.entry_id           4E1H 
_cell.pdbx_unique_axis   ? 
_cell.Z_PDB              24 
_cell.length_a_esd       ? 
_cell.length_b_esd       ? 
_cell.length_c_esd       ? 
_cell.angle_alpha_esd    ? 
_cell.angle_beta_esd     ? 
_cell.angle_gamma_esd    ? 
# 
_symmetry.space_group_name_H-M             'P 21 21 21' 
_symmetry.entry_id                         4E1H 
_symmetry.Int_Tables_number                19 
_symmetry.pdbx_full_space_group_name_H-M   ? 
_symmetry.cell_setting                     ? 
_symmetry.space_group_name_Hall            ? 
# 
_exptl.crystals_number   1 
_exptl.entry_id          4E1H 
_exptl.method            'X-RAY DIFFRACTION' 
# 
_exptl_crystal.id                    1 
_exptl_crystal.density_Matthews      1.88 
_exptl_crystal.density_meas          ? 
_exptl_crystal.density_percent_sol   34.56 
_exptl_crystal.description           ? 
_exptl_crystal.F_000                 ? 
_exptl_crystal.preparation           ? 
# 
_exptl_crystal_grow.crystal_id      1 
_exptl_crystal_grow.method          'VAPOR DIFFUSION, HANGING DROP' 
_exptl_crystal_grow.pH              3.5 
_exptl_crystal_grow.temp            298 
_exptl_crystal_grow.pdbx_details    
'100mM Citrate pH 3.5, 10mM iron (II) chloride, and 25% PEG 3350, vapor diffusion, hanging drop, temperature 298K' 
_exptl_crystal_grow.temp_details    ? 
_exptl_crystal_grow.pdbx_pH_range   ? 
# 
loop_
_diffrn.id 
_diffrn.ambient_temp 
_diffrn.ambient_temp_details 
_diffrn.crystal_id 
1 100 ? 1 
2 100 ? 1 
# 
loop_
_diffrn_detector.diffrn_id 
_diffrn_detector.detector 
_diffrn_detector.type 
_diffrn_detector.pdbx_collection_date 
_diffrn_detector.details 
1 CCD 'ADSC QUANTUM 315' 2010-11-27 ? 
2 CCD 'ADSC QUANTUM 315' 2010-11-27 ? 
# 
loop_
_diffrn_radiation.diffrn_id 
_diffrn_radiation.pdbx_diffrn_protocol 
_diffrn_radiation.monochromator 
_diffrn_radiation.wavelength_id 
_diffrn_radiation.pdbx_monochromatic_or_laue_m_l 
_diffrn_radiation.pdbx_scattering_type 
1 SAD                 ? 1 ? x-ray 
2 'SINGLE WAVELENGTH' ? 1 ? x-ray 
# 
loop_
_diffrn_radiation_wavelength.id 
_diffrn_radiation_wavelength.wavelength 
_diffrn_radiation_wavelength.wt 
1 1.73964 1.0 
2 0.97918 1.0 
# 
loop_
_diffrn_source.diffrn_id 
_diffrn_source.source 
_diffrn_source.type 
_diffrn_source.pdbx_wavelength_list 
_diffrn_source.pdbx_wavelength 
_diffrn_source.pdbx_synchrotron_site 
_diffrn_source.pdbx_synchrotron_beamline 
1 SYNCHROTRON 'APS BEAMLINE 24-ID-C' 1.73964 ? APS 24-ID-C 
2 SYNCHROTRON 'APS BEAMLINE 24-ID-C' 0.97918 ? APS 24-ID-C 
# 
_reflns.entry_id                     4E1H 
_reflns.d_resolution_high            1.400 
_reflns.d_resolution_low             30.000 
_reflns.number_obs                   13272 
_reflns.pdbx_Rmerge_I_obs            0.059 
_reflns.pdbx_netI_over_sigmaI        8.700 
_reflns.pdbx_chi_squared             1.217 
_reflns.pdbx_redundancy              4.600 
_reflns.percent_possible_obs         99.800 
_reflns.observed_criterion_sigma_F   ? 
_reflns.observed_criterion_sigma_I   ? 
_reflns.number_all                   ? 
_reflns.B_iso_Wilson_estimate        ? 
_reflns.R_free_details               ? 
_reflns.limit_h_max                  ? 
_reflns.limit_h_min                  ? 
_reflns.limit_k_max                  ? 
_reflns.limit_k_min                  ? 
_reflns.limit_l_max                  ? 
_reflns.limit_l_min                  ? 
_reflns.observed_criterion_F_max     ? 
_reflns.observed_criterion_F_min     ? 
_reflns.pdbx_scaling_rejects         ? 
_reflns.pdbx_Rsym_value              ? 
_reflns.pdbx_ordinal                 1 
_reflns.pdbx_diffrn_id               1,2 
# 
loop_
_reflns_shell.d_res_high 
_reflns_shell.d_res_low 
_reflns_shell.number_measured_obs 
_reflns_shell.number_measured_all 
_reflns_shell.number_unique_obs 
_reflns_shell.Rmerge_I_obs 
_reflns_shell.meanI_over_sigI_obs 
_reflns_shell.pdbx_Rsym_value 
_reflns_shell.pdbx_chi_squared 
_reflns_shell.pdbx_redundancy 
_reflns_shell.percent_possible_obs 
_reflns_shell.number_unique_all 
_reflns_shell.percent_possible_all 
_reflns_shell.pdbx_ordinal 
_reflns_shell.pdbx_diffrn_id 
1.400 1.450  ? ? ? 0.756 ? ? 0.569 4.600 ? 1307 100.000 1  1,2 
1.450 1.510  ? ? ? 0.542 ? ? 0.618 4.700 ? 1287 100.000 2  1,2 
1.510 1.580  ? ? ? 0.383 ? ? 0.670 4.700 ? 1299 100.000 3  1,2 
1.580 1.660  ? ? ? 0.289 ? ? 0.787 4.600 ? 1320 100.000 4  1,2 
1.660 1.760  ? ? ? 0.205 ? ? 0.953 4.600 ? 1300 100.000 5  1,2 
1.760 1.900  ? ? ? 0.143 ? ? 1.356 4.600 ? 1317 100.000 6  1,2 
1.900 2.090  ? ? ? 0.105 ? ? 1.808 4.600 ? 1332 99.800  7  1,2 
2.090 2.390  ? ? ? 0.083 ? ? 2.017 4.600 ? 1315 99.900  8  1,2 
2.390 3.020  ? ? ? 0.053 ? ? 1.793 4.500 ? 1367 99.900  9  1,2 
3.020 30.000 ? ? ? 0.033 ? ? 1.583 4.400 ? 1428 98.800  10 1,2 
# 
_refine.pdbx_refine_id                           'X-RAY DIFFRACTION' 
_refine.entry_id                                 4E1H 
_refine.pdbx_diffrn_id                           1 
_refine.pdbx_TLS_residual_ADP_flag               ? 
_refine.ls_number_reflns_obs                     12531 
_refine.ls_number_reflns_all                     ? 
_refine.pdbx_ls_sigma_I                          ? 
_refine.pdbx_ls_sigma_F                          0.000 
_refine.pdbx_data_cutoff_high_absF               ? 
_refine.pdbx_data_cutoff_low_absF                ? 
_refine.pdbx_data_cutoff_high_rms_absF           ? 
_refine.ls_d_res_low                             22.55 
_refine.ls_d_res_high                            1.40 
_refine.ls_percent_reflns_obs                    99.4 
_refine.ls_R_factor_obs                          0.167 
_refine.ls_R_factor_all                          ? 
_refine.ls_R_factor_R_work                       0.164 
_refine.ls_R_factor_R_free                       0.218 
_refine.ls_R_factor_R_free_error                 ? 
_refine.ls_R_factor_R_free_error_details         ? 
_refine.ls_percent_reflns_R_free                 4.900 
_refine.ls_number_reflns_R_free                  649 
_refine.ls_number_parameters                     ? 
_refine.ls_number_restraints                     ? 
_refine.occupancy_min                            ? 
_refine.occupancy_max                            ? 
_refine.correlation_coeff_Fo_to_Fc               0.969 
_refine.correlation_coeff_Fo_to_Fc_free          0.958 
_refine.B_iso_mean                               24.01 
_refine.aniso_B[1][1]                            1.25000 
_refine.aniso_B[2][2]                            0.74000 
_refine.aniso_B[3][3]                            -1.99000 
_refine.aniso_B[1][2]                            0.00000 
_refine.aniso_B[1][3]                            0.00000 
_refine.aniso_B[2][3]                            0.00000 
_refine.solvent_model_details                    MASK 
_refine.solvent_model_param_ksol                 ? 
_refine.solvent_model_param_bsol                 ? 
_refine.pdbx_solvent_vdw_probe_radii             1.40 
_refine.pdbx_solvent_ion_probe_radii             0.80 
_refine.pdbx_solvent_shrinkage_radii             0.80 
_refine.pdbx_ls_cross_valid_method               THROUGHOUT 
_refine.details                                  'HYDROGENS HAVE BEEN ADDED IN THE RIDING POSITIONS U VALUES: WITH TLS ADDED' 
_refine.pdbx_starting_model                      ? 
_refine.pdbx_method_to_determine_struct          ? 
_refine.pdbx_isotropic_thermal_model             ? 
_refine.pdbx_stereochemistry_target_values       'MAXIMUM LIKELIHOOD WITH PHASES' 
_refine.pdbx_stereochem_target_val_spec_case     ? 
_refine.pdbx_R_Free_selection_details            RANDOM 
_refine.pdbx_overall_ESU_R                       0.087 
_refine.pdbx_overall_ESU_R_Free                  0.077 
_refine.overall_SU_ML                            0.056 
_refine.pdbx_overall_phase_error                 ? 
_refine.overall_SU_B                             3.167 
_refine.overall_SU_R_Cruickshank_DPI             ? 
_refine.pdbx_overall_SU_R_free_Cruickshank_DPI   ? 
_refine.pdbx_overall_SU_R_Blow_DPI               ? 
_refine.pdbx_overall_SU_R_free_Blow_DPI          ? 
_refine.ls_redundancy_reflns_obs                 ? 
_refine.B_iso_min                                ? 
_refine.B_iso_max                                ? 
_refine.overall_SU_R_free                        ? 
_refine.ls_wR_factor_R_free                      ? 
_refine.ls_wR_factor_R_work                      ? 
_refine.overall_FOM_free_R_set                   ? 
_refine.overall_FOM_work_R_set                   ? 
# 
_refine_hist.pdbx_refine_id                   'X-RAY DIFFRACTION' 
_refine_hist.cycle_id                         LAST 
_refine_hist.pdbx_number_atoms_protein        576 
_refine_hist.pdbx_number_atoms_nucleic_acid   0 
_refine_hist.pdbx_number_atoms_ligand         55 
_refine_hist.number_atoms_solvent             56 
_refine_hist.number_atoms_total               687 
_refine_hist.d_res_high                       1.40 
_refine_hist.d_res_low                        22.55 
# 
loop_
_refine_ls_restr.type 
_refine_ls_restr.dev_ideal 
_refine_ls_restr.dev_ideal_target 
_refine_ls_restr.weight 
_refine_ls_restr.number 
_refine_ls_restr.pdbx_refine_id 
_refine_ls_restr.pdbx_restraint_function 
r_bond_refined_d             0.016  0.021  ? 722  'X-RAY DIFFRACTION' ? 
r_bond_other_d               0.005  0.020  ? 402  'X-RAY DIFFRACTION' ? 
r_angle_refined_deg          1.751  2.033  ? 992  'X-RAY DIFFRACTION' ? 
r_angle_other_deg            1.887  3.000  ? 1034 'X-RAY DIFFRACTION' ? 
r_dihedral_angle_1_deg       8.611  5.000  ? 78   'X-RAY DIFFRACTION' ? 
r_dihedral_angle_2_deg       41.451 27.895 ? 38   'X-RAY DIFFRACTION' ? 
r_dihedral_angle_3_deg       14.147 15.000 ? 134  'X-RAY DIFFRACTION' ? 
r_dihedral_angle_4_deg       ?      ?      ? ?    'X-RAY DIFFRACTION' ? 
r_chiral_restr               0.135  0.200  ? 114  'X-RAY DIFFRACTION' ? 
r_gen_planes_refined         0.011  0.020  ? 770  'X-RAY DIFFRACTION' ? 
r_gen_planes_other           0.002  0.020  ? 86   'X-RAY DIFFRACTION' ? 
r_nbd_refined                ?      ?      ? ?    'X-RAY DIFFRACTION' ? 
r_nbd_other                  ?      ?      ? ?    'X-RAY DIFFRACTION' ? 
r_nbtor_refined              ?      ?      ? ?    'X-RAY DIFFRACTION' ? 
r_nbtor_other                ?      ?      ? ?    'X-RAY DIFFRACTION' ? 
r_xyhbond_nbd_refined        ?      ?      ? ?    'X-RAY DIFFRACTION' ? 
r_xyhbond_nbd_other          ?      ?      ? ?    'X-RAY DIFFRACTION' ? 
r_metal_ion_refined          ?      ?      ? ?    'X-RAY DIFFRACTION' ? 
r_metal_ion_other            ?      ?      ? ?    'X-RAY DIFFRACTION' ? 
r_symmetry_vdw_refined       ?      ?      ? ?    'X-RAY DIFFRACTION' ? 
r_symmetry_vdw_other         ?      ?      ? ?    'X-RAY DIFFRACTION' ? 
r_symmetry_hbond_refined     ?      ?      ? ?    'X-RAY DIFFRACTION' ? 
r_symmetry_hbond_other       ?      ?      ? ?    'X-RAY DIFFRACTION' ? 
r_symmetry_metal_ion_refined ?      ?      ? ?    'X-RAY DIFFRACTION' ? 
r_symmetry_metal_ion_other   ?      ?      ? ?    'X-RAY DIFFRACTION' ? 
r_mcbond_it                  2.793  1.500  ? 406  'X-RAY DIFFRACTION' ? 
r_mcbond_other               0.875  1.500  ? 146  'X-RAY DIFFRACTION' ? 
r_mcangle_it                 4.399  2.000  ? 676  'X-RAY DIFFRACTION' ? 
r_scbond_it                  5.952  3.000  ? 316  'X-RAY DIFFRACTION' ? 
r_scangle_it                 8.389  4.500  ? 302  'X-RAY DIFFRACTION' ? 
r_rigid_bond_restr           2.738  3.000  ? 1124 'X-RAY DIFFRACTION' ? 
r_sphericity_free            ?      ?      ? ?    'X-RAY DIFFRACTION' ? 
r_sphericity_bonded          ?      ?      ? ?    'X-RAY DIFFRACTION' ? 
# 
_refine_ls_shell.pdbx_refine_id                   'X-RAY DIFFRACTION' 
_refine_ls_shell.pdbx_total_number_of_bins_used   20 
_refine_ls_shell.d_res_high                       1.40 
_refine_ls_shell.d_res_low                        1.44 
_refine_ls_shell.number_reflns_R_work             889 
_refine_ls_shell.R_factor_R_work                  0.2350 
_refine_ls_shell.percent_reflns_obs               98.96 
_refine_ls_shell.R_factor_R_free                  0.3060 
_refine_ls_shell.R_factor_R_free_error            ? 
_refine_ls_shell.percent_reflns_R_free            ? 
_refine_ls_shell.number_reflns_R_free             59 
_refine_ls_shell.number_reflns_all                ? 
_refine_ls_shell.R_factor_all                     ? 
_refine_ls_shell.redundancy_reflns_obs            ? 
_refine_ls_shell.number_reflns_obs                ? 
# 
_struct.entry_id                  4E1H 
_struct.title                     'Fragment of human prion protein' 
_struct.pdbx_model_details        ? 
_struct.pdbx_CASP_flag            ? 
_struct.pdbx_model_type_details   ? 
# 
_struct_keywords.entry_id        4E1H 
_struct_keywords.text            'beta prism, amyloid-related oligomer, PROTEIN FIBRIL, CELL CYCLE' 
_struct_keywords.pdbx_keywords   'CELL CYCLE' 
# 
loop_
_struct_asym.id 
_struct_asym.pdbx_blank_PDB_chainid_flag 
_struct_asym.pdbx_modified 
_struct_asym.entity_id 
_struct_asym.details 
A  N N 1 ? 
B  N N 2 ? 
C  N N 1 ? 
D  N N 2 ? 
E  N N 1 ? 
F  N N 2 ? 
G  N N 1 ? 
H  N N 2 ? 
I  N N 1 ? 
J  N N 2 ? 
K  N N 1 ? 
L  N N 2 ? 
M  N N 3 ? 
N  N N 4 ? 
O  N N 4 ? 
P  N N 3 ? 
Q  N N 3 ? 
R  N N 4 ? 
S  N N 4 ? 
T  N N 5 ? 
U  N N 5 ? 
V  N N 5 ? 
W  N N 5 ? 
X  N N 5 ? 
Y  N N 5 ? 
Z  N N 5 ? 
AA N N 5 ? 
BA N N 5 ? 
CA N N 5 ? 
DA N N 5 ? 
EA N N 5 ? 
# 
loop_
_struct_ref.id 
_struct_ref.db_name 
_struct_ref.db_code 
_struct_ref.pdbx_db_accession 
_struct_ref.entity_id 
_struct_ref.pdbx_seq_one_letter_code 
_struct_ref.pdbx_align_begin 
_struct_ref.pdbx_db_isoform 
1 UNP PRIO_HUMAN P04156 1 HDCVNI 177 ? 
2 UNP PRIO_HUMAN P04156 2 EQMCIT 211 ? 
# 
loop_
_struct_ref_seq.align_id 
_struct_ref_seq.ref_id 
_struct_ref_seq.pdbx_PDB_id_code 
_struct_ref_seq.pdbx_strand_id 
_struct_ref_seq.seq_align_beg 
_struct_ref_seq.pdbx_seq_align_beg_ins_code 
_struct_ref_seq.seq_align_end 
_struct_ref_seq.pdbx_seq_align_end_ins_code 
_struct_ref_seq.pdbx_db_accession 
_struct_ref_seq.db_align_beg 
_struct_ref_seq.pdbx_db_align_beg_ins_code 
_struct_ref_seq.db_align_end 
_struct_ref_seq.pdbx_db_align_end_ins_code 
_struct_ref_seq.pdbx_auth_seq_align_beg 
_struct_ref_seq.pdbx_auth_seq_align_end 
1  1 4E1H A 1 ? 6 ? P04156 177 ? 182 ? 177 182 
2  2 4E1H B 1 ? 6 ? P04156 211 ? 216 ? 211 216 
3  1 4E1H C 1 ? 6 ? P04156 177 ? 182 ? 177 182 
4  2 4E1H D 1 ? 6 ? P04156 211 ? 216 ? 211 216 
5  1 4E1H E 1 ? 6 ? P04156 177 ? 182 ? 177 182 
6  2 4E1H F 1 ? 6 ? P04156 211 ? 216 ? 211 216 
7  1 4E1H G 1 ? 6 ? P04156 177 ? 182 ? 177 182 
8  2 4E1H H 1 ? 6 ? P04156 211 ? 216 ? 211 216 
9  1 4E1H I 1 ? 6 ? P04156 177 ? 182 ? 177 182 
10 2 4E1H J 1 ? 6 ? P04156 211 ? 216 ? 211 216 
11 1 4E1H K 1 ? 6 ? P04156 177 ? 182 ? 177 182 
12 2 4E1H L 1 ? 6 ? P04156 211 ? 216 ? 211 216 
# 
_pdbx_struct_assembly.id                   1 
_pdbx_struct_assembly.details              author_and_software_defined_assembly 
_pdbx_struct_assembly.method_details       PISA 
_pdbx_struct_assembly.oligomeric_details   dodecameric 
_pdbx_struct_assembly.oligomeric_count     12 
# 
loop_
_pdbx_struct_assembly_prop.biol_id 
_pdbx_struct_assembly_prop.type 
_pdbx_struct_assembly_prop.value 
_pdbx_struct_assembly_prop.details 
1 'ABSA (A^2)' 8880 ? 
1 MORE         -89  ? 
1 'SSA (A^2)'  4610 ? 
# 
_pdbx_struct_assembly_gen.assembly_id       1 
_pdbx_struct_assembly_gen.oper_expression   1 
_pdbx_struct_assembly_gen.asym_id_list      A,B,C,D,E,F,G,H,I,J,K,L,M,N,O,P,Q,R,S,T,U,V,W,X,Y,Z,AA,BA,CA,DA,EA 
# 
_pdbx_struct_oper_list.id                   1 
_pdbx_struct_oper_list.type                 'identity operation' 
_pdbx_struct_oper_list.name                 1_555 
_pdbx_struct_oper_list.symmetry_operation   x,y,z 
_pdbx_struct_oper_list.matrix[1][1]         1.0000000000 
_pdbx_struct_oper_list.matrix[1][2]         0.0000000000 
_pdbx_struct_oper_list.matrix[1][3]         0.0000000000 
_pdbx_struct_oper_list.vector[1]            0.0000000000 
_pdbx_struct_oper_list.matrix[2][1]         0.0000000000 
_pdbx_struct_oper_list.matrix[2][2]         1.0000000000 
_pdbx_struct_oper_list.matrix[2][3]         0.0000000000 
_pdbx_struct_oper_list.vector[2]            0.0000000000 
_pdbx_struct_oper_list.matrix[3][1]         0.0000000000 
_pdbx_struct_oper_list.matrix[3][2]         0.0000000000 
_pdbx_struct_oper_list.matrix[3][3]         1.0000000000 
_pdbx_struct_oper_list.vector[3]            0.0000000000 
# 
_struct_biol.id        1 
_struct_biol.details   ? 
# 
loop_
_struct_conn.id 
_struct_conn.conn_type_id 
_struct_conn.pdbx_leaving_atom_flag 
_struct_conn.pdbx_PDB_id 
_struct_conn.ptnr1_label_asym_id 
_struct_conn.ptnr1_label_comp_id 
_struct_conn.ptnr1_label_seq_id 
_struct_conn.ptnr1_label_atom_id 
_struct_conn.pdbx_ptnr1_label_alt_id 
_struct_conn.pdbx_ptnr1_PDB_ins_code 
_struct_conn.pdbx_ptnr1_standard_comp_id 
_struct_conn.ptnr1_symmetry 
_struct_conn.ptnr2_label_asym_id 
_struct_conn.ptnr2_label_comp_id 
_struct_conn.ptnr2_label_seq_id 
_struct_conn.ptnr2_label_atom_id 
_struct_conn.pdbx_ptnr2_label_alt_id 
_struct_conn.pdbx_ptnr2_PDB_ins_code 
_struct_conn.ptnr1_auth_asym_id 
_struct_conn.ptnr1_auth_comp_id 
_struct_conn.ptnr1_auth_seq_id 
_struct_conn.ptnr2_auth_asym_id 
_struct_conn.ptnr2_auth_comp_id 
_struct_conn.ptnr2_auth_seq_id 
_struct_conn.ptnr2_symmetry 
_struct_conn.pdbx_ptnr3_label_atom_id 
_struct_conn.pdbx_ptnr3_label_seq_id 
_struct_conn.pdbx_ptnr3_label_comp_id 
_struct_conn.pdbx_ptnr3_label_asym_id 
_struct_conn.pdbx_ptnr3_label_alt_id 
_struct_conn.pdbx_ptnr3_PDB_ins_code 
_struct_conn.details 
_struct_conn.pdbx_dist_value 
_struct_conn.pdbx_value_order 
_struct_conn.pdbx_role 
disulf1  disulf ? ? A CYS 3 SG ? ? ? 1_555 B CYS 4 SG ? ? A CYS 179 B CYS 214 1_555 ? ? ? ? ? ? ? 2.029 ? ? 
disulf2  disulf ? ? C CYS 3 SG ? ? ? 1_555 D CYS 4 SG ? ? C CYS 179 D CYS 214 1_555 ? ? ? ? ? ? ? 2.008 ? ? 
disulf3  disulf ? ? E CYS 3 SG ? ? ? 1_555 F CYS 4 SG ? ? E CYS 179 F CYS 214 1_555 ? ? ? ? ? ? ? 2.051 ? ? 
disulf4  disulf ? ? G CYS 3 SG ? ? ? 1_555 H CYS 4 SG ? ? G CYS 179 H CYS 214 1_555 ? ? ? ? ? ? ? 2.043 ? ? 
disulf5  disulf ? ? I CYS 3 SG ? ? ? 1_555 J CYS 4 SG ? ? I CYS 179 J CYS 214 1_555 ? ? ? ? ? ? ? 2.006 ? ? 
disulf6  disulf ? ? K CYS 3 SG ? ? ? 1_555 L CYS 4 SG ? ? K CYS 179 L CYS 214 1_555 ? ? ? ? ? ? ? 2.032 ? ? 
metalc1  metalc ? ? M FE  . FE ? ? ? 1_555 N CIT . O7 ? ? G FE  201 G CIT 202 1_555 ? ? ? ? ? ? ? 1.982 ? ? 
metalc2  metalc ? ? M FE  . FE ? ? ? 1_555 N CIT . O4 ? ? G FE  201 G CIT 202 1_555 ? ? ? ? ? ? ? 2.031 ? ? 
metalc3  metalc ? ? M FE  . FE ? ? ? 1_555 O CIT . O7 ? ? G FE  201 G CIT 203 1_555 ? ? ? ? ? ? ? 2.025 ? ? 
metalc4  metalc ? ? M FE  . FE ? ? ? 1_555 O CIT . O4 ? ? G FE  201 G CIT 203 1_555 ? ? ? ? ? ? ? 2.052 ? ? 
metalc5  metalc ? ? M FE  . FE ? ? ? 1_555 O CIT . O6 ? ? G FE  201 G CIT 203 1_555 ? ? ? ? ? ? ? 2.248 ? ? 
metalc6  metalc ? ? M FE  . FE ? ? ? 1_555 R CIT . O6 ? ? G FE  201 I CIT 203 1_555 ? ? ? ? ? ? ? 1.987 ? ? 
metalc7  metalc ? ? N CIT . O7 ? ? ? 1_555 Q FE  . FE ? ? G CIT 202 I FE  202 1_555 ? ? ? ? ? ? ? 2.035 ? ? 
metalc8  metalc ? ? N CIT . O6 ? ? ? 1_555 Q FE  . FE ? ? G CIT 202 I FE  202 1_555 ? ? ? ? ? ? ? 2.039 ? ? 
metalc9  metalc ? ? O CIT . O1 ? ? ? 1_555 P FE  . FE ? ? G CIT 203 I FE  201 1_555 ? ? ? ? ? ? ? 1.962 ? ? 
metalc10 metalc ? ? O CIT . O7 ? ? ? 1_555 P FE  . FE ? ? G CIT 203 I FE  201 1_555 ? ? ? ? ? ? ? 2.003 ? ? 
metalc11 metalc ? ? P FE  . FE ? ? ? 1_555 R CIT . O2 ? ? I FE  201 I CIT 203 1_555 ? ? ? ? ? ? ? 1.996 ? ? 
metalc12 metalc ? ? P FE  . FE ? ? ? 1_555 R CIT . O7 ? ? I FE  201 I CIT 203 1_555 ? ? ? ? ? ? ? 2.015 ? ? 
metalc13 metalc ? ? P FE  . FE ? ? ? 1_555 S CIT . O7 ? ? I FE  201 I CIT 204 1_555 ? ? ? ? ? ? ? 2.048 ? ? 
metalc14 metalc ? ? P FE  . FE ? ? ? 1_555 S CIT . O2 ? ? I FE  201 I CIT 204 1_555 ? ? ? ? ? ? ? 2.067 ? ? 
metalc15 metalc ? ? Q FE  . FE ? ? ? 1_555 R CIT . O7 ? ? I FE  202 I CIT 203 1_555 ? ? ? ? ? ? ? 1.855 ? ? 
metalc16 metalc ? ? Q FE  . FE ? ? ? 1_555 R CIT . O3 ? ? I FE  202 I CIT 203 1_555 ? ? ? ? ? ? ? 1.968 ? ? 
metalc17 metalc ? ? Q FE  . FE ? ? ? 1_555 S CIT . O6 ? ? I FE  202 I CIT 204 1_555 ? ? ? ? ? ? ? 2.061 ? ? 
metalc18 metalc ? ? Q FE  . FE ? ? ? 1_555 S CIT . O7 ? ? I FE  202 I CIT 204 1_555 ? ? ? ? ? ? ? 2.086 ? ? 
# 
loop_
_struct_conn_type.id 
_struct_conn_type.criteria 
_struct_conn_type.reference 
disulf ? ? 
metalc ? ? 
# 
loop_
_pdbx_struct_conn_angle.id 
_pdbx_struct_conn_angle.ptnr1_label_atom_id 
_pdbx_struct_conn_angle.ptnr1_label_alt_id 
_pdbx_struct_conn_angle.ptnr1_label_asym_id 
_pdbx_struct_conn_angle.ptnr1_label_comp_id 
_pdbx_struct_conn_angle.ptnr1_label_seq_id 
_pdbx_struct_conn_angle.ptnr1_auth_atom_id 
_pdbx_struct_conn_angle.ptnr1_auth_asym_id 
_pdbx_struct_conn_angle.ptnr1_auth_comp_id 
_pdbx_struct_conn_angle.ptnr1_auth_seq_id 
_pdbx_struct_conn_angle.ptnr1_PDB_ins_code 
_pdbx_struct_conn_angle.ptnr1_symmetry 
_pdbx_struct_conn_angle.ptnr2_label_atom_id 
_pdbx_struct_conn_angle.ptnr2_label_alt_id 
_pdbx_struct_conn_angle.ptnr2_label_asym_id 
_pdbx_struct_conn_angle.ptnr2_label_comp_id 
_pdbx_struct_conn_angle.ptnr2_label_seq_id 
_pdbx_struct_conn_angle.ptnr2_auth_atom_id 
_pdbx_struct_conn_angle.ptnr2_auth_asym_id 
_pdbx_struct_conn_angle.ptnr2_auth_comp_id 
_pdbx_struct_conn_angle.ptnr2_auth_seq_id 
_pdbx_struct_conn_angle.ptnr2_PDB_ins_code 
_pdbx_struct_conn_angle.ptnr2_symmetry 
_pdbx_struct_conn_angle.ptnr3_label_atom_id 
_pdbx_struct_conn_angle.ptnr3_label_alt_id 
_pdbx_struct_conn_angle.ptnr3_label_asym_id 
_pdbx_struct_conn_angle.ptnr3_label_comp_id 
_pdbx_struct_conn_angle.ptnr3_label_seq_id 
_pdbx_struct_conn_angle.ptnr3_auth_atom_id 
_pdbx_struct_conn_angle.ptnr3_auth_asym_id 
_pdbx_struct_conn_angle.ptnr3_auth_comp_id 
_pdbx_struct_conn_angle.ptnr3_auth_seq_id 
_pdbx_struct_conn_angle.ptnr3_PDB_ins_code 
_pdbx_struct_conn_angle.ptnr3_symmetry 
_pdbx_struct_conn_angle.value 
_pdbx_struct_conn_angle.value_esd 
1  O7 ? N CIT . ? G CIT 202 ? 1_555 FE ? M FE . ? G FE 201 ? 1_555 O4 ? N CIT . ? G CIT 202 ? 1_555 87.3  ? 
2  O7 ? N CIT . ? G CIT 202 ? 1_555 FE ? M FE . ? G FE 201 ? 1_555 O7 ? O CIT . ? G CIT 203 ? 1_555 91.9  ? 
3  O4 ? N CIT . ? G CIT 202 ? 1_555 FE ? M FE . ? G FE 201 ? 1_555 O7 ? O CIT . ? G CIT 203 ? 1_555 160.8 ? 
4  O7 ? N CIT . ? G CIT 202 ? 1_555 FE ? M FE . ? G FE 201 ? 1_555 O4 ? O CIT . ? G CIT 203 ? 1_555 173.5 ? 
5  O4 ? N CIT . ? G CIT 202 ? 1_555 FE ? M FE . ? G FE 201 ? 1_555 O4 ? O CIT . ? G CIT 203 ? 1_555 96.3  ? 
6  O7 ? O CIT . ? G CIT 203 ? 1_555 FE ? M FE . ? G FE 201 ? 1_555 O4 ? O CIT . ? G CIT 203 ? 1_555 82.9  ? 
7  O7 ? N CIT . ? G CIT 202 ? 1_555 FE ? M FE . ? G FE 201 ? 1_555 O6 ? O CIT . ? G CIT 203 ? 1_555 94.3  ? 
8  O4 ? N CIT . ? G CIT 202 ? 1_555 FE ? M FE . ? G FE 201 ? 1_555 O6 ? O CIT . ? G CIT 203 ? 1_555 82.2  ? 
9  O7 ? O CIT . ? G CIT 203 ? 1_555 FE ? M FE . ? G FE 201 ? 1_555 O6 ? O CIT . ? G CIT 203 ? 1_555 78.7  ? 
10 O4 ? O CIT . ? G CIT 203 ? 1_555 FE ? M FE . ? G FE 201 ? 1_555 O6 ? O CIT . ? G CIT 203 ? 1_555 80.8  ? 
11 O7 ? N CIT . ? G CIT 202 ? 1_555 FE ? M FE . ? G FE 201 ? 1_555 O6 ? R CIT . ? I CIT 203 ? 1_555 100.1 ? 
12 O4 ? N CIT . ? G CIT 202 ? 1_555 FE ? M FE . ? G FE 201 ? 1_555 O6 ? R CIT . ? I CIT 203 ? 1_555 85.2  ? 
13 O7 ? O CIT . ? G CIT 203 ? 1_555 FE ? M FE . ? G FE 201 ? 1_555 O6 ? R CIT . ? I CIT 203 ? 1_555 113.8 ? 
14 O4 ? O CIT . ? G CIT 203 ? 1_555 FE ? M FE . ? G FE 201 ? 1_555 O6 ? R CIT . ? I CIT 203 ? 1_555 85.6  ? 
15 O6 ? O CIT . ? G CIT 203 ? 1_555 FE ? M FE . ? G FE 201 ? 1_555 O6 ? R CIT . ? I CIT 203 ? 1_555 160.3 ? 
16 O7 ? N CIT . ? G CIT 202 ? 1_555 FE ? Q FE . ? I FE 202 ? 1_555 O6 ? N CIT . ? G CIT 202 ? 1_555 80.5  ? 
17 O7 ? N CIT . ? G CIT 202 ? 1_555 FE ? Q FE . ? I FE 202 ? 1_555 O7 ? R CIT . ? I CIT 203 ? 1_555 94.2  ? 
18 O6 ? N CIT . ? G CIT 202 ? 1_555 FE ? Q FE . ? I FE 202 ? 1_555 O7 ? R CIT . ? I CIT 203 ? 1_555 173.4 ? 
19 O7 ? N CIT . ? G CIT 202 ? 1_555 FE ? Q FE . ? I FE 202 ? 1_555 O3 ? R CIT . ? I CIT 203 ? 1_555 95.2  ? 
20 O6 ? N CIT . ? G CIT 202 ? 1_555 FE ? Q FE . ? I FE 202 ? 1_555 O3 ? R CIT . ? I CIT 203 ? 1_555 84.4  ? 
21 O7 ? R CIT . ? I CIT 203 ? 1_555 FE ? Q FE . ? I FE 202 ? 1_555 O3 ? R CIT . ? I CIT 203 ? 1_555 92.2  ? 
22 O7 ? N CIT . ? G CIT 202 ? 1_555 FE ? Q FE . ? I FE 202 ? 1_555 O6 ? S CIT . ? I CIT 204 ? 1_555 165.0 ? 
23 O6 ? N CIT . ? G CIT 202 ? 1_555 FE ? Q FE . ? I FE 202 ? 1_555 O6 ? S CIT . ? I CIT 204 ? 1_555 86.7  ? 
24 O7 ? R CIT . ? I CIT 203 ? 1_555 FE ? Q FE . ? I FE 202 ? 1_555 O6 ? S CIT . ? I CIT 204 ? 1_555 99.1  ? 
25 O3 ? R CIT . ? I CIT 203 ? 1_555 FE ? Q FE . ? I FE 202 ? 1_555 O6 ? S CIT . ? I CIT 204 ? 1_555 91.3  ? 
26 O7 ? N CIT . ? G CIT 202 ? 1_555 FE ? Q FE . ? I FE 202 ? 1_555 O7 ? S CIT . ? I CIT 204 ? 1_555 95.7  ? 
27 O6 ? N CIT . ? G CIT 202 ? 1_555 FE ? Q FE . ? I FE 202 ? 1_555 O7 ? S CIT . ? I CIT 204 ? 1_555 106.7 ? 
28 O7 ? R CIT . ? I CIT 203 ? 1_555 FE ? Q FE . ? I FE 202 ? 1_555 O7 ? S CIT . ? I CIT 204 ? 1_555 77.6  ? 
29 O3 ? R CIT . ? I CIT 203 ? 1_555 FE ? Q FE . ? I FE 202 ? 1_555 O7 ? S CIT . ? I CIT 204 ? 1_555 165.5 ? 
30 O6 ? S CIT . ? I CIT 204 ? 1_555 FE ? Q FE . ? I FE 202 ? 1_555 O7 ? S CIT . ? I CIT 204 ? 1_555 80.4  ? 
31 O1 ? O CIT . ? G CIT 203 ? 1_555 FE ? P FE . ? I FE 201 ? 1_555 O7 ? O CIT . ? G CIT 203 ? 1_555 83.3  ? 
32 O1 ? O CIT . ? G CIT 203 ? 1_555 FE ? P FE . ? I FE 201 ? 1_555 O2 ? R CIT . ? I CIT 203 ? 1_555 91.1  ? 
33 O7 ? O CIT . ? G CIT 203 ? 1_555 FE ? P FE . ? I FE 201 ? 1_555 O2 ? R CIT . ? I CIT 203 ? 1_555 94.7  ? 
34 O1 ? O CIT . ? G CIT 203 ? 1_555 FE ? P FE . ? I FE 201 ? 1_555 O7 ? R CIT . ? I CIT 203 ? 1_555 174.7 ? 
35 O7 ? O CIT . ? G CIT 203 ? 1_555 FE ? P FE . ? I FE 201 ? 1_555 O7 ? R CIT . ? I CIT 203 ? 1_555 92.2  ? 
36 O2 ? R CIT . ? I CIT 203 ? 1_555 FE ? P FE . ? I FE 201 ? 1_555 O7 ? R CIT . ? I CIT 203 ? 1_555 92.1  ? 
37 O1 ? O CIT . ? G CIT 203 ? 1_555 FE ? P FE . ? I FE 201 ? 1_555 O7 ? S CIT . ? I CIT 204 ? 1_555 102.1 ? 
38 O7 ? O CIT . ? G CIT 203 ? 1_555 FE ? P FE . ? I FE 201 ? 1_555 O7 ? S CIT . ? I CIT 204 ? 1_555 92.0  ? 
39 O2 ? R CIT . ? I CIT 203 ? 1_555 FE ? P FE . ? I FE 201 ? 1_555 O7 ? S CIT . ? I CIT 204 ? 1_555 165.8 ? 
40 O7 ? R CIT . ? I CIT 203 ? 1_555 FE ? P FE . ? I FE 201 ? 1_555 O7 ? S CIT . ? I CIT 204 ? 1_555 75.1  ? 
41 O1 ? O CIT . ? G CIT 203 ? 1_555 FE ? P FE . ? I FE 201 ? 1_555 O2 ? S CIT . ? I CIT 204 ? 1_555 89.9  ? 
42 O7 ? O CIT . ? G CIT 203 ? 1_555 FE ? P FE . ? I FE 201 ? 1_555 O2 ? S CIT . ? I CIT 204 ? 1_555 172.9 ? 
43 O2 ? R CIT . ? I CIT 203 ? 1_555 FE ? P FE . ? I FE 201 ? 1_555 O2 ? S CIT . ? I CIT 204 ? 1_555 87.5  ? 
44 O7 ? R CIT . ? I CIT 203 ? 1_555 FE ? P FE . ? I FE 201 ? 1_555 O2 ? S CIT . ? I CIT 204 ? 1_555 94.4  ? 
45 O7 ? S CIT . ? I CIT 204 ? 1_555 FE ? P FE . ? I FE 201 ? 1_555 O2 ? S CIT . ? I CIT 204 ? 1_555 87.5  ? 
# 
loop_
_pdbx_modification_feature.ordinal 
_pdbx_modification_feature.label_comp_id 
_pdbx_modification_feature.label_asym_id 
_pdbx_modification_feature.label_seq_id 
_pdbx_modification_feature.label_alt_id 
_pdbx_modification_feature.modified_residue_label_comp_id 
_pdbx_modification_feature.modified_residue_label_asym_id 
_pdbx_modification_feature.modified_residue_label_seq_id 
_pdbx_modification_feature.modified_residue_label_alt_id 
_pdbx_modification_feature.auth_comp_id 
_pdbx_modification_feature.auth_asym_id 
_pdbx_modification_feature.auth_seq_id 
_pdbx_modification_feature.PDB_ins_code 
_pdbx_modification_feature.symmetry 
_pdbx_modification_feature.modified_residue_auth_comp_id 
_pdbx_modification_feature.modified_residue_auth_asym_id 
_pdbx_modification_feature.modified_residue_auth_seq_id 
_pdbx_modification_feature.modified_residue_PDB_ins_code 
_pdbx_modification_feature.modified_residue_symmetry 
_pdbx_modification_feature.comp_id_linking_atom 
_pdbx_modification_feature.modified_residue_id_linking_atom 
_pdbx_modification_feature.modified_residue_id 
_pdbx_modification_feature.ref_pcm_id 
_pdbx_modification_feature.ref_comp_id 
_pdbx_modification_feature.type 
_pdbx_modification_feature.category 
1 CYS A 3 ? CYS B 4 ? CYS A 179 ? 1_555 CYS B 214 ? 1_555 SG SG . . . None 'Disulfide bridge' 
2 CYS C 3 ? CYS D 4 ? CYS C 179 ? 1_555 CYS D 214 ? 1_555 SG SG . . . None 'Disulfide bridge' 
3 CYS E 3 ? CYS F 4 ? CYS E 179 ? 1_555 CYS F 214 ? 1_555 SG SG . . . None 'Disulfide bridge' 
4 CYS G 3 ? CYS H 4 ? CYS G 179 ? 1_555 CYS H 214 ? 1_555 SG SG . . . None 'Disulfide bridge' 
5 CYS I 3 ? CYS J 4 ? CYS I 179 ? 1_555 CYS J 214 ? 1_555 SG SG . . . None 'Disulfide bridge' 
6 CYS K 3 ? CYS L 4 ? CYS K 179 ? 1_555 CYS L 214 ? 1_555 SG SG . . . None 'Disulfide bridge' 
# 
loop_
_struct_sheet.id 
_struct_sheet.type 
_struct_sheet.number_strands 
_struct_sheet.details 
A ? 4 ? 
B ? 4 ? 
C ? 4 ? 
# 
loop_
_struct_sheet_order.sheet_id 
_struct_sheet_order.range_id_1 
_struct_sheet_order.range_id_2 
_struct_sheet_order.offset 
_struct_sheet_order.sense 
A 1 2 ? anti-parallel 
A 2 3 ? anti-parallel 
A 3 4 ? anti-parallel 
B 1 2 ? anti-parallel 
B 2 3 ? anti-parallel 
B 3 4 ? anti-parallel 
C 1 2 ? anti-parallel 
C 2 3 ? anti-parallel 
C 3 4 ? anti-parallel 
# 
loop_
_struct_sheet_range.sheet_id 
_struct_sheet_range.id 
_struct_sheet_range.beg_label_comp_id 
_struct_sheet_range.beg_label_asym_id 
_struct_sheet_range.beg_label_seq_id 
_struct_sheet_range.pdbx_beg_PDB_ins_code 
_struct_sheet_range.end_label_comp_id 
_struct_sheet_range.end_label_asym_id 
_struct_sheet_range.end_label_seq_id 
_struct_sheet_range.pdbx_end_PDB_ins_code 
_struct_sheet_range.beg_auth_comp_id 
_struct_sheet_range.beg_auth_asym_id 
_struct_sheet_range.beg_auth_seq_id 
_struct_sheet_range.end_auth_comp_id 
_struct_sheet_range.end_auth_asym_id 
_struct_sheet_range.end_auth_seq_id 
A 1 ASP A 2 ? ASN A 5 ? ASP A 178 ASN A 181 
A 2 GLN B 2 ? ILE B 5 ? GLN B 212 ILE B 215 
A 3 GLN D 2 ? ILE D 5 ? GLN D 212 ILE D 215 
A 4 ASP C 2 ? ASN C 5 ? ASP C 178 ASN C 181 
B 1 CYS E 3 ? ASN E 5 ? CYS E 179 ASN E 181 
B 2 GLN F 2 ? THR F 6 ? GLN F 212 THR F 216 
B 3 GLN H 2 ? THR H 6 ? GLN H 212 THR H 216 
B 4 CYS G 3 ? ASN G 5 ? CYS G 179 ASN G 181 
C 1 ASP I 2 ? ASN I 5 ? ASP I 178 ASN I 181 
C 2 GLN J 2 ? THR J 6 ? GLN J 212 THR J 216 
C 3 GLN L 2 ? ILE L 5 ? GLN L 212 ILE L 215 
C 4 CYS K 3 ? ASN K 5 ? CYS K 179 ASN K 181 
# 
loop_
_pdbx_struct_sheet_hbond.sheet_id 
_pdbx_struct_sheet_hbond.range_id_1 
_pdbx_struct_sheet_hbond.range_id_2 
_pdbx_struct_sheet_hbond.range_1_label_atom_id 
_pdbx_struct_sheet_hbond.range_1_label_comp_id 
_pdbx_struct_sheet_hbond.range_1_label_asym_id 
_pdbx_struct_sheet_hbond.range_1_label_seq_id 
_pdbx_struct_sheet_hbond.range_1_PDB_ins_code 
_pdbx_struct_sheet_hbond.range_1_auth_atom_id 
_pdbx_struct_sheet_hbond.range_1_auth_comp_id 
_pdbx_struct_sheet_hbond.range_1_auth_asym_id 
_pdbx_struct_sheet_hbond.range_1_auth_seq_id 
_pdbx_struct_sheet_hbond.range_2_label_atom_id 
_pdbx_struct_sheet_hbond.range_2_label_comp_id 
_pdbx_struct_sheet_hbond.range_2_label_asym_id 
_pdbx_struct_sheet_hbond.range_2_label_seq_id 
_pdbx_struct_sheet_hbond.range_2_PDB_ins_code 
_pdbx_struct_sheet_hbond.range_2_auth_atom_id 
_pdbx_struct_sheet_hbond.range_2_auth_comp_id 
_pdbx_struct_sheet_hbond.range_2_auth_asym_id 
_pdbx_struct_sheet_hbond.range_2_auth_seq_id 
A 1 2 N VAL A 4 ? N VAL A 180 O MET B 3 ? O MET B 213 
A 2 3 N CYS B 4 ? N CYS B 214 O CYS D 4 ? O CYS D 214 
A 3 4 O ILE D 5 ? O ILE D 215 N ASP C 2 ? N ASP C 178 
B 1 2 N VAL E 4 ? N VAL E 180 O MET F 3 ? O MET F 213 
B 2 3 N CYS F 4 ? N CYS F 214 O CYS H 4 ? O CYS H 214 
B 3 4 O MET H 3 ? O MET H 213 N VAL G 4 ? N VAL G 180 
C 1 2 N ASP I 2 ? N ASP I 178 O ILE J 5 ? O ILE J 215 
C 2 3 N CYS J 4 ? N CYS J 214 O CYS L 4 ? O CYS L 214 
C 3 4 O MET L 3 ? O MET L 213 N VAL K 4 ? N VAL K 180 
# 
loop_
_struct_site.id 
_struct_site.pdbx_evidence_code 
_struct_site.pdbx_auth_asym_id 
_struct_site.pdbx_auth_comp_id 
_struct_site.pdbx_auth_seq_id 
_struct_site.pdbx_auth_ins_code 
_struct_site.pdbx_num_residues 
_struct_site.details 
AC1 Software G FE  201 ? 5  'BINDING SITE FOR RESIDUE FE G 201'  
AC2 Software G CIT 202 ? 14 'BINDING SITE FOR RESIDUE CIT G 202' 
AC3 Software G CIT 203 ? 14 'BINDING SITE FOR RESIDUE CIT G 203' 
AC4 Software I FE  201 ? 6  'BINDING SITE FOR RESIDUE FE I 201'  
AC5 Software I FE  202 ? 6  'BINDING SITE FOR RESIDUE FE I 202'  
AC6 Software I CIT 203 ? 13 'BINDING SITE FOR RESIDUE CIT I 203' 
AC7 Software I CIT 204 ? 10 'BINDING SITE FOR RESIDUE CIT I 204' 
# 
loop_
_struct_site_gen.id 
_struct_site_gen.site_id 
_struct_site_gen.pdbx_num_res 
_struct_site_gen.label_comp_id 
_struct_site_gen.label_asym_id 
_struct_site_gen.label_seq_id 
_struct_site_gen.pdbx_auth_ins_code 
_struct_site_gen.auth_comp_id 
_struct_site_gen.auth_asym_id 
_struct_site_gen.auth_seq_id 
_struct_site_gen.label_atom_id 
_struct_site_gen.label_alt_id 
_struct_site_gen.symmetry 
_struct_site_gen.details 
1  AC1 5  CIT N  . ? CIT G 202 . ? 1_555 ? 
2  AC1 5  CIT O  . ? CIT G 203 . ? 1_555 ? 
3  AC1 5  FE  P  . ? FE  I 201 . ? 1_555 ? 
4  AC1 5  FE  Q  . ? FE  I 202 . ? 1_555 ? 
5  AC1 5  CIT R  . ? CIT I 203 . ? 1_555 ? 
6  AC2 14 HOH V  . ? HOH C 203 . ? 4_566 ? 
7  AC2 14 HOH V  . ? HOH C 204 . ? 4_566 ? 
8  AC2 14 HIS G  1 ? HIS G 177 . ? 1_555 ? 
9  AC2 14 FE  M  . ? FE  G 201 . ? 1_555 ? 
10 AC2 14 CIT O  . ? CIT G 203 . ? 1_555 ? 
11 AC2 14 GLU H  1 ? GLU H 211 . ? 4_566 ? 
12 AC2 14 CYS I  3 ? CYS I 179 . ? 1_555 ? 
13 AC2 14 VAL I  4 ? VAL I 180 . ? 1_555 ? 
14 AC2 14 ASN I  5 ? ASN I 181 . ? 1_555 ? 
15 AC2 14 FE  P  . ? FE  I 201 . ? 1_555 ? 
16 AC2 14 FE  Q  . ? FE  I 202 . ? 1_555 ? 
17 AC2 14 CIT R  . ? CIT I 203 . ? 1_555 ? 
18 AC2 14 CIT S  . ? CIT I 204 . ? 1_555 ? 
19 AC2 14 GLN J  2 ? GLN J 212 . ? 1_555 ? 
20 AC3 14 ASP A  2 ? ASP A 178 . ? 1_655 ? 
21 AC3 14 HIS E  1 ? HIS E 177 . ? 2_664 ? 
22 AC3 14 HIS G  1 ? HIS G 177 . ? 1_555 ? 
23 AC3 14 FE  M  . ? FE  G 201 . ? 1_555 ? 
24 AC3 14 CIT N  . ? CIT G 202 . ? 1_555 ? 
25 AC3 14 HOH Z  . ? HOH G 302 . ? 1_555 ? 
26 AC3 14 HOH Z  . ? HOH G 305 . ? 1_555 ? 
27 AC3 14 HOH Z  . ? HOH G 306 . ? 4_566 ? 
28 AC3 14 GLU H  1 ? GLU H 211 . ? 4_566 ? 
29 AC3 14 FE  P  . ? FE  I 201 . ? 1_555 ? 
30 AC3 14 FE  Q  . ? FE  I 202 . ? 1_555 ? 
31 AC3 14 CIT R  . ? CIT I 203 . ? 1_555 ? 
32 AC3 14 CIT S  . ? CIT I 204 . ? 1_555 ? 
33 AC3 14 HOH DA . ? HOH K 202 . ? 1_655 ? 
34 AC4 6  FE  M  . ? FE  G 201 . ? 1_555 ? 
35 AC4 6  CIT N  . ? CIT G 202 . ? 1_555 ? 
36 AC4 6  CIT O  . ? CIT G 203 . ? 1_555 ? 
37 AC4 6  FE  Q  . ? FE  I 202 . ? 1_555 ? 
38 AC4 6  CIT R  . ? CIT I 203 . ? 1_555 ? 
39 AC4 6  CIT S  . ? CIT I 204 . ? 1_555 ? 
40 AC5 6  FE  M  . ? FE  G 201 . ? 1_555 ? 
41 AC5 6  CIT N  . ? CIT G 202 . ? 1_555 ? 
42 AC5 6  CIT O  . ? CIT G 203 . ? 1_555 ? 
43 AC5 6  FE  P  . ? FE  I 201 . ? 1_555 ? 
44 AC5 6  CIT R  . ? CIT I 203 . ? 1_555 ? 
45 AC5 6  CIT S  . ? CIT I 204 . ? 1_555 ? 
46 AC6 13 GLU B  1 ? GLU B 211 . ? 3_655 ? 
47 AC6 13 GLN B  2 ? GLN B 212 . ? 3_655 ? 
48 AC6 13 HIS E  1 ? HIS E 177 . ? 2_664 ? 
49 AC6 13 FE  M  . ? FE  G 201 . ? 1_555 ? 
50 AC6 13 CIT N  . ? CIT G 202 . ? 1_555 ? 
51 AC6 13 CIT O  . ? CIT G 203 . ? 1_555 ? 
52 AC6 13 HOH Z  . ? HOH G 307 . ? 1_555 ? 
53 AC6 13 GLU H  1 ? GLU H 211 . ? 4_566 ? 
54 AC6 13 FE  P  . ? FE  I 201 . ? 1_555 ? 
55 AC6 13 FE  Q  . ? FE  I 202 . ? 1_555 ? 
56 AC6 13 CIT S  . ? CIT I 204 . ? 1_555 ? 
57 AC6 13 HOH BA . ? HOH I 302 . ? 1_555 ? 
58 AC6 13 ASN K  5 ? ASN K 181 . ? 1_655 ? 
59 AC7 10 THR D  6 ? THR D 216 . ? 3_655 ? 
60 AC7 10 HOH W  . ? HOH D 301 . ? 3_655 ? 
61 AC7 10 HIS E  1 ? HIS E 177 . ? 2_664 ? 
62 AC7 10 CIT N  . ? CIT G 202 . ? 1_555 ? 
63 AC7 10 CIT O  . ? CIT G 203 . ? 1_555 ? 
64 AC7 10 ASN I  5 ? ASN I 181 . ? 1_555 ? 
65 AC7 10 FE  P  . ? FE  I 201 . ? 1_555 ? 
66 AC7 10 FE  Q  . ? FE  I 202 . ? 1_555 ? 
67 AC7 10 CIT R  . ? CIT I 203 . ? 1_555 ? 
68 AC7 10 GLN J  2 ? GLN J 212 . ? 1_555 ? 
# 
_pdbx_entry_details.entry_id                   4E1H 
_pdbx_entry_details.compound_details           ? 
_pdbx_entry_details.source_details             ? 
_pdbx_entry_details.nonpolymer_details         ? 
_pdbx_entry_details.sequence_details           ? 
_pdbx_entry_details.has_ligand_of_interest     ? 
_pdbx_entry_details.has_protein_modification   Y 
# 
_diffrn_reflns.diffrn_id                   1 
_diffrn_reflns.pdbx_d_res_high             1.960 
_diffrn_reflns.pdbx_d_res_low              30.000 
_diffrn_reflns.pdbx_number_obs             8953 
_diffrn_reflns.pdbx_Rmerge_I_obs           0.083 
_diffrn_reflns.pdbx_Rsym_value             ? 
_diffrn_reflns.pdbx_chi_squared            1.78 
_diffrn_reflns.av_sigmaI_over_netI         29.15 
_diffrn_reflns.pdbx_redundancy             14.50 
_diffrn_reflns.pdbx_percent_possible_obs   99.70 
_diffrn_reflns.number                      129810 
_diffrn_reflns.pdbx_observed_criterion     ? 
_diffrn_reflns.limit_h_max                 ? 
_diffrn_reflns.limit_h_min                 ? 
_diffrn_reflns.limit_k_max                 ? 
_diffrn_reflns.limit_k_min                 ? 
_diffrn_reflns.limit_l_max                 ? 
_diffrn_reflns.limit_l_min                 ? 
# 
loop_
_pdbx_diffrn_reflns_shell.diffrn_id 
_pdbx_diffrn_reflns_shell.d_res_high 
_pdbx_diffrn_reflns_shell.d_res_low 
_pdbx_diffrn_reflns_shell.number_obs 
_pdbx_diffrn_reflns_shell.rejects 
_pdbx_diffrn_reflns_shell.Rmerge_I_obs 
_pdbx_diffrn_reflns_shell.Rsym_value 
_pdbx_diffrn_reflns_shell.chi_squared 
_pdbx_diffrn_reflns_shell.redundancy 
_pdbx_diffrn_reflns_shell.percent_possible_obs 
1 4.22 30.00 ? ? 0.049 ? 2.798 15.00 99.70  
1 3.35 4.22  ? ? 0.068 ? 2.525 14.60 100.00 
1 2.93 3.35  ? ? 0.091 ? 2.341 14.80 100.00 
1 2.66 2.93  ? ? 0.096 ? 2.019 14.70 100.00 
1 2.47 2.66  ? ? 0.116 ? 1.768 14.60 100.00 
1 2.32 2.47  ? ? 0.144 ? 1.564 14.50 100.00 
1 2.21 2.32  ? ? 0.196 ? 1.408 14.40 100.00 
1 2.11 2.21  ? ? 0.238 ? 1.237 14.40 100.00 
1 2.03 2.11  ? ? 0.333 ? 1.007 14.20 100.00 
1 1.96 2.03  ? ? 0.421 ? 0.968 13.70 97.40  
# 
loop_
_pdbx_refine_tls.pdbx_refine_id 
_pdbx_refine_tls.id 
_pdbx_refine_tls.details 
_pdbx_refine_tls.method 
_pdbx_refine_tls.origin_x 
_pdbx_refine_tls.origin_y 
_pdbx_refine_tls.origin_z 
_pdbx_refine_tls.T[1][1] 
_pdbx_refine_tls.T[2][2] 
_pdbx_refine_tls.T[3][3] 
_pdbx_refine_tls.T[1][2] 
_pdbx_refine_tls.T[1][3] 
_pdbx_refine_tls.T[2][3] 
_pdbx_refine_tls.L[1][1] 
_pdbx_refine_tls.L[2][2] 
_pdbx_refine_tls.L[3][3] 
_pdbx_refine_tls.L[1][2] 
_pdbx_refine_tls.L[1][3] 
_pdbx_refine_tls.L[2][3] 
_pdbx_refine_tls.S[1][1] 
_pdbx_refine_tls.S[1][2] 
_pdbx_refine_tls.S[1][3] 
_pdbx_refine_tls.S[2][1] 
_pdbx_refine_tls.S[2][2] 
_pdbx_refine_tls.S[2][3] 
_pdbx_refine_tls.S[3][1] 
_pdbx_refine_tls.S[3][2] 
_pdbx_refine_tls.S[3][3] 
'X-RAY DIFFRACTION' 1 ? refined 3.9625  1.5271  -8.0027 0.0163 0.0055 0.0109 0.0000  0.0059 0.0012 1.0232 0.8700 1.0054 -0.2203 0.4073 -0.7324 -0.0199 0.0123  -0.0102 0.0167  -0.0120 -0.0298 -0.0608 0.0387  0.0319  
'X-RAY DIFFRACTION' 2 ? refined 7.8566  5.3578  -0.9328 0.0112 0.0052 0.0182 -0.0014 0.0095 0.0021 0.7315 1.8936 3.0139 -1.0675 1.0921 -1.5219 0.0105  0.0191  -0.0082 -0.0692 -0.0121 -0.0481 -0.0487 0.0527  0.0016  
'X-RAY DIFFRACTION' 3 ? refined -3.3027 -0.5922 8.3246  0.0089 0.0092 0.0160 0.0022  0.0053 0.0040 1.0838 0.4271 0.2493 0.1162  0.0470 -0.2737 -0.0166 0.0044  0.0130  0.0114  0.0277  0.0310  -0.0061 -0.0107 -0.0113 
'X-RAY DIFFRACTION' 4 ? refined -7.3181 -4.6592 0.4942  0.0106 0.0084 0.0136 0.0017  0.0066 0.0019 0.5491 1.9838 0.5770 -0.7598 0.3314 -0.7643 0.0146  0.0080  -0.0030 -0.0370 -0.0136 0.0144  -0.0004 -0.0046 -0.0011 
'X-RAY DIFFRACTION' 5 ? refined 0.0304  -7.1373 -4.0142 0.0163 0.0099 0.0181 0.0039  0.0084 0.0051 0.2296 0.3598 0.4436 -0.2949 0.1612 -0.1564 -0.0199 -0.0152 -0.0061 0.0104  0.0138  0.0021  0.0010  -0.0093 0.0061 
# 
loop_
_pdbx_refine_tls_group.pdbx_refine_id 
_pdbx_refine_tls_group.id 
_pdbx_refine_tls_group.refine_tls_id 
_pdbx_refine_tls_group.beg_auth_asym_id 
_pdbx_refine_tls_group.beg_auth_seq_id 
_pdbx_refine_tls_group.beg_label_asym_id 
_pdbx_refine_tls_group.beg_label_seq_id 
_pdbx_refine_tls_group.end_auth_asym_id 
_pdbx_refine_tls_group.end_auth_seq_id 
_pdbx_refine_tls_group.end_label_asym_id 
_pdbx_refine_tls_group.end_label_seq_id 
_pdbx_refine_tls_group.selection 
_pdbx_refine_tls_group.selection_details 
'X-RAY DIFFRACTION' 1 1 A 177 ? ? A 182 ? ? ? ? 
'X-RAY DIFFRACTION' 2 2 C 177 ? ? C 182 ? ? ? ? 
'X-RAY DIFFRACTION' 3 3 E 177 ? ? E 182 ? ? ? ? 
'X-RAY DIFFRACTION' 4 4 I 177 ? ? I 182 ? ? ? ? 
'X-RAY DIFFRACTION' 5 5 K 177 ? ? K 182 ? ? ? ? 
# 
_phasing.method   SAD 
# 
loop_
_chem_comp_atom.comp_id 
_chem_comp_atom.atom_id 
_chem_comp_atom.type_symbol 
_chem_comp_atom.pdbx_aromatic_flag 
_chem_comp_atom.pdbx_stereo_config 
_chem_comp_atom.pdbx_ordinal 
ASN N    N  N N 1   
ASN CA   C  N S 2   
ASN C    C  N N 3   
ASN O    O  N N 4   
ASN CB   C  N N 5   
ASN CG   C  N N 6   
ASN OD1  O  N N 7   
ASN ND2  N  N N 8   
ASN OXT  O  N N 9   
ASN H    H  N N 10  
ASN H2   H  N N 11  
ASN HA   H  N N 12  
ASN HB2  H  N N 13  
ASN HB3  H  N N 14  
ASN HD21 H  N N 15  
ASN HD22 H  N N 16  
ASN HXT  H  N N 17  
ASP N    N  N N 18  
ASP CA   C  N S 19  
ASP C    C  N N 20  
ASP O    O  N N 21  
ASP CB   C  N N 22  
ASP CG   C  N N 23  
ASP OD1  O  N N 24  
ASP OD2  O  N N 25  
ASP OXT  O  N N 26  
ASP H    H  N N 27  
ASP H2   H  N N 28  
ASP HA   H  N N 29  
ASP HB2  H  N N 30  
ASP HB3  H  N N 31  
ASP HD2  H  N N 32  
ASP HXT  H  N N 33  
CIT C1   C  N N 34  
CIT O1   O  N N 35  
CIT O2   O  N N 36  
CIT C2   C  N N 37  
CIT C3   C  N N 38  
CIT O7   O  N N 39  
CIT C4   C  N N 40  
CIT C5   C  N N 41  
CIT O3   O  N N 42  
CIT O4   O  N N 43  
CIT C6   C  N N 44  
CIT O5   O  N N 45  
CIT O6   O  N N 46  
CIT HO2  H  N N 47  
CIT H21  H  N N 48  
CIT H22  H  N N 49  
CIT HO7  H  N N 50  
CIT H41  H  N N 51  
CIT H42  H  N N 52  
CIT HO4  H  N N 53  
CIT HO6  H  N N 54  
CYS N    N  N N 55  
CYS CA   C  N R 56  
CYS C    C  N N 57  
CYS O    O  N N 58  
CYS CB   C  N N 59  
CYS SG   S  N N 60  
CYS OXT  O  N N 61  
CYS H    H  N N 62  
CYS H2   H  N N 63  
CYS HA   H  N N 64  
CYS HB2  H  N N 65  
CYS HB3  H  N N 66  
CYS HG   H  N N 67  
CYS HXT  H  N N 68  
FE  FE   FE N N 69  
GLN N    N  N N 70  
GLN CA   C  N S 71  
GLN C    C  N N 72  
GLN O    O  N N 73  
GLN CB   C  N N 74  
GLN CG   C  N N 75  
GLN CD   C  N N 76  
GLN OE1  O  N N 77  
GLN NE2  N  N N 78  
GLN OXT  O  N N 79  
GLN H    H  N N 80  
GLN H2   H  N N 81  
GLN HA   H  N N 82  
GLN HB2  H  N N 83  
GLN HB3  H  N N 84  
GLN HG2  H  N N 85  
GLN HG3  H  N N 86  
GLN HE21 H  N N 87  
GLN HE22 H  N N 88  
GLN HXT  H  N N 89  
GLU N    N  N N 90  
GLU CA   C  N S 91  
GLU C    C  N N 92  
GLU O    O  N N 93  
GLU CB   C  N N 94  
GLU CG   C  N N 95  
GLU CD   C  N N 96  
GLU OE1  O  N N 97  
GLU OE2  O  N N 98  
GLU OXT  O  N N 99  
GLU H    H  N N 100 
GLU H2   H  N N 101 
GLU HA   H  N N 102 
GLU HB2  H  N N 103 
GLU HB3  H  N N 104 
GLU HG2  H  N N 105 
GLU HG3  H  N N 106 
GLU HE2  H  N N 107 
GLU HXT  H  N N 108 
HIS N    N  N N 109 
HIS CA   C  N S 110 
HIS C    C  N N 111 
HIS O    O  N N 112 
HIS CB   C  N N 113 
HIS CG   C  Y N 114 
HIS ND1  N  Y N 115 
HIS CD2  C  Y N 116 
HIS CE1  C  Y N 117 
HIS NE2  N  Y N 118 
HIS OXT  O  N N 119 
HIS H    H  N N 120 
HIS H2   H  N N 121 
HIS HA   H  N N 122 
HIS HB2  H  N N 123 
HIS HB3  H  N N 124 
HIS HD1  H  N N 125 
HIS HD2  H  N N 126 
HIS HE1  H  N N 127 
HIS HE2  H  N N 128 
HIS HXT  H  N N 129 
HOH O    O  N N 130 
HOH H1   H  N N 131 
HOH H2   H  N N 132 
ILE N    N  N N 133 
ILE CA   C  N S 134 
ILE C    C  N N 135 
ILE O    O  N N 136 
ILE CB   C  N S 137 
ILE CG1  C  N N 138 
ILE CG2  C  N N 139 
ILE CD1  C  N N 140 
ILE OXT  O  N N 141 
ILE H    H  N N 142 
ILE H2   H  N N 143 
ILE HA   H  N N 144 
ILE HB   H  N N 145 
ILE HG12 H  N N 146 
ILE HG13 H  N N 147 
ILE HG21 H  N N 148 
ILE HG22 H  N N 149 
ILE HG23 H  N N 150 
ILE HD11 H  N N 151 
ILE HD12 H  N N 152 
ILE HD13 H  N N 153 
ILE HXT  H  N N 154 
MET N    N  N N 155 
MET CA   C  N S 156 
MET C    C  N N 157 
MET O    O  N N 158 
MET CB   C  N N 159 
MET CG   C  N N 160 
MET SD   S  N N 161 
MET CE   C  N N 162 
MET OXT  O  N N 163 
MET H    H  N N 164 
MET H2   H  N N 165 
MET HA   H  N N 166 
MET HB2  H  N N 167 
MET HB3  H  N N 168 
MET HG2  H  N N 169 
MET HG3  H  N N 170 
MET HE1  H  N N 171 
MET HE2  H  N N 172 
MET HE3  H  N N 173 
MET HXT  H  N N 174 
THR N    N  N N 175 
THR CA   C  N S 176 
THR C    C  N N 177 
THR O    O  N N 178 
THR CB   C  N R 179 
THR OG1  O  N N 180 
THR CG2  C  N N 181 
THR OXT  O  N N 182 
THR H    H  N N 183 
THR H2   H  N N 184 
THR HA   H  N N 185 
THR HB   H  N N 186 
THR HG1  H  N N 187 
THR HG21 H  N N 188 
THR HG22 H  N N 189 
THR HG23 H  N N 190 
THR HXT  H  N N 191 
VAL N    N  N N 192 
VAL CA   C  N S 193 
VAL C    C  N N 194 
VAL O    O  N N 195 
VAL CB   C  N N 196 
VAL CG1  C  N N 197 
VAL CG2  C  N N 198 
VAL OXT  O  N N 199 
VAL H    H  N N 200 
VAL H2   H  N N 201 
VAL HA   H  N N 202 
VAL HB   H  N N 203 
VAL HG11 H  N N 204 
VAL HG12 H  N N 205 
VAL HG13 H  N N 206 
VAL HG21 H  N N 207 
VAL HG22 H  N N 208 
VAL HG23 H  N N 209 
VAL HXT  H  N N 210 
# 
loop_
_chem_comp_bond.comp_id 
_chem_comp_bond.atom_id_1 
_chem_comp_bond.atom_id_2 
_chem_comp_bond.value_order 
_chem_comp_bond.pdbx_aromatic_flag 
_chem_comp_bond.pdbx_stereo_config 
_chem_comp_bond.pdbx_ordinal 
ASN N   CA   sing N N 1   
ASN N   H    sing N N 2   
ASN N   H2   sing N N 3   
ASN CA  C    sing N N 4   
ASN CA  CB   sing N N 5   
ASN CA  HA   sing N N 6   
ASN C   O    doub N N 7   
ASN C   OXT  sing N N 8   
ASN CB  CG   sing N N 9   
ASN CB  HB2  sing N N 10  
ASN CB  HB3  sing N N 11  
ASN CG  OD1  doub N N 12  
ASN CG  ND2  sing N N 13  
ASN ND2 HD21 sing N N 14  
ASN ND2 HD22 sing N N 15  
ASN OXT HXT  sing N N 16  
ASP N   CA   sing N N 17  
ASP N   H    sing N N 18  
ASP N   H2   sing N N 19  
ASP CA  C    sing N N 20  
ASP CA  CB   sing N N 21  
ASP CA  HA   sing N N 22  
ASP C   O    doub N N 23  
ASP C   OXT  sing N N 24  
ASP CB  CG   sing N N 25  
ASP CB  HB2  sing N N 26  
ASP CB  HB3  sing N N 27  
ASP CG  OD1  doub N N 28  
ASP CG  OD2  sing N N 29  
ASP OD2 HD2  sing N N 30  
ASP OXT HXT  sing N N 31  
CIT C1  O1   doub N N 32  
CIT C1  O2   sing N N 33  
CIT C1  C2   sing N N 34  
CIT O2  HO2  sing N N 35  
CIT C2  C3   sing N N 36  
CIT C2  H21  sing N N 37  
CIT C2  H22  sing N N 38  
CIT C3  O7   sing N N 39  
CIT C3  C4   sing N N 40  
CIT C3  C6   sing N N 41  
CIT O7  HO7  sing N N 42  
CIT C4  C5   sing N N 43  
CIT C4  H41  sing N N 44  
CIT C4  H42  sing N N 45  
CIT C5  O3   doub N N 46  
CIT C5  O4   sing N N 47  
CIT O4  HO4  sing N N 48  
CIT C6  O5   doub N N 49  
CIT C6  O6   sing N N 50  
CIT O6  HO6  sing N N 51  
CYS N   CA   sing N N 52  
CYS N   H    sing N N 53  
CYS N   H2   sing N N 54  
CYS CA  C    sing N N 55  
CYS CA  CB   sing N N 56  
CYS CA  HA   sing N N 57  
CYS C   O    doub N N 58  
CYS C   OXT  sing N N 59  
CYS CB  SG   sing N N 60  
CYS CB  HB2  sing N N 61  
CYS CB  HB3  sing N N 62  
CYS SG  HG   sing N N 63  
CYS OXT HXT  sing N N 64  
GLN N   CA   sing N N 65  
GLN N   H    sing N N 66  
GLN N   H2   sing N N 67  
GLN CA  C    sing N N 68  
GLN CA  CB   sing N N 69  
GLN CA  HA   sing N N 70  
GLN C   O    doub N N 71  
GLN C   OXT  sing N N 72  
GLN CB  CG   sing N N 73  
GLN CB  HB2  sing N N 74  
GLN CB  HB3  sing N N 75  
GLN CG  CD   sing N N 76  
GLN CG  HG2  sing N N 77  
GLN CG  HG3  sing N N 78  
GLN CD  OE1  doub N N 79  
GLN CD  NE2  sing N N 80  
GLN NE2 HE21 sing N N 81  
GLN NE2 HE22 sing N N 82  
GLN OXT HXT  sing N N 83  
GLU N   CA   sing N N 84  
GLU N   H    sing N N 85  
GLU N   H2   sing N N 86  
GLU CA  C    sing N N 87  
GLU CA  CB   sing N N 88  
GLU CA  HA   sing N N 89  
GLU C   O    doub N N 90  
GLU C   OXT  sing N N 91  
GLU CB  CG   sing N N 92  
GLU CB  HB2  sing N N 93  
GLU CB  HB3  sing N N 94  
GLU CG  CD   sing N N 95  
GLU CG  HG2  sing N N 96  
GLU CG  HG3  sing N N 97  
GLU CD  OE1  doub N N 98  
GLU CD  OE2  sing N N 99  
GLU OE2 HE2  sing N N 100 
GLU OXT HXT  sing N N 101 
HIS N   CA   sing N N 102 
HIS N   H    sing N N 103 
HIS N   H2   sing N N 104 
HIS CA  C    sing N N 105 
HIS CA  CB   sing N N 106 
HIS CA  HA   sing N N 107 
HIS C   O    doub N N 108 
HIS C   OXT  sing N N 109 
HIS CB  CG   sing N N 110 
HIS CB  HB2  sing N N 111 
HIS CB  HB3  sing N N 112 
HIS CG  ND1  sing Y N 113 
HIS CG  CD2  doub Y N 114 
HIS ND1 CE1  doub Y N 115 
HIS ND1 HD1  sing N N 116 
HIS CD2 NE2  sing Y N 117 
HIS CD2 HD2  sing N N 118 
HIS CE1 NE2  sing Y N 119 
HIS CE1 HE1  sing N N 120 
HIS NE2 HE2  sing N N 121 
HIS OXT HXT  sing N N 122 
HOH O   H1   sing N N 123 
HOH O   H2   sing N N 124 
ILE N   CA   sing N N 125 
ILE N   H    sing N N 126 
ILE N   H2   sing N N 127 
ILE CA  C    sing N N 128 
ILE CA  CB   sing N N 129 
ILE CA  HA   sing N N 130 
ILE C   O    doub N N 131 
ILE C   OXT  sing N N 132 
ILE CB  CG1  sing N N 133 
ILE CB  CG2  sing N N 134 
ILE CB  HB   sing N N 135 
ILE CG1 CD1  sing N N 136 
ILE CG1 HG12 sing N N 137 
ILE CG1 HG13 sing N N 138 
ILE CG2 HG21 sing N N 139 
ILE CG2 HG22 sing N N 140 
ILE CG2 HG23 sing N N 141 
ILE CD1 HD11 sing N N 142 
ILE CD1 HD12 sing N N 143 
ILE CD1 HD13 sing N N 144 
ILE OXT HXT  sing N N 145 
MET N   CA   sing N N 146 
MET N   H    sing N N 147 
MET N   H2   sing N N 148 
MET CA  C    sing N N 149 
MET CA  CB   sing N N 150 
MET CA  HA   sing N N 151 
MET C   O    doub N N 152 
MET C   OXT  sing N N 153 
MET CB  CG   sing N N 154 
MET CB  HB2  sing N N 155 
MET CB  HB3  sing N N 156 
MET CG  SD   sing N N 157 
MET CG  HG2  sing N N 158 
MET CG  HG3  sing N N 159 
MET SD  CE   sing N N 160 
MET CE  HE1  sing N N 161 
MET CE  HE2  sing N N 162 
MET CE  HE3  sing N N 163 
MET OXT HXT  sing N N 164 
THR N   CA   sing N N 165 
THR N   H    sing N N 166 
THR N   H2   sing N N 167 
THR CA  C    sing N N 168 
THR CA  CB   sing N N 169 
THR CA  HA   sing N N 170 
THR C   O    doub N N 171 
THR C   OXT  sing N N 172 
THR CB  OG1  sing N N 173 
THR CB  CG2  sing N N 174 
THR CB  HB   sing N N 175 
THR OG1 HG1  sing N N 176 
THR CG2 HG21 sing N N 177 
THR CG2 HG22 sing N N 178 
THR CG2 HG23 sing N N 179 
THR OXT HXT  sing N N 180 
VAL N   CA   sing N N 181 
VAL N   H    sing N N 182 
VAL N   H2   sing N N 183 
VAL CA  C    sing N N 184 
VAL CA  CB   sing N N 185 
VAL CA  HA   sing N N 186 
VAL C   O    doub N N 187 
VAL C   OXT  sing N N 188 
VAL CB  CG1  sing N N 189 
VAL CB  CG2  sing N N 190 
VAL CB  HB   sing N N 191 
VAL CG1 HG11 sing N N 192 
VAL CG1 HG12 sing N N 193 
VAL CG1 HG13 sing N N 194 
VAL CG2 HG21 sing N N 195 
VAL CG2 HG22 sing N N 196 
VAL CG2 HG23 sing N N 197 
VAL OXT HXT  sing N N 198 
# 
_atom_sites.entry_id                    4E1H 
_atom_sites.fract_transf_matrix[1][1]   -0.02677058 
_atom_sites.fract_transf_matrix[1][2]   0.00552699 
_atom_sites.fract_transf_matrix[1][3]   0.01450027 
_atom_sites.fract_transf_matrix[2][1]   0.00003694 
_atom_sites.fract_transf_matrix[2][2]   -0.02175950 
_atom_sites.fract_transf_matrix[2][3]   0.00836214 
_atom_sites.fract_transf_matrix[3][1]   0.01081930 
_atom_sites.fract_transf_matrix[3][2]   0.00671151 
_atom_sites.fract_transf_matrix[3][3]   0.01741654 
_atom_sites.fract_transf_vector[1]      0.343050 
_atom_sites.fract_transf_vector[2]      0.557635 
_atom_sites.fract_transf_vector[3]      0.396618 
# 
loop_
_atom_type.symbol 
C  
FE 
N  
O  
S  
# 
loop_
_atom_site.group_PDB 
_atom_site.id 
_atom_site.type_symbol 
_atom_site.label_atom_id 
_atom_site.label_alt_id 
_atom_site.label_comp_id 
_atom_site.label_asym_id 
_atom_site.label_entity_id 
_atom_site.label_seq_id 
_atom_site.pdbx_PDB_ins_code 
_atom_site.Cartn_x 
_atom_site.Cartn_y 
_atom_site.Cartn_z 
_atom_site.occupancy 
_atom_site.B_iso_or_equiv 
_atom_site.pdbx_formal_charge 
_atom_site.auth_seq_id 
_atom_site.auth_comp_id 
_atom_site.auth_asym_id 
_atom_site.auth_atom_id 
_atom_site.pdbx_PDB_model_num 
ATOM   1   N  N   . HIS A  1 1 ? 10.230  -1.130  -13.291 1.00 38.53  ? 177 HIS A N   1 
ATOM   2   C  CA  . HIS A  1 1 ? 9.875   -0.710  -11.907 1.00 37.63  ? 177 HIS A CA  1 
ATOM   3   C  C   . HIS A  1 1 ? 8.793   -1.656  -11.398 1.00 33.68  ? 177 HIS A C   1 
ATOM   4   O  O   . HIS A  1 1 ? 8.083   -2.280  -12.222 1.00 35.47  ? 177 HIS A O   1 
ATOM   5   C  CB  . HIS A  1 1 ? 9.379   0.733   -11.922 1.00 39.44  ? 177 HIS A CB  1 
ATOM   6   C  CG  . HIS A  1 1 ? 10.351  1.691   -12.544 1.00 44.14  ? 177 HIS A CG  1 
ATOM   7   N  ND1 . HIS A  1 1 ? 10.759  1.590   -13.861 1.00 49.39  ? 177 HIS A ND1 1 
ATOM   8   C  CD2 . HIS A  1 1 ? 11.028  2.743   -12.022 1.00 49.53  ? 177 HIS A CD2 1 
ATOM   9   C  CE1 . HIS A  1 1 ? 11.636  2.543   -14.125 1.00 51.01  ? 177 HIS A CE1 1 
ATOM   10  N  NE2 . HIS A  1 1 ? 11.810  3.263   -13.029 1.00 50.19  ? 177 HIS A NE2 1 
ATOM   11  N  N   . ASP A  1 2 ? 8.688   -1.808  -10.075 1.00 27.49  ? 178 ASP A N   1 
ATOM   12  C  CA  . ASP A  1 2 ? 7.654   -2.716  -9.498  1.00 23.13  ? 178 ASP A CA  1 
ATOM   13  C  C   . ASP A  1 2 ? 6.624   -1.955  -8.722  1.00 18.62  ? 178 ASP A C   1 
ATOM   14  O  O   . ASP A  1 2 ? 6.884   -1.455  -7.604  1.00 18.35  ? 178 ASP A O   1 
ATOM   15  C  CB  . ASP A  1 2 ? 8.218   -3.796  -8.614  1.00 23.72  ? 178 ASP A CB  1 
ATOM   16  C  CG  . ASP A  1 2 ? 7.249   -4.945  -8.410  1.00 25.37  ? 178 ASP A CG  1 
ATOM   17  O  OD1 . ASP A  1 2 ? 7.507   -5.806  -7.532  1.00 32.32  ? 178 ASP A OD1 1 
ATOM   18  O  OD2 . ASP A  1 2 ? 6.197   -5.001  -9.102  1.00 21.98  ? 178 ASP A OD2 1 
ATOM   19  N  N   . CYS A  1 3 ? 5.444   -1.889  -9.334  1.00 17.34  ? 179 CYS A N   1 
ATOM   20  C  CA  . CYS A  1 3 ? 4.404   -0.931  -8.972  1.00 15.70  ? 179 CYS A CA  1 
ATOM   21  C  C   . CYS A  1 3 ? 3.020   -1.584  -8.917  1.00 14.95  ? 179 CYS A C   1 
ATOM   22  O  O   . CYS A  1 3 ? 2.760   -2.594  -9.586  1.00 17.10  ? 179 CYS A O   1 
ATOM   23  C  CB  . CYS A  1 3 ? 4.353   0.220   -9.949  1.00 16.41  ? 179 CYS A CB  1 
ATOM   24  S  SG  . CYS A  1 3 ? 5.969   0.941   -10.327 1.00 19.13  ? 179 CYS A SG  1 
ATOM   25  N  N   . VAL A  1 4 ? 2.125   -0.971  -8.124  1.00 15.01  ? 180 VAL A N   1 
ATOM   26  C  CA  . VAL A  1 4 ? 0.726   -1.224  -8.252  1.00 15.34  ? 180 VAL A CA  1 
ATOM   27  C  C   . VAL A  1 4 ? 0.104   0.048   -8.789  1.00 14.54  ? 180 VAL A C   1 
ATOM   28  O  O   . VAL A  1 4 ? 0.627   1.136   -8.583  1.00 17.57  ? 180 VAL A O   1 
ATOM   29  C  CB  . VAL A  1 4 ? 0.048   -1.580  -6.909  1.00 16.58  ? 180 VAL A CB  1 
ATOM   30  C  CG1 . VAL A  1 4 ? 0.575   -2.929  -6.407  1.00 18.93  ? 180 VAL A CG1 1 
ATOM   31  C  CG2 . VAL A  1 4 ? 0.239   -0.496  -5.893  1.00 15.98  ? 180 VAL A CG2 1 
ATOM   32  N  N   . ASN A  1 5 ? -1.003  -0.101  -9.496  1.00 15.43  ? 181 ASN A N   1 
ATOM   33  C  CA  A ASN A  1 5 ? -1.855  0.995   -9.909  0.70 14.80  ? 181 ASN A CA  1 
ATOM   34  C  CA  B ASN A  1 5 ? -1.832  1.053   -9.815  0.30 14.64  ? 181 ASN A CA  1 
ATOM   35  C  C   . ASN A  1 5 ? -3.042  1.071   -8.945  1.00 15.03  ? 181 ASN A C   1 
ATOM   36  O  O   . ASN A  1 5 ? -3.670  0.055   -8.689  1.00 15.61  ? 181 ASN A O   1 
ATOM   37  C  CB  A ASN A  1 5 ? -2.312  0.677   -11.344 0.70 15.93  ? 181 ASN A CB  1 
ATOM   38  C  CB  B ASN A  1 5 ? -2.292  1.087   -11.267 0.30 14.95  ? 181 ASN A CB  1 
ATOM   39  C  CG  A ASN A  1 5 ? -3.066  1.794   -12.000 0.70 15.72  ? 181 ASN A CG  1 
ATOM   40  C  CG  B ASN A  1 5 ? -1.154  1.214   -12.222 0.30 15.56  ? 181 ASN A CG  1 
ATOM   41  O  OD1 A ASN A  1 5 ? -2.538  2.482   -12.893 0.70 26.47  ? 181 ASN A OD1 1 
ATOM   42  O  OD1 B ASN A  1 5 ? -0.722  2.312   -12.572 0.30 19.89  ? 181 ASN A OD1 1 
ATOM   43  N  ND2 A ASN A  1 5 ? -4.279  2.001   -11.577 0.70 18.36  ? 181 ASN A ND2 1 
ATOM   44  N  ND2 B ASN A  1 5 ? -0.644  0.077   -12.652 0.30 16.07  ? 181 ASN A ND2 1 
ATOM   45  N  N   . ILE A  1 6 ? -3.354  2.279   -8.462  1.00 14.82  ? 182 ILE A N   1 
ATOM   46  C  CA  A ILE A  1 6 ? -4.422  2.551   -7.486  0.50 16.21  ? 182 ILE A CA  1 
ATOM   47  C  CA  B ILE A  1 6 ? -4.540  2.405   -7.597  0.50 16.82  ? 182 ILE A CA  1 
ATOM   48  C  C   . ILE A  1 6 ? -5.497  3.463   -8.093  1.00 17.11  ? 182 ILE A C   1 
ATOM   49  O  O   . ILE A  1 6 ? -5.143  4.370   -8.823  1.00 19.62  ? 182 ILE A O   1 
ATOM   50  C  CB  A ILE A  1 6 ? -3.821  3.253   -6.247  0.50 16.50  ? 182 ILE A CB  1 
ATOM   51  C  CB  B ILE A  1 6 ? -4.214  2.725   -6.121  0.50 17.62  ? 182 ILE A CB  1 
ATOM   52  C  CG1 A ILE A  1 6 ? -2.669  2.397   -5.692  0.50 14.63  ? 182 ILE A CG1 1 
ATOM   53  C  CG1 B ILE A  1 6 ? -3.420  4.024   -6.031  0.50 18.37  ? 182 ILE A CG1 1 
ATOM   54  C  CG2 A ILE A  1 6 ? -4.895  3.521   -5.174  0.50 18.04  ? 182 ILE A CG2 1 
ATOM   55  C  CG2 B ILE A  1 6 ? -3.504  1.548   -5.420  0.50 18.31  ? 182 ILE A CG2 1 
ATOM   56  C  CD1 A ILE A  1 6 ? -1.939  3.005   -4.507  0.50 20.03  ? 182 ILE A CD1 1 
ATOM   57  C  CD1 B ILE A  1 6 ? -3.485  4.678   -4.681  0.50 19.66  ? 182 ILE A CD1 1 
ATOM   58  O  OXT A ILE A  1 6 ? -6.701  3.265   -7.951  0.50 17.94  ? 182 ILE A OXT 1 
ATOM   59  O  OXT B ILE A  1 6 ? -6.673  3.461   -7.754  0.50 19.52  ? 182 ILE A OXT 1 
ATOM   60  N  N   . GLU B  2 1 ? -2.748  6.193   -11.272 1.00 26.23  ? 211 GLU B N   1 
ATOM   61  C  CA  . GLU B  2 1 ? -1.926  6.548   -10.076 1.00 21.99  ? 211 GLU B CA  1 
ATOM   62  C  C   . GLU B  2 1 ? -1.136  5.337   -9.677  1.00 19.45  ? 211 GLU B C   1 
ATOM   63  O  O   . GLU B  2 1 ? -1.687  4.260   -9.592  1.00 20.58  ? 211 GLU B O   1 
ATOM   64  C  CB  . GLU B  2 1 ? -2.817  6.997   -8.946  1.00 22.83  ? 211 GLU B CB  1 
ATOM   65  C  CG  . GLU B  2 1 ? -2.039  7.471   -7.704  1.00 22.71  ? 211 GLU B CG  1 
ATOM   66  C  CD  . GLU B  2 1 ? -2.914  7.830   -6.510  1.00 30.60  ? 211 GLU B CD  1 
ATOM   67  O  OE1 . GLU B  2 1 ? -2.428  8.575   -5.667  1.00 34.44  ? 211 GLU B OE1 1 
ATOM   68  O  OE2 . GLU B  2 1 ? -4.095  7.441   -6.441  1.00 36.25  ? 211 GLU B OE2 1 
ATOM   69  N  N   . GLN B  2 2 ? 0.155   5.476   -9.488  1.00 19.52  ? 212 GLN B N   1 
ATOM   70  C  CA  A GLN B  2 2 ? 1.047   4.337   -9.281  0.70 20.98  ? 212 GLN B CA  1 
ATOM   71  C  CA  B GLN B  2 2 ? 0.925   4.294   -9.148  0.30 19.87  ? 212 GLN B CA  1 
ATOM   72  C  C   . GLN B  2 2 ? 1.890   4.502   -8.031  1.00 20.66  ? 212 GLN B C   1 
ATOM   73  O  O   . GLN B  2 2 ? 2.401   5.590   -7.781  1.00 20.85  ? 212 GLN B O   1 
ATOM   74  C  CB  A GLN B  2 2 ? 1.914   4.106   -10.522 0.70 24.76  ? 212 GLN B CB  1 
ATOM   75  C  CB  B GLN B  2 2 ? 1.626   3.649   -10.339 0.30 20.95  ? 212 GLN B CB  1 
ATOM   76  C  CG  A GLN B  2 2 ? 1.071   3.441   -11.652 0.70 28.25  ? 212 GLN B CG  1 
ATOM   77  C  CG  B GLN B  2 2 ? 2.487   4.595   -11.138 0.30 20.93  ? 212 GLN B CG  1 
ATOM   78  C  CD  A GLN B  2 2 ? 1.821   3.212   -12.930 0.70 29.74  ? 212 GLN B CD  1 
ATOM   79  C  CD  B GLN B  2 2 ? 3.628   3.872   -11.831 0.30 19.74  ? 212 GLN B CD  1 
ATOM   80  O  OE1 A GLN B  2 2 ? 1.420   3.722   -14.013 0.70 29.71  ? 212 GLN B OE1 1 
ATOM   81  O  OE1 B GLN B  2 2 ? 4.724   4.402   -11.931 0.30 18.85  ? 212 GLN B OE1 1 
ATOM   82  N  NE2 A GLN B  2 2 ? 2.883   2.390   -12.852 0.70 30.13  ? 212 GLN B NE2 1 
ATOM   83  N  NE2 B GLN B  2 2 ? 3.377   2.648   -12.298 0.30 20.97  ? 212 GLN B NE2 1 
ATOM   84  N  N   . MET B  2 3 ? 2.037   3.417   -7.305  1.00 18.45  ? 213 MET B N   1 
ATOM   85  C  CA  . MET B  2 3 ? 2.876   3.318   -6.160  1.00 17.49  ? 213 MET B CA  1 
ATOM   86  C  C   . MET B  2 3 ? 3.870   2.204   -6.389  1.00 16.29  ? 213 MET B C   1 
ATOM   87  O  O   . MET B  2 3 ? 3.487   1.072   -6.703  1.00 16.75  ? 213 MET B O   1 
ATOM   88  C  CB  . MET B  2 3 ? 2.045   2.943   -4.961  1.00 18.99  ? 213 MET B CB  1 
ATOM   89  C  CG  . MET B  2 3 ? 2.786   3.011   -3.709  1.00 23.84  ? 213 MET B CG  1 
ATOM   90  S  SD  . MET B  2 3 ? 1.685   2.838   -2.319  1.00 36.24  ? 213 MET B SD  1 
ATOM   91  C  CE  . MET B  2 3 ? 0.366   3.917   -2.790  1.00 33.49  ? 213 MET B CE  1 
ATOM   92  N  N   . CYS B  2 4 ? 5.139   2.553   -6.268  1.00 16.25  ? 214 CYS B N   1 
ATOM   93  C  CA  . CYS B  2 4 ? 6.246   1.688   -6.680  1.00 15.28  ? 214 CYS B CA  1 
ATOM   94  C  C   . CYS B  2 4 ? 7.192   1.477   -5.510  1.00 17.67  ? 214 CYS B C   1 
ATOM   95  O  O   . CYS B  2 4 ? 7.570   2.418   -4.827  1.00 17.77  ? 214 CYS B O   1 
ATOM   96  C  CB  . CYS B  2 4 ? 7.021   2.297   -7.844  1.00 18.45  ? 214 CYS B CB  1 
ATOM   97  S  SG  . CYS B  2 4 ? 6.063   2.686   -9.297  1.00 19.40  ? 214 CYS B SG  1 
ATOM   98  N  N   . ILE B  2 5 ? 7.702   0.255   -5.390  1.00 19.86  ? 215 ILE B N   1 
ATOM   99  C  CA  . ILE B  2 5 ? 8.744   -0.021  -4.428  1.00 24.13  ? 215 ILE B CA  1 
ATOM   100 C  C   . ILE B  2 5 ? 10.062  0.196   -5.121  1.00 27.13  ? 215 ILE B C   1 
ATOM   101 O  O   . ILE B  2 5 ? 10.276  -0.332  -6.218  1.00 28.80  ? 215 ILE B O   1 
ATOM   102 C  CB  . ILE B  2 5 ? 8.624   -1.439  -3.885  1.00 25.54  ? 215 ILE B CB  1 
ATOM   103 C  CG1 . ILE B  2 5 ? 7.323   -1.557  -3.097  1.00 27.29  ? 215 ILE B CG1 1 
ATOM   104 C  CG2 . ILE B  2 5 ? 9.824   -1.770  -3.025  1.00 28.28  ? 215 ILE B CG2 1 
ATOM   105 C  CD1 . ILE B  2 5 ? 7.212   -2.791  -2.228  1.00 31.19  ? 215 ILE B CD1 1 
ATOM   106 N  N   . THR B  2 6 ? 10.888  1.073   -4.540  1.00 30.89  ? 216 THR B N   1 
ATOM   107 C  CA  . THR B  2 6 ? 12.160  1.528   -5.146  1.00 34.88  ? 216 THR B CA  1 
ATOM   108 C  C   . THR B  2 6 ? 13.148  0.376   -5.136  1.00 36.79  ? 216 THR B C   1 
ATOM   109 O  O   . THR B  2 6 ? 13.357  -0.213  -4.071  1.00 40.05  ? 216 THR B O   1 
ATOM   110 C  CB  . THR B  2 6 ? 12.820  2.697   -4.355  1.00 33.95  ? 216 THR B CB  1 
ATOM   111 O  OG1 . THR B  2 6 ? 11.901  3.797   -4.196  1.00 35.72  ? 216 THR B OG1 1 
ATOM   112 C  CG2 . THR B  2 6 ? 14.081  3.177   -5.105  1.00 37.21  ? 216 THR B CG2 1 
ATOM   113 O  OXT . THR B  2 6 ? 13.700  -0.032  -6.161  1.00 38.44  ? 216 THR B OXT 1 
ATOM   114 N  N   . HIS C  1 1 ? 6.703   12.605  -6.548  1.00 42.36  ? 177 HIS C N   1 
ATOM   115 C  CA  . HIS C  1 1 ? 7.490   11.568  -5.818  1.00 40.47  ? 177 HIS C CA  1 
ATOM   116 C  C   . HIS C  1 1 ? 7.407   11.844  -4.320  1.00 37.04  ? 177 HIS C C   1 
ATOM   117 O  O   . HIS C  1 1 ? 8.259   12.556  -3.764  1.00 39.90  ? 177 HIS C O   1 
ATOM   118 C  CB  . HIS C  1 1 ? 8.940   11.601  -6.295  1.00 42.83  ? 177 HIS C CB  1 
ATOM   119 C  CG  . HIS C  1 1 ? 9.865   10.665  -5.567  1.00 44.65  ? 177 HIS C CG  1 
ATOM   120 N  ND1 . HIS C  1 1 ? 10.155  9.397   -6.031  1.00 45.67  ? 177 HIS C ND1 1 
ATOM   121 C  CD2 . HIS C  1 1 ? 10.684  10.870  -4.505  1.00 45.04  ? 177 HIS C CD2 1 
ATOM   122 C  CE1 . HIS C  1 1 ? 11.091  8.851   -5.271  1.00 46.35  ? 177 HIS C CE1 1 
ATOM   123 N  NE2 . HIS C  1 1 ? 11.432  9.725   -4.340  1.00 45.23  ? 177 HIS C NE2 1 
ATOM   124 N  N   . ASP C  1 2 ? 6.374   11.292  -3.681  1.00 30.57  ? 178 ASP C N   1 
ATOM   125 C  CA  . ASP C  1 2 ? 6.270   11.276  -2.229  1.00 25.95  ? 178 ASP C CA  1 
ATOM   126 C  C   . ASP C  1 2 ? 6.321   9.819   -1.815  1.00 21.00  ? 178 ASP C C   1 
ATOM   127 O  O   . ASP C  1 2 ? 5.744   9.002   -2.475  1.00 19.71  ? 178 ASP C O   1 
ATOM   128 C  CB  . ASP C  1 2 ? 4.927   11.901  -1.789  1.00 26.99  ? 178 ASP C CB  1 
ATOM   129 C  CG  . ASP C  1 2 ? 4.903   12.304  -0.294  1.00 31.65  ? 178 ASP C CG  1 
ATOM   130 O  OD1 . ASP C  1 2 ? 5.941   12.225  0.398   1.00 32.23  ? 178 ASP C OD1 1 
ATOM   131 O  OD2 . ASP C  1 2 ? 3.828   12.750  0.179   1.00 40.41  ? 178 ASP C OD2 1 
ATOM   132 N  N   . CYS C  1 3 ? 6.986   9.538   -0.713  1.00 18.67  ? 179 CYS C N   1 
ATOM   133 C  CA  . CYS C  1 3 ? 7.227   8.159   -0.307  1.00 17.35  ? 179 CYS C CA  1 
ATOM   134 C  C   . CYS C  1 3 ? 6.927   7.879   1.158   1.00 16.05  ? 179 CYS C C   1 
ATOM   135 O  O   . CYS C  1 3 ? 6.971   8.775   2.003   1.00 17.56  ? 179 CYS C O   1 
ATOM   136 C  CB  . CYS C  1 3 ? 8.676   7.756   -0.555  1.00 17.68  ? 179 CYS C CB  1 
ATOM   137 S  SG  . CYS C  1 3 ? 9.354   8.150   -2.155  1.00 19.64  ? 179 CYS C SG  1 
ATOM   138 N  N   . VAL C  1 4 ? 6.700   6.587   1.431   1.00 14.57  ? 180 VAL C N   1 
ATOM   139 C  CA  . VAL C  1 4 ? 6.758   6.045   2.792   1.00 14.16  ? 180 VAL C CA  1 
ATOM   140 C  C   . VAL C  1 4 ? 7.893   5.037   2.872   1.00 13.07  ? 180 VAL C C   1 
ATOM   141 O  O   . VAL C  1 4 ? 8.354   4.534   1.866   1.00 15.13  ? 180 VAL C O   1 
ATOM   142 C  CB  . VAL C  1 4 ? 5.437   5.344   3.249   1.00 14.00  ? 180 VAL C CB  1 
ATOM   143 C  CG1 . VAL C  1 4 ? 4.345   6.340   3.310   1.00 16.71  ? 180 VAL C CG1 1 
ATOM   144 C  CG2 . VAL C  1 4 ? 5.090   4.177   2.327   1.00 16.44  ? 180 VAL C CG2 1 
ATOM   145 N  N   . ASN C  1 5 ? 8.373   4.806   4.085   1.00 13.57  ? 181 ASN C N   1 
ATOM   146 C  CA  . ASN C  1 5 ? 9.310   3.735   4.355   1.00 15.69  ? 181 ASN C CA  1 
ATOM   147 C  C   . ASN C  1 5 ? 8.547   2.624   5.021   1.00 14.41  ? 181 ASN C C   1 
ATOM   148 O  O   . ASN C  1 5 ? 7.710   2.891   5.852   1.00 15.97  ? 181 ASN C O   1 
ATOM   149 C  CB  . ASN C  1 5 ? 10.397  4.219   5.315   1.00 17.45  ? 181 ASN C CB  1 
ATOM   150 C  CG  . ASN C  1 5 ? 11.665  3.442   5.182   1.00 19.96  ? 181 ASN C CG  1 
ATOM   151 O  OD1 . ASN C  1 5 ? 11.915  2.535   5.965   1.00 28.81  ? 181 ASN C OD1 1 
ATOM   152 N  ND2 . ASN C  1 5 ? 12.392  3.691   4.124   1.00 25.10  ? 181 ASN C ND2 1 
ATOM   153 N  N   . ILE C  1 6 ? 8.730   1.401   4.540   1.00 13.88  ? 182 ILE C N   1 
ATOM   154 C  CA  A ILE C  1 6 ? 8.106   0.212   5.113   0.50 15.97  ? 182 ILE C CA  1 
ATOM   155 C  CA  B ILE C  1 6 ? 8.105   0.225   5.110   0.50 16.24  ? 182 ILE C CA  1 
ATOM   156 C  C   . ILE C  1 6 ? 9.176   -0.709  5.637   1.00 16.12  ? 182 ILE C C   1 
ATOM   157 O  O   . ILE C  1 6 ? 10.263  -0.821  5.034   1.00 17.36  ? 182 ILE C O   1 
ATOM   158 C  CB  A ILE C  1 6 ? 7.268   -0.561  4.056   0.50 17.41  ? 182 ILE C CB  1 
ATOM   159 C  CB  B ILE C  1 6 ? 7.208   -0.506  4.056   0.50 17.92  ? 182 ILE C CB  1 
ATOM   160 C  CG1 A ILE C  1 6 ? 6.036   0.261   3.680   0.50 19.11  ? 182 ILE C CG1 1 
ATOM   161 C  CG1 B ILE C  1 6 ? 8.006   -0.834  2.779   0.50 20.30  ? 182 ILE C CG1 1 
ATOM   162 C  CG2 A ILE C  1 6 ? 6.886   -1.981  4.552   0.50 19.23  ? 182 ILE C CG2 1 
ATOM   163 C  CG2 B ILE C  1 6 ? 6.022   0.381   3.693   0.50 19.49  ? 182 ILE C CG2 1 
ATOM   164 C  CD1 A ILE C  1 6 ? 5.490   -0.070  2.324   0.50 19.12  ? 182 ILE C CD1 1 
ATOM   165 C  CD1 B ILE C  1 6 ? 7.247   -1.633  1.739   0.50 24.33  ? 182 ILE C CD1 1 
ATOM   166 O  OXT A ILE C  1 6 ? 8.932   -1.335  6.683   0.50 19.55  ? 182 ILE C OXT 1 
ATOM   167 O  OXT B ILE C  1 6 ? 8.910   -1.375  6.651   0.50 19.70  ? 182 ILE C OXT 1 
ATOM   168 N  N   . GLU D  2 1 ? 12.597  -0.212  3.300   1.00 21.67  ? 211 GLU D N   1 
ATOM   169 C  CA  A GLU D  2 1 ? 12.153  -0.060  1.900   0.50 21.04  ? 211 GLU D CA  1 
ATOM   170 C  CA  B GLU D  2 1 ? 12.296  -0.016  1.843   0.50 20.86  ? 211 GLU D CA  1 
ATOM   171 C  C   . GLU D  2 1 ? 11.352  1.130   1.573   1.00 18.72  ? 211 GLU D C   1 
ATOM   172 O  O   . GLU D  2 1 ? 10.512  1.437   2.369   1.00 19.21  ? 211 GLU D O   1 
ATOM   173 C  CB  A GLU D  2 1 ? 11.711  -1.324  1.218   0.50 22.27  ? 211 GLU D CB  1 
ATOM   174 C  CB  B GLU D  2 1 ? 11.642  -1.234  1.269   0.50 21.60  ? 211 GLU D CB  1 
ATOM   175 C  CG  A GLU D  2 1 ? 10.309  -1.672  1.670   0.50 24.27  ? 211 GLU D CG  1 
ATOM   176 C  CG  B GLU D  2 1 ? 12.007  -1.466  -0.159  0.50 25.47  ? 211 GLU D CG  1 
ATOM   177 C  CD  A GLU D  2 1 ? 9.822   -2.971  1.115   0.50 30.38  ? 211 GLU D CD  1 
ATOM   178 C  CD  B GLU D  2 1 ? 11.971  -2.924  -0.470  0.50 27.44  ? 211 GLU D CD  1 
ATOM   179 O  OE1 A GLU D  2 1 ? 10.598  -3.602  0.381   0.50 32.34  ? 211 GLU D OE1 1 
ATOM   180 O  OE1 B GLU D  2 1 ? 11.246  -3.612  0.269   0.50 28.24  ? 211 GLU D OE1 1 
ATOM   181 O  OE2 A GLU D  2 1 ? 8.678   -3.351  1.421   0.50 33.37  ? 211 GLU D OE2 1 
ATOM   182 O  OE2 B GLU D  2 1 ? 12.665  -3.377  -1.404  0.50 30.04  ? 211 GLU D OE2 1 
ATOM   183 N  N   . GLN D  2 2 ? 11.519  1.722   0.402   1.00 19.78  ? 212 GLN D N   1 
ATOM   184 C  CA  . GLN D  2 2 ? 10.737  2.915   0.004   1.00 19.36  ? 212 GLN D CA  1 
ATOM   185 C  C   . GLN D  2 2 ? 9.616   2.553   -0.957  1.00 17.86  ? 212 GLN D C   1 
ATOM   186 O  O   . GLN D  2 2 ? 9.781   1.794   -1.875  1.00 18.58  ? 212 GLN D O   1 
ATOM   187 C  CB  . GLN D  2 2 ? 11.633  3.961   -0.683  1.00 22.35  ? 212 GLN D CB  1 
ATOM   188 C  CG  . GLN D  2 2 ? 12.654  4.647   0.228   1.00 24.47  ? 212 GLN D CG  1 
ATOM   189 C  CD  . GLN D  2 2 ? 12.069  5.846   0.907   1.00 27.35  ? 212 GLN D CD  1 
ATOM   190 O  OE1 . GLN D  2 2 ? 11.916  5.880   2.140   1.00 31.09  ? 212 GLN D OE1 1 
ATOM   191 N  NE2 . GLN D  2 2 ? 11.757  6.857   0.118   1.00 30.96  ? 212 GLN D NE2 1 
ATOM   192 N  N   . MET D  2 3 ? 8.428   3.021   -0.644  1.00 16.82  ? 213 MET D N   1 
ATOM   193 C  CA  . MET D  2 3 ? 7.289   2.917   -1.538  1.00 17.61  ? 213 MET D CA  1 
ATOM   194 C  C   . MET D  2 3 ? 6.802   4.317   -1.841  1.00 15.92  ? 213 MET D C   1 
ATOM   195 O  O   . MET D  2 3 ? 6.441   5.090   -0.947  1.00 15.41  ? 213 MET D O   1 
ATOM   196 C  CB  . MET D  2 3 ? 6.166   2.178   -0.849  1.00 19.45  ? 213 MET D CB  1 
ATOM   197 C  CG  . MET D  2 3 ? 5.061   1.785   -1.779  1.00 25.69  ? 213 MET D CG  1 
ATOM   198 S  SD  . MET D  2 3 ? 4.177   0.334   -1.164  1.00 37.45  ? 213 MET D SD  1 
ATOM   199 C  CE  . MET D  2 3 ? 3.121   1.167   0.003   1.00 37.59  ? 213 MET D CE  1 
ATOM   200 N  N   . CYS D  2 4 ? 6.801   4.647   -3.121  1.00 14.91  ? 214 CYS D N   1 
ATOM   201 C  CA  . CYS D  2 4 ? 6.611   6.026   -3.545  1.00 15.71  ? 214 CYS D CA  1 
ATOM   202 C  C   . CYS D  2 4 ? 5.458   6.152   -4.506  1.00 16.97  ? 214 CYS D C   1 
ATOM   203 O  O   . CYS D  2 4 ? 5.314   5.346   -5.416  1.00 18.10  ? 214 CYS D O   1 
ATOM   204 C  CB  . CYS D  2 4 ? 7.879   6.564   -4.209  1.00 17.29  ? 214 CYS D CB  1 
ATOM   205 S  SG  . CYS D  2 4 ? 9.362   6.445   -3.217  1.00 19.75  ? 214 CYS D SG  1 
ATOM   206 N  N   . ILE D  2 5 ? 4.683   7.225   -4.373  1.00 19.02  ? 215 ILE D N   1 
ATOM   207 C  CA  . ILE D  2 5 ? 3.722   7.576   -5.394  1.00 21.95  ? 215 ILE D CA  1 
ATOM   208 C  C   . ILE D  2 5 ? 4.451   8.292   -6.523  1.00 25.34  ? 215 ILE D C   1 
ATOM   209 O  O   . ILE D  2 5 ? 5.168   9.272   -6.305  1.00 25.57  ? 215 ILE D O   1 
ATOM   210 C  CB  . ILE D  2 5 ? 2.617   8.415   -4.854  1.00 23.06  ? 215 ILE D CB  1 
ATOM   211 C  CG1 . ILE D  2 5 ? 1.822   7.649   -3.835  1.00 24.70  ? 215 ILE D CG1 1 
ATOM   212 C  CG2 . ILE D  2 5 ? 1.732   8.940   -6.021  1.00 25.06  ? 215 ILE D CG2 1 
ATOM   213 C  CD1 . ILE D  2 5 ? 0.776   6.759   -4.436  1.00 26.80  ? 215 ILE D CD1 1 
ATOM   214 N  N   . THR D  2 6 ? 4.299   7.752   -7.731  1.00 29.02  ? 216 THR D N   1 
ATOM   215 C  CA  . THR D  2 6 ? 5.000   8.260   -8.924  1.00 31.78  ? 216 THR D CA  1 
ATOM   216 C  C   . THR D  2 6 ? 4.538   9.662   -9.236  1.00 32.39  ? 216 THR D C   1 
ATOM   217 O  O   . THR D  2 6 ? 3.334   9.933   -9.153  1.00 33.69  ? 216 THR D O   1 
ATOM   218 C  CB  . THR D  2 6 ? 4.742   7.378   -10.183 1.00 31.97  ? 216 THR D CB  1 
ATOM   219 O  OG1 . THR D  2 6 ? 5.239   6.056   -9.969  1.00 34.23  ? 216 THR D OG1 1 
ATOM   220 C  CG2 . THR D  2 6 ? 5.430   7.991   -11.431 1.00 35.79  ? 216 THR D CG2 1 
ATOM   221 O  OXT . THR D  2 6 ? 5.370   10.522  -9.563  1.00 34.18  ? 216 THR D OXT 1 
ATOM   222 N  N   . HIS E  1 1 ? 5.413   11.186  11.388  1.00 15.93  ? 177 HIS E N   1 
ATOM   223 C  CA  . HIS E  1 1 ? 4.460   10.459  10.540  1.00 14.64  ? 177 HIS E CA  1 
ATOM   224 C  C   . HIS E  1 1 ? 5.105   9.917   9.297   1.00 13.12  ? 177 HIS E C   1 
ATOM   225 O  O   . HIS E  1 1 ? 6.001   10.522  8.771   1.00 14.31  ? 177 HIS E O   1 
ATOM   226 C  CB  . HIS E  1 1 ? 3.325   11.377  10.145  1.00 19.63  ? 177 HIS E CB  1 
ATOM   227 C  CG  . HIS E  1 1 ? 2.566   11.875  11.314  1.00 25.38  ? 177 HIS E CG  1 
ATOM   228 N  ND1 . HIS E  1 1 ? 2.510   13.212  11.639  1.00 32.32  ? 177 HIS E ND1 1 
ATOM   229 C  CD2 . HIS E  1 1 ? 1.902   11.213  12.294  1.00 27.55  ? 177 HIS E CD2 1 
ATOM   230 C  CE1 . HIS E  1 1 ? 1.827   13.355  12.758  1.00 31.12  ? 177 HIS E CE1 1 
ATOM   231 N  NE2 . HIS E  1 1 ? 1.420   12.165  13.160  1.00 28.62  ? 177 HIS E NE2 1 
ATOM   232 N  N   . ASP E  1 2 ? 4.570   8.798   8.813   1.00 11.81  ? 178 ASP E N   1 
ATOM   233 C  CA  . ASP E  1 2 ? 5.103   8.090   7.669   1.00 11.74  ? 178 ASP E CA  1 
ATOM   234 C  C   . ASP E  1 2 ? 3.960   7.845   6.737   1.00 10.66  ? 178 ASP E C   1 
ATOM   235 O  O   . ASP E  1 2 ? 3.379   6.795   6.718   1.00 13.27  ? 178 ASP E O   1 
ATOM   236 C  CB  . ASP E  1 2 ? 5.803   6.827   8.140   1.00 12.99  ? 178 ASP E CB  1 
ATOM   237 C  CG  . ASP E  1 2 ? 6.460   6.032   7.064   1.00 12.22  ? 178 ASP E CG  1 
ATOM   238 O  OD1 . ASP E  1 2 ? 6.698   4.843   7.361   1.00 15.33  ? 178 ASP E OD1 1 
ATOM   239 O  OD2 . ASP E  1 2 ? 6.860   6.551   6.003   1.00 14.15  ? 178 ASP E OD2 1 
ATOM   240 N  N   . CYS E  1 3 ? 3.617   8.875   5.977   1.00 11.92  ? 179 CYS E N   1 
ATOM   241 C  CA  . CYS E  1 3 ? 2.389   8.882   5.198   1.00 12.95  ? 179 CYS E CA  1 
ATOM   242 C  C   . CYS E  1 3 ? 2.573   9.484   3.791   1.00 13.47  ? 179 CYS E C   1 
ATOM   243 O  O   . CYS E  1 3 ? 3.402   10.376  3.612   1.00 14.06  ? 179 CYS E O   1 
ATOM   244 C  CB  . CYS E  1 3 ? 1.341   9.741   5.874   1.00 14.70  ? 179 CYS E CB  1 
ATOM   245 S  SG  . CYS E  1 3 ? 0.961   9.399   7.559   1.00 16.11  ? 179 CYS E SG  1 
ATOM   246 N  N   . VAL E  1 4 ? 1.708   9.092   2.853   1.00 14.44  ? 180 VAL E N   1 
ATOM   247 C  CA  . VAL E  1 4 ? 1.571   9.751   1.566   1.00 14.66  ? 180 VAL E CA  1 
ATOM   248 C  C   . VAL E  1 4 ? 0.090   9.949   1.260   1.00 15.09  ? 180 VAL E C   1 
ATOM   249 O  O   . VAL E  1 4 ? -0.790  9.180   1.687   1.00 15.81  ? 180 VAL E O   1 
ATOM   250 C  CB  . VAL E  1 4 ? 2.214   8.986   0.412   1.00 16.85  ? 180 VAL E CB  1 
ATOM   251 C  CG1 . VAL E  1 4 ? 3.750   9.042   0.502   1.00 19.41  ? 180 VAL E CG1 1 
ATOM   252 C  CG2 . VAL E  1 4 ? 1.704   7.558   0.287   1.00 18.21  ? 180 VAL E CG2 1 
ATOM   253 N  N   . ASN E  1 5 ? -0.187  10.986  0.503   1.00 17.48  ? 181 ASN E N   1 
ATOM   254 C  CA  . ASN E  1 5 ? -1.515  11.200  0.006   1.00 19.02  ? 181 ASN E CA  1 
ATOM   255 C  C   . ASN E  1 5 ? -1.729  10.306  -1.206  1.00 19.71  ? 181 ASN E C   1 
ATOM   256 O  O   . ASN E  1 5 ? -0.845  10.172  -2.056  1.00 21.47  ? 181 ASN E O   1 
ATOM   257 C  CB  . ASN E  1 5 ? -1.696  12.682  -0.371  1.00 21.39  ? 181 ASN E CB  1 
ATOM   258 C  CG  . ASN E  1 5 ? -1.689  13.626  0.855   1.00 25.60  ? 181 ASN E CG  1 
ATOM   259 O  OD1 . ASN E  1 5 ? -2.255  13.330  1.916   1.00 33.45  ? 181 ASN E OD1 1 
ATOM   260 N  ND2 . ASN E  1 5 ? -1.091  14.807  0.670   1.00 38.55  ? 181 ASN E ND2 1 
ATOM   261 N  N   . ILE E  1 6 ? -2.896  9.685   -1.262  1.00 19.71  ? 182 ILE E N   1 
ATOM   262 C  CA  . ILE E  1 6 ? -3.269  8.790   -2.319  1.00 21.82  ? 182 ILE E CA  1 
ATOM   263 C  C   . ILE E  1 6 ? -4.630  9.195   -2.893  1.00 22.51  ? 182 ILE E C   1 
ATOM   264 O  O   . ILE E  1 6 ? -4.958  8.639   -3.941  1.00 26.03  ? 182 ILE E O   1 
ATOM   265 C  CB  . ILE E  1 6 ? -3.260  7.281   -1.868  1.00 22.66  ? 182 ILE E CB  1 
ATOM   266 C  CG1 . ILE E  1 6 ? -4.240  7.002   -0.738  1.00 22.68  ? 182 ILE E CG1 1 
ATOM   267 C  CG2 . ILE E  1 6 ? -1.855  6.837   -1.428  1.00 23.75  ? 182 ILE E CG2 1 
ATOM   268 C  CD1 . ILE E  1 6 ? -4.604  5.545   -0.624  1.00 24.83  ? 182 ILE E CD1 1 
ATOM   269 O  OXT . ILE E  1 6 ? -5.428  10.029  -2.369  1.00 25.83  ? 182 ILE E OXT 1 
ATOM   270 N  N   . GLU F  2 1 ? -7.394  11.635  1.429   1.00 24.61  ? 211 GLU F N   1 
ATOM   271 C  CA  . GLU F  2 1 ? -7.029  10.224  1.729   1.00 20.48  ? 211 GLU F CA  1 
ATOM   272 C  C   . GLU F  2 1 ? -5.531  10.053  1.804   1.00 20.78  ? 211 GLU F C   1 
ATOM   273 O  O   . GLU F  2 1 ? -4.814  10.474  0.928   1.00 22.96  ? 211 GLU F O   1 
ATOM   274 C  CB  . GLU F  2 1 ? -7.594  9.350   0.633   1.00 21.03  ? 211 GLU F CB  1 
ATOM   275 C  CG  . GLU F  2 1 ? -7.483  7.904   0.889   1.00 19.86  ? 211 GLU F CG  1 
ATOM   276 C  CD  . GLU F  2 1 ? -8.129  7.083   -0.175  1.00 23.55  ? 211 GLU F CD  1 
ATOM   277 O  OE1 . GLU F  2 1 ? -8.405  7.557   -1.285  1.00 29.94  ? 211 GLU F OE1 1 
ATOM   278 O  OE2 . GLU F  2 1 ? -8.303  5.916   0.064   1.00 32.41  ? 211 GLU F OE2 1 
ATOM   279 N  N   . GLN F  2 2 ? -5.075  9.408   2.868   1.00 19.69  ? 212 GLN F N   1 
ATOM   280 C  CA  . GLN F  2 2 ? -3.669  9.131   3.063   1.00 18.43  ? 212 GLN F CA  1 
ATOM   281 C  C   . GLN F  2 2 ? -3.492  7.662   3.433   1.00 17.04  ? 212 GLN F C   1 
ATOM   282 O  O   . GLN F  2 2 ? -4.338  7.053   4.102   1.00 18.78  ? 212 GLN F O   1 
ATOM   283 C  CB  . GLN F  2 2 ? -3.122  9.860   4.288   1.00 22.03  ? 212 GLN F CB  1 
ATOM   284 C  CG  . GLN F  2 2 ? -2.632  11.246  4.212   1.00 26.82  ? 212 GLN F CG  1 
ATOM   285 C  CD  . GLN F  2 2 ? -2.222  11.683  5.637   1.00 29.55  ? 212 GLN F CD  1 
ATOM   286 O  OE1 . GLN F  2 2 ? -1.102  12.143  5.868   1.00 36.05  ? 212 GLN F OE1 1 
ATOM   287 N  NE2 . GLN F  2 2 ? -3.076  11.360  6.610   1.00 33.50  ? 212 GLN F NE2 1 
ATOM   288 N  N   . MET F  2 3 ? -2.337  7.142   3.039   1.00 15.71  ? 213 MET F N   1 
ATOM   289 C  CA  . MET F  2 3 ? -1.817  5.872   3.506   1.00 16.42  ? 213 MET F CA  1 
ATOM   290 C  C   . MET F  2 3 ? -0.637  6.150   4.449   1.00 14.74  ? 213 MET F C   1 
ATOM   291 O  O   . MET F  2 3 ? 0.339   6.820   4.047   1.00 15.40  ? 213 MET F O   1 
ATOM   292 C  CB  . MET F  2 3 ? -1.331  5.048   2.312   1.00 17.98  ? 213 MET F CB  1 
ATOM   293 C  CG  . MET F  2 3 ? -0.681  3.719   2.683   1.00 21.48  ? 213 MET F CG  1 
ATOM   294 S  SD  . MET F  2 3 ? 0.179   2.891   1.293   1.00 30.47  ? 213 MET F SD  1 
ATOM   295 C  CE  . MET F  2 3 ? -1.155  2.520   0.155   1.00 35.98  ? 213 MET F CE  1 
ATOM   296 N  N   . CYS F  2 4 ? -0.714  5.600   5.657   1.00 14.49  ? 214 CYS F N   1 
ATOM   297 C  CA  . CYS F  2 4 ? 0.328   5.755   6.651   1.00 14.85  ? 214 CYS F CA  1 
ATOM   298 C  C   . CYS F  2 4 ? 0.811   4.382   7.119   1.00 12.60  ? 214 CYS F C   1 
ATOM   299 O  O   . CYS F  2 4 ? 0.014   3.465   7.239   1.00 15.31  ? 214 CYS F O   1 
ATOM   300 C  CB  . CYS F  2 4 ? -0.164  6.564   7.856   1.00 16.30  ? 214 CYS F CB  1 
ATOM   301 S  SG  . CYS F  2 4 ? -0.725  8.234   7.522   1.00 16.86  ? 214 CYS F SG  1 
ATOM   302 N  N   . ILE F  2 5 ? 2.074   4.338   7.490   1.00 13.22  ? 215 ILE F N   1 
ATOM   303 C  CA  . ILE F  2 5 ? 2.685   3.174   8.061   1.00 12.90  ? 215 ILE F CA  1 
ATOM   304 C  C   . ILE F  2 5 ? 2.902   3.507   9.519   1.00 15.17  ? 215 ILE F C   1 
ATOM   305 O  O   . ILE F  2 5 ? 3.508   4.537   9.869   1.00 14.88  ? 215 ILE F O   1 
ATOM   306 C  CB  . ILE F  2 5 ? 4.046   2.880   7.430   1.00 15.08  ? 215 ILE F CB  1 
ATOM   307 C  CG1 . ILE F  2 5 ? 3.873   2.848   5.928   1.00 16.66  ? 215 ILE F CG1 1 
ATOM   308 C  CG2 . ILE F  2 5 ? 4.651   1.631   8.005   1.00 17.95  ? 215 ILE F CG2 1 
ATOM   309 C  CD1 . ILE F  2 5 ? 2.915   1.805   5.430   1.00 20.74  ? 215 ILE F CD1 1 
ATOM   310 N  N   . THR F  2 6 ? 2.356   2.671   10.368  1.00 15.98  ? 216 THR F N   1 
ATOM   311 C  CA  . THR F  2 6 ? 2.369   2.979   11.766  1.00 20.06  ? 216 THR F CA  1 
ATOM   312 C  C   . THR F  2 6 ? 2.820   1.768   12.549  1.00 21.54  ? 216 THR F C   1 
ATOM   313 O  O   . THR F  2 6 ? 3.148   0.698   12.021  1.00 20.77  ? 216 THR F O   1 
ATOM   314 C  CB  . THR F  2 6 ? 0.948   3.407   12.265  1.00 22.27  ? 216 THR F CB  1 
ATOM   315 O  OG1 . THR F  2 6 ? 0.049   2.308   12.150  1.00 23.76  ? 216 THR F OG1 1 
ATOM   316 C  CG2 . THR F  2 6 ? 0.387   4.616   11.505  1.00 20.87  ? 216 THR F CG2 1 
ATOM   317 O  OXT . THR F  2 6 ? 2.854   1.886   13.768  1.00 24.36  ? 216 THR F OXT 1 
ATOM   318 N  N   . HIS G  1 1 ? -12.697 0.711   10.385  1.00 33.76  ? 177 HIS G N   1 
ATOM   319 C  CA  . HIS G  1 1 ? -11.555 -0.263  10.161  1.00 33.59  ? 177 HIS G CA  1 
ATOM   320 C  C   . HIS G  1 1 ? -10.543 0.262   9.157   1.00 33.26  ? 177 HIS G C   1 
ATOM   321 O  O   . HIS G  1 1 ? -10.651 0.009   7.953   1.00 36.05  ? 177 HIS G O   1 
ATOM   322 C  CB  . HIS G  1 1 ? -12.068 -1.600  9.613   1.00 34.37  ? 177 HIS G CB  1 
ATOM   323 C  CG  . HIS G  1 1 ? -10.975 -2.471  9.062   1.00 34.68  ? 177 HIS G CG  1 
ATOM   324 N  ND1 . HIS G  1 1 ? -10.028 -3.069  9.868   1.00 37.24  ? 177 HIS G ND1 1 
ATOM   325 C  CD2 . HIS G  1 1 ? -10.580 -2.711  7.784   1.00 37.58  ? 177 HIS G CD2 1 
ATOM   326 C  CE1 . HIS G  1 1 ? -9.149  -3.712  9.115   1.00 37.77  ? 177 HIS G CE1 1 
ATOM   327 N  NE2 . HIS G  1 1 ? -9.434  -3.477  7.844   1.00 32.30  ? 177 HIS G NE2 1 
ATOM   328 N  N   . ASP G  1 2 ? -9.507  0.936   9.599   1.00 28.09  ? 178 ASP G N   1 
ATOM   329 C  CA  A ASP G  1 2 ? -8.646  1.581   8.635   0.50 25.98  ? 178 ASP G CA  1 
ATOM   330 C  CA  B ASP G  1 2 ? -8.653  1.571   8.617   0.50 26.08  ? 178 ASP G CA  1 
ATOM   331 C  C   . ASP G  1 2 ? -7.313  0.901   8.399   1.00 22.03  ? 178 ASP G C   1 
ATOM   332 O  O   . ASP G  1 2 ? -6.580  1.371   7.593   1.00 19.42  ? 178 ASP G O   1 
ATOM   333 C  CB  A ASP G  1 2 ? -8.449  3.040   9.038   0.50 27.56  ? 178 ASP G CB  1 
ATOM   334 C  CB  B ASP G  1 2 ? -8.481  3.074   8.904   0.50 27.76  ? 178 ASP G CB  1 
ATOM   335 C  CG  A ASP G  1 2 ? -9.742  3.821   8.988   0.50 29.60  ? 178 ASP G CG  1 
ATOM   336 C  CG  B ASP G  1 2 ? -7.851  3.363   10.258  0.50 29.88  ? 178 ASP G CG  1 
ATOM   337 O  OD1 A ASP G  1 2 ? -10.643 3.402   8.226   0.50 32.76  ? 178 ASP G OD1 1 
ATOM   338 O  OD1 B ASP G  1 2 ? -7.988  2.523   11.189  0.50 34.01  ? 178 ASP G OD1 1 
ATOM   339 O  OD2 A ASP G  1 2 ? -9.840  4.860   9.674   0.50 37.73  ? 178 ASP G OD2 1 
ATOM   340 O  OD2 B ASP G  1 2 ? -7.257  4.461   10.386  0.50 32.69  ? 178 ASP G OD2 1 
ATOM   341 N  N   . CYS G  1 3 ? -7.002  -0.183  9.123   1.00 19.10  ? 179 CYS G N   1 
ATOM   342 C  CA  . CYS G  1 3 ? -5.638  -0.668  9.158   1.00 17.51  ? 179 CYS G CA  1 
ATOM   343 C  C   . CYS G  1 3 ? -5.513  -2.164  8.897   1.00 15.56  ? 179 CYS G C   1 
ATOM   344 O  O   . CYS G  1 3 ? -6.413  -2.952  9.187   1.00 19.60  ? 179 CYS G O   1 
ATOM   345 C  CB  . CYS G  1 3 ? -4.967  -0.388  10.513  1.00 18.43  ? 179 CYS G CB  1 
ATOM   346 S  SG  . CYS G  1 3 ? -4.999  1.295   11.050  1.00 22.74  ? 179 CYS G SG  1 
ATOM   347 N  N   . VAL G  1 4 ? -4.376  -2.530  8.377   1.00 15.34  ? 180 VAL G N   1 
ATOM   348 C  CA  . VAL G  1 4 ? -3.999  -3.945  8.262   1.00 16.10  ? 180 VAL G CA  1 
ATOM   349 C  C   . VAL G  1 4 ? -2.581  -4.129  8.687   1.00 15.85  ? 180 VAL G C   1 
ATOM   350 O  O   . VAL G  1 4 ? -1.736  -3.253  8.480   1.00 15.61  ? 180 VAL G O   1 
ATOM   351 C  CB  . VAL G  1 4 ? -4.186  -4.474  6.805   1.00 17.66  ? 180 VAL G CB  1 
ATOM   352 C  CG1 . VAL G  1 4 ? -5.642  -4.594  6.505   1.00 22.46  ? 180 VAL G CG1 1 
ATOM   353 C  CG2 . VAL G  1 4 ? -3.430  -3.666  5.753   1.00 17.65  ? 180 VAL G CG2 1 
ATOM   354 N  N   . ASN G  1 5 ? -2.340  -5.250  9.358   1.00 15.99  ? 181 ASN G N   1 
ATOM   355 C  CA  . ASN G  1 5 ? -0.932  -5.632  9.651   1.00 14.03  ? 181 ASN G CA  1 
ATOM   356 C  C   . ASN G  1 5 ? -0.112  -6.107  8.448   1.00 17.66  ? 181 ASN G C   1 
ATOM   357 O  O   . ASN G  1 5 ? -0.647  -6.755  7.550   1.00 17.28  ? 181 ASN G O   1 
ATOM   358 C  CB  . ASN G  1 5 ? -0.891  -6.740  10.699  1.00 15.42  ? 181 ASN G CB  1 
ATOM   359 C  CG  . ASN G  1 5 ? -1.264  -6.275  12.052  1.00 18.18  ? 181 ASN G CG  1 
ATOM   360 O  OD1 . ASN G  1 5 ? -0.965  -5.146  12.430  1.00 22.93  ? 181 ASN G OD1 1 
ATOM   361 N  ND2 . ASN G  1 5 ? -1.894  -7.174  12.829  1.00 22.73  ? 181 ASN G ND2 1 
ATOM   362 N  N   . ILE G  1 6 ? 1.123   -5.585  8.356   1.00 15.12  ? 182 ILE G N   1 
ATOM   363 C  CA  . ILE G  1 6 ? 2.089   -5.995  7.348   1.00 20.94  ? 182 ILE G CA  1 
ATOM   364 C  C   . ILE G  1 6 ? 3.407   -6.468  7.913   1.00 21.35  ? 182 ILE G C   1 
ATOM   365 O  O   . ILE G  1 6 ? 3.670   -6.310  9.118   1.00 21.43  ? 182 ILE G O   1 
ATOM   366 C  CB  . ILE G  1 6 ? 2.297   -4.916  6.292   1.00 20.28  ? 182 ILE G CB  1 
ATOM   367 C  CG1 . ILE G  1 6 ? 2.951   -3.675  6.889   1.00 18.86  ? 182 ILE G CG1 1 
ATOM   368 C  CG2 . ILE G  1 6 ? 0.954   -4.482  5.678   1.00 20.02  ? 182 ILE G CG2 1 
ATOM   369 C  CD1 . ILE G  1 6 ? 3.522   -2.655  5.855   1.00 20.09  ? 182 ILE G CD1 1 
ATOM   370 O  OXT . ILE G  1 6 ? 4.221   -7.015  7.170   1.00 24.67  ? 182 ILE G OXT 1 
ATOM   371 N  N   . GLU H  2 1 ? 4.169   -4.131  11.676  1.00 15.97  ? 211 GLU H N   1 
ATOM   372 C  CA  A GLU H  2 1 ? 3.834   -2.707  11.399  0.50 15.77  ? 211 GLU H CA  1 
ATOM   373 C  CA  B GLU H  2 1 ? 3.938   -2.758  11.169  0.50 14.24  ? 211 GLU H CA  1 
ATOM   374 C  C   . GLU H  2 1 ? 2.513   -2.761  10.665  1.00 14.13  ? 211 GLU H C   1 
ATOM   375 O  O   . GLU H  2 1 ? 2.012   -3.851  10.341  1.00 16.65  ? 211 GLU H O   1 
ATOM   376 C  CB  A GLU H  2 1 ? 4.912   -1.944  10.599  0.50 16.21  ? 211 GLU H CB  1 
ATOM   377 C  CB  B GLU H  2 1 ? 4.929   -2.432  10.048  0.50 13.85  ? 211 GLU H CB  1 
ATOM   378 C  CG  A GLU H  2 1 ? 5.024   -2.348  9.145   0.50 17.15  ? 211 GLU H CG  1 
ATOM   379 C  CG  B GLU H  2 1 ? 6.282   -2.129  10.576  0.50 15.08  ? 211 GLU H CG  1 
ATOM   380 C  CD  A GLU H  2 1 ? 6.277   -1.842  8.466   0.50 18.83  ? 211 GLU H CD  1 
ATOM   381 C  CD  B GLU H  2 1 ? 7.296   -1.862  9.485   0.50 14.43  ? 211 GLU H CD  1 
ATOM   382 O  OE1 A GLU H  2 1 ? 6.581   -2.324  7.360   0.50 23.09  ? 211 GLU H OE1 1 
ATOM   383 O  OE1 B GLU H  2 1 ? 8.491   -1.947  9.789   0.50 13.32  ? 211 GLU H OE1 1 
ATOM   384 O  OE2 A GLU H  2 1 ? 6.969   -0.963  9.028   0.50 20.09  ? 211 GLU H OE2 1 
ATOM   385 O  OE2 B GLU H  2 1 ? 6.905   -1.580  8.328   0.50 12.99  ? 211 GLU H OE2 1 
ATOM   386 N  N   . GLN H  2 2 ? 1.879   -1.603  10.573  1.00 14.33  ? 212 GLN H N   1 
ATOM   387 C  CA  . GLN H  2 2 ? 0.562   -1.497  9.993   1.00 14.20  ? 212 GLN H CA  1 
ATOM   388 C  C   . GLN H  2 2 ? 0.511   -0.493  8.892   1.00 12.66  ? 212 GLN H C   1 
ATOM   389 O  O   . GLN H  2 2 ? 1.237   0.502   8.882   1.00 15.07  ? 212 GLN H O   1 
ATOM   390 C  CB  . GLN H  2 2 ? -0.450  -1.048  11.024  1.00 15.41  ? 212 GLN H CB  1 
ATOM   391 C  CG  . GLN H  2 2 ? -0.574  -1.945  12.195  1.00 17.66  ? 212 GLN H CG  1 
ATOM   392 C  CD  . GLN H  2 2 ? -1.871  -1.680  12.948  1.00 19.42  ? 212 GLN H CD  1 
ATOM   393 O  OE1 . GLN H  2 2 ? -2.146  -0.551  13.329  1.00 21.64  ? 212 GLN H OE1 1 
ATOM   394 N  NE2 . GLN H  2 2 ? -2.677  -2.709  13.135  1.00 19.13  ? 212 GLN H NE2 1 
ATOM   395 N  N   . MET H  2 3 ? -0.349  -0.790  7.944   1.00 14.52  ? 213 MET H N   1 
ATOM   396 C  CA  . MET H  2 3 ? -0.724  0.154   6.922   1.00 15.04  ? 213 MET H CA  1 
ATOM   397 C  C   . MET H  2 3 ? -2.162  0.561   7.189   1.00 14.79  ? 213 MET H C   1 
ATOM   398 O  O   . MET H  2 3 ? -3.043  -0.301  7.276   1.00 14.88  ? 213 MET H O   1 
ATOM   399 C  CB  . MET H  2 3 ? -0.625  -0.492  5.575   1.00 17.94  ? 213 MET H CB  1 
ATOM   400 C  CG  . MET H  2 3 ? -0.850  0.406   4.464   1.00 21.10  ? 213 MET H CG  1 
ATOM   401 S  SD  . MET H  2 3 ? -0.548  -0.338  2.863   1.00 35.10  ? 213 MET H SD  1 
ATOM   402 C  CE  . MET H  2 3 ? 0.814   -1.460  3.174   1.00 29.25  ? 213 MET H CE  1 
ATOM   403 N  N   . CYS H  2 4 ? -2.366  1.868   7.305   1.00 14.28  ? 214 CYS H N   1 
ATOM   404 C  CA  . CYS H  2 4 ? -3.662  2.443   7.645   1.00 15.21  ? 214 CYS H CA  1 
ATOM   405 C  C   . CYS H  2 4 ? -4.069  3.505   6.601   1.00 16.36  ? 214 CYS H C   1 
ATOM   406 O  O   . CYS H  2 4 ? -3.259  4.285   6.175   1.00 18.22  ? 214 CYS H O   1 
ATOM   407 C  CB  . CYS H  2 4 ? -3.653  3.111   9.033   1.00 17.28  ? 214 CYS H CB  1 
ATOM   408 S  SG  . CYS H  2 4 ? -3.216  2.044   10.392  1.00 21.31  ? 214 CYS H SG  1 
ATOM   409 N  N   . ILE H  2 5 ? -5.332  3.468   6.200   1.00 19.26  ? 215 ILE H N   1 
ATOM   410 C  CA  . ILE H  2 5 ? -5.891  4.450   5.290   1.00 20.84  ? 215 ILE H CA  1 
ATOM   411 C  C   . ILE H  2 5 ? -6.843  5.308   6.044   1.00 23.49  ? 215 ILE H C   1 
ATOM   412 O  O   . ILE H  2 5 ? -7.770  4.806   6.652   1.00 26.33  ? 215 ILE H O   1 
ATOM   413 C  CB  . ILE H  2 5 ? -6.713  3.809   4.186   1.00 22.45  ? 215 ILE H CB  1 
ATOM   414 C  CG1 . ILE H  2 5 ? -5.898  2.729   3.505   1.00 21.08  ? 215 ILE H CG1 1 
ATOM   415 C  CG2 . ILE H  2 5 ? -7.148  4.822   3.143   1.00 23.49  ? 215 ILE H CG2 1 
ATOM   416 C  CD1 . ILE H  2 5 ? -4.628  3.194   2.898   1.00 24.13  ? 215 ILE H CD1 1 
ATOM   417 N  N   . THR H  2 6 ? -6.642  6.611   5.973   1.00 25.51  ? 216 THR H N   1 
ATOM   418 C  CA  . THR H  2 6 ? -7.530  7.548   6.646   1.00 30.14  ? 216 THR H CA  1 
ATOM   419 C  C   . THR H  2 6 ? -7.934  8.606   5.644   1.00 30.85  ? 216 THR H C   1 
ATOM   420 O  O   . THR H  2 6 ? -7.283  8.780   4.629   1.00 28.37  ? 216 THR H O   1 
ATOM   421 C  CB  . THR H  2 6 ? -6.826  8.204   7.830   1.00 31.63  ? 216 THR H CB  1 
ATOM   422 O  OG1 . THR H  2 6 ? -5.536  8.651   7.416   1.00 36.31  ? 216 THR H OG1 1 
ATOM   423 C  CG2 . THR H  2 6 ? -6.666  7.193   8.982   1.00 33.38  ? 216 THR H CG2 1 
ATOM   424 O  OXT . THR H  2 6 ? -8.933  9.268   5.799   1.00 33.22  ? 216 THR H OXT 1 
ATOM   425 N  N   . HIS I  1 1 ? -8.554  -12.534 2.831   1.00 22.52  ? 177 HIS I N   1 
ATOM   426 C  CA  A HIS I  1 1 ? -7.331  -11.794 3.264   0.50 19.72  ? 177 HIS I CA  1 
ATOM   427 C  CA  B HIS I  1 1 ? -7.351  -11.724 3.122   0.50 20.86  ? 177 HIS I CA  1 
ATOM   428 C  C   . HIS I  1 1 ? -7.776  -10.522 3.986   1.00 19.61  ? 177 HIS I C   1 
ATOM   429 O  O   . HIS I  1 1 ? -8.988  -10.206 4.038   1.00 21.01  ? 177 HIS I O   1 
ATOM   430 C  CB  A HIS I  1 1 ? -6.451  -11.383 2.080   0.50 19.39  ? 177 HIS I CB  1 
ATOM   431 C  CB  B HIS I  1 1 ? -6.694  -11.258 1.808   0.50 20.93  ? 177 HIS I CB  1 
ATOM   432 C  CG  A HIS I  1 1 ? -6.040  -12.524 1.204   0.50 20.58  ? 177 HIS I CG  1 
ATOM   433 C  CG  B HIS I  1 1 ? -7.633  -11.167 0.630   0.50 24.97  ? 177 HIS I CG  1 
ATOM   434 N  ND1 A HIS I  1 1 ? -6.638  -12.781 -0.012  0.50 21.90  ? 177 HIS I ND1 1 
ATOM   435 N  ND1 B HIS I  1 1 ? -7.186  -10.901 -0.648  0.50 26.59  ? 177 HIS I ND1 1 
ATOM   436 C  CD2 A HIS I  1 1 ? -5.096  -13.477 1.373   0.50 23.07  ? 177 HIS I CD2 1 
ATOM   437 C  CD2 B HIS I  1 1 ? -8.986  -11.251 0.541   0.50 25.02  ? 177 HIS I CD2 1 
ATOM   438 C  CE1 A HIS I  1 1 ? -6.092  -13.861 -0.542  0.50 21.71  ? 177 HIS I CE1 1 
ATOM   439 C  CE1 B HIS I  1 1 ? -8.214  -10.868 -1.479  0.50 27.95  ? 177 HIS I CE1 1 
ATOM   440 N  NE2 A HIS I  1 1 ? -5.121  -14.272 0.253   0.50 24.02  ? 177 HIS I NE2 1 
ATOM   441 N  NE2 B HIS I  1 1 ? -9.320  -11.068 -0.780  0.50 25.31  ? 177 HIS I NE2 1 
ATOM   442 N  N   . ASP I  1 2 ? -6.813  -9.880  4.668   1.00 17.43  ? 178 ASP I N   1 
ATOM   443 C  CA  . ASP I  1 2 ? -7.043  -8.628  5.359   1.00 15.16  ? 178 ASP I CA  1 
ATOM   444 C  C   . ASP I  1 2 ? -6.873  -7.465  4.395   1.00 12.39  ? 178 ASP I C   1 
ATOM   445 O  O   . ASP I  1 2 ? -5.880  -7.353  3.699   1.00 14.22  ? 178 ASP I O   1 
ATOM   446 C  CB  . ASP I  1 2 ? -6.083  -8.447  6.524   1.00 16.38  ? 178 ASP I CB  1 
ATOM   447 C  CG  . ASP I  1 2 ? -6.284  -9.477  7.603   1.00 16.39  ? 178 ASP I CG  1 
ATOM   448 O  OD1 . ASP I  1 2 ? -7.437  -9.697  7.950   1.00 19.26  ? 178 ASP I OD1 1 
ATOM   449 O  OD2 . ASP I  1 2 ? -5.309  -10.051 8.090   1.00 21.91  ? 178 ASP I OD2 1 
ATOM   450 N  N   . CYS I  1 3 ? -7.906  -6.631  4.358   1.00 14.38  ? 179 CYS I N   1 
ATOM   451 C  CA  . CYS I  1 3 ? -7.986  -5.523  3.438   1.00 13.44  ? 179 CYS I CA  1 
ATOM   452 C  C   . CYS I  1 3 ? -8.356  -4.246  4.144   1.00 14.00  ? 179 CYS I C   1 
ATOM   453 O  O   . CYS I  1 3 ? -8.956  -4.246  5.218   1.00 14.93  ? 179 CYS I O   1 
ATOM   454 C  CB  . CYS I  1 3 ? -9.006  -5.828  2.355   1.00 16.62  ? 179 CYS I CB  1 
ATOM   455 S  SG  . CYS I  1 3 ? -8.833  -7.460  1.529   1.00 15.65  ? 179 CYS I SG  1 
ATOM   456 N  N   . VAL I  1 4 ? -8.146  -3.157  3.410   1.00 14.71  ? 180 VAL I N   1 
ATOM   457 C  CA  . VAL I  1 4 ? -8.685  -1.833  3.720   1.00 16.39  ? 180 VAL I CA  1 
ATOM   458 C  C   . VAL I  1 4 ? -9.317  -1.266  2.460   1.00 17.17  ? 180 VAL I C   1 
ATOM   459 O  O   . VAL I  1 4 ? -8.906  -1.529  1.341   1.00 17.16  ? 180 VAL I O   1 
ATOM   460 C  CB  . VAL I  1 4 ? -7.586  -0.874  4.265   1.00 19.04  ? 180 VAL I CB  1 
ATOM   461 C  CG1 . VAL I  1 4 ? -7.029  -1.395  5.588   1.00 23.54  ? 180 VAL I CG1 1 
ATOM   462 C  CG2 . VAL I  1 4 ? -6.472  -0.701  3.247   1.00 21.12  ? 180 VAL I CG2 1 
ATOM   463 N  N   . ASN I  1 5 ? -10.322 -0.443  2.645   1.00 17.85  ? 181 ASN I N   1 
ATOM   464 C  CA  . ASN I  1 5 ? -10.888 0.261   1.543   1.00 19.55  ? 181 ASN I CA  1 
ATOM   465 C  C   . ASN I  1 5 ? -9.973  1.400   1.143   1.00 20.31  ? 181 ASN I C   1 
ATOM   466 O  O   . ASN I  1 5 ? -9.415  2.053   2.010   1.00 21.93  ? 181 ASN I O   1 
ATOM   467 C  CB  . ASN I  1 5 ? -12.206 0.840   2.007   1.00 21.99  ? 181 ASN I CB  1 
ATOM   468 C  CG  . ASN I  1 5 ? -13.242 0.783   0.946   1.00 29.30  ? 181 ASN I CG  1 
ATOM   469 O  OD1 . ASN I  1 5 ? -13.570 -0.303  0.442   1.00 35.88  ? 181 ASN I OD1 1 
ATOM   470 N  ND2 . ASN I  1 5 ? -13.752 1.961   0.560   1.00 36.69  ? 181 ASN I ND2 1 
ATOM   471 N  N   . ILE I  1 6 ? -9.860  1.676   -0.152  1.00 21.64  ? 182 ILE I N   1 
ATOM   472 C  CA  A ILE I  1 6 ? -9.019  2.752   -0.667  0.70 24.30  ? 182 ILE I CA  1 
ATOM   473 C  CA  B ILE I  1 6 ? -9.126  2.864   -0.586  0.30 22.81  ? 182 ILE I CA  1 
ATOM   474 C  C   . ILE I  1 6 ? -9.828  3.562   -1.723  1.00 25.86  ? 182 ILE I C   1 
ATOM   475 O  O   . ILE I  1 6 ? -10.871 3.101   -2.229  1.00 27.83  ? 182 ILE I O   1 
ATOM   476 C  CB  A ILE I  1 6 ? -7.677  2.139   -1.177  0.70 25.73  ? 182 ILE I CB  1 
ATOM   477 C  CB  B ILE I  1 6 ? -7.693  2.567   -1.047  0.30 22.41  ? 182 ILE I CB  1 
ATOM   478 C  CG1 A ILE I  1 6 ? -6.521  3.141   -1.172  0.70 28.22  ? 182 ILE I CG1 1 
ATOM   479 C  CG1 B ILE I  1 6 ? -7.655  1.429   -2.071  0.30 20.15  ? 182 ILE I CG1 1 
ATOM   480 C  CG2 A ILE I  1 6 ? -7.835  1.495   -2.537  0.70 26.25  ? 182 ILE I CG2 1 
ATOM   481 C  CG2 B ILE I  1 6 ? -6.812  2.241   0.123   0.30 20.61  ? 182 ILE I CG2 1 
ATOM   482 C  CD1 A ILE I  1 6 ? -5.186  2.502   -1.575  0.70 26.96  ? 182 ILE I CD1 1 
ATOM   483 C  CD1 B ILE I  1 6 ? -6.573  1.636   -3.102  0.30 16.65  ? 182 ILE I CD1 1 
ATOM   484 O  OXT A ILE I  1 6 ? -9.587  4.766   -1.887  0.70 28.92  ? 182 ILE I OXT 1 
ATOM   485 O  OXT B ILE I  1 6 ? -9.315  4.556   -2.250  0.30 27.39  ? 182 ILE I OXT 1 
ATOM   486 N  N   . GLU J  2 1 ? -13.011 -0.072  -4.080  1.00 21.44  ? 211 GLU J N   1 
ATOM   487 C  CA  . GLU J  2 1 ? -11.583 -0.517  -4.321  1.00 18.58  ? 211 GLU J CA  1 
ATOM   488 C  C   . GLU J  2 1 ? -10.934 -0.860  -2.977  1.00 16.67  ? 211 GLU J C   1 
ATOM   489 O  O   . GLU J  2 1 ? -11.146 -0.210  -1.983  1.00 17.89  ? 211 GLU J O   1 
ATOM   490 C  CB  . GLU J  2 1 ? -10.810 0.606   -4.998  1.00 19.62  ? 211 GLU J CB  1 
ATOM   491 C  CG  . GLU J  2 1 ? -9.425  0.296   -5.443  1.00 18.26  ? 211 GLU J CG  1 
ATOM   492 C  CD  . GLU J  2 1 ? -8.704  1.511   -6.064  1.00 18.96  ? 211 GLU J CD  1 
ATOM   493 O  OE1 . GLU J  2 1 ? -7.642  1.326   -6.673  1.00 23.20  ? 211 GLU J OE1 1 
ATOM   494 O  OE2 . GLU J  2 1 ? -9.127  2.652   -5.879  1.00 25.73  ? 211 GLU J OE2 1 
ATOM   495 N  N   . GLN J  2 2 ? -10.138 -1.915  -2.991  1.00 15.40  ? 212 GLN J N   1 
ATOM   496 C  CA  . GLN J  2 2 ? -9.520  -2.455  -1.814  1.00 14.86  ? 212 GLN J CA  1 
ATOM   497 C  C   . GLN J  2 2 ? -8.034  -2.669  -1.990  1.00 13.65  ? 212 GLN J C   1 
ATOM   498 O  O   . GLN J  2 2 ? -7.556  -2.990  -3.073  1.00 15.40  ? 212 GLN J O   1 
ATOM   499 C  CB  . GLN J  2 2 ? -10.148 -3.798  -1.463  1.00 14.94  ? 212 GLN J CB  1 
ATOM   500 C  CG  . GLN J  2 2 ? -11.519 -3.740  -0.865  1.00 18.90  ? 212 GLN J CG  1 
ATOM   501 C  CD  . GLN J  2 2 ? -12.085 -5.095  -0.605  1.00 21.54  ? 212 GLN J CD  1 
ATOM   502 O  OE1 . GLN J  2 2 ? -12.327 -5.849  -1.543  1.00 27.69  ? 212 GLN J OE1 1 
ATOM   503 N  NE2 . GLN J  2 2 ? -12.170 -5.464  0.658   1.00 22.77  ? 212 GLN J NE2 1 
ATOM   504 N  N   . MET J  2 3 ? -7.316  -2.480  -0.885  1.00 13.71  ? 213 MET J N   1 
ATOM   505 C  CA  A MET J  2 3 ? -5.937  -2.922  -0.807  0.50 14.61  ? 213 MET J CA  1 
ATOM   506 C  CA  B MET J  2 3 ? -5.925  -2.892  -0.773  0.50 14.80  ? 213 MET J CA  1 
ATOM   507 C  C   . MET J  2 3 ? -5.865  -4.055  0.213   1.00 13.64  ? 213 MET J C   1 
ATOM   508 O  O   . MET J  2 3 ? -6.318  -3.913  1.339   1.00 14.64  ? 213 MET J O   1 
ATOM   509 C  CB  A MET J  2 3 ? -5.037  -1.762  -0.410  0.50 15.87  ? 213 MET J CB  1 
ATOM   510 C  CB  B MET J  2 3 ? -5.098  -1.729  -0.238  0.50 16.36  ? 213 MET J CB  1 
ATOM   511 C  CG  A MET J  2 3 ? -3.628  -2.140  -0.270  0.50 20.29  ? 213 MET J CG  1 
ATOM   512 C  CG  B MET J  2 3 ? -3.671  -2.051  -0.082  0.50 20.98  ? 213 MET J CG  1 
ATOM   513 S  SD  A MET J  2 3 ? -3.346  -2.912  1.319   0.50 22.88  ? 213 MET J SD  1 
ATOM   514 S  SD  B MET J  2 3 ? -2.728  -0.721  0.666   0.50 29.20  ? 213 MET J SD  1 
ATOM   515 C  CE  A MET J  2 3 ? -3.529  -1.489  2.392   0.50 23.82  ? 213 MET J CE  1 
ATOM   516 C  CE  B MET J  2 3 ? -3.532  0.717   -0.012  0.50 18.36  ? 213 MET J CE  1 
ATOM   517 N  N   . CYS J  2 4 ? -5.388  -5.209  -0.236  1.00 12.43  ? 214 CYS J N   1 
ATOM   518 C  CA  . CYS J  2 4 ? -5.362  -6.408  0.568   1.00 13.21  ? 214 CYS J CA  1 
ATOM   519 C  C   . CYS J  2 4 ? -3.954  -6.953  0.710   1.00 13.88  ? 214 CYS J C   1 
ATOM   520 O  O   . CYS J  2 4 ? -3.149  -6.846  -0.198  1.00 14.92  ? 214 CYS J O   1 
ATOM   521 C  CB  . CYS J  2 4 ? -6.232  -7.507  -0.060  1.00 15.98  ? 214 CYS J CB  1 
ATOM   522 S  SG  . CYS J  2 4 ? -7.999  -7.079  -0.255  1.00 14.78  ? 214 CYS J SG  1 
ATOM   523 N  N   . ILE J  2 5 ? -3.684  -7.532  1.875   1.00 12.61  ? 215 ILE J N   1 
ATOM   524 C  CA  . ILE J  2 5 ? -2.425  -8.187  2.146   1.00 14.14  ? 215 ILE J CA  1 
ATOM   525 C  C   . ILE J  2 5 ? -2.639  -9.667  2.053   1.00 15.32  ? 215 ILE J C   1 
ATOM   526 O  O   . ILE J  2 5 ? -3.518  -10.227 2.689   1.00 18.30  ? 215 ILE J O   1 
ATOM   527 C  CB  . ILE J  2 5 ? -1.843  -7.784  3.531   1.00 15.82  ? 215 ILE J CB  1 
ATOM   528 C  CG1 . ILE J  2 5 ? -1.831  -6.256  3.707   1.00 17.37  ? 215 ILE J CG1 1 
ATOM   529 C  CG2 . ILE J  2 5 ? -0.513  -8.409  3.818   1.00 16.44  ? 215 ILE J CG2 1 
ATOM   530 C  CD1 . ILE J  2 5 ? -1.000  -5.476  2.714   1.00 17.54  ? 215 ILE J CD1 1 
ATOM   531 N  N   . THR J  2 6 ? -1.801  -10.262 1.200   1.00 18.52  ? 216 THR J N   1 
ATOM   532 C  CA  . THR J  2 6 ? -1.919  -11.660 0.851   1.00 24.28  ? 216 THR J CA  1 
ATOM   533 C  C   . THR J  2 6 ? -0.618  -12.343 1.201   1.00 25.13  ? 216 THR J C   1 
ATOM   534 O  O   . THR J  2 6 ? 0.437   -11.715 1.244   1.00 26.33  ? 216 THR J O   1 
ATOM   535 C  CB  . THR J  2 6 ? -2.216  -11.862 -0.683  1.00 25.49  ? 216 THR J CB  1 
ATOM   536 O  OG1 . THR J  2 6 ? -1.132  -11.412 -1.486  1.00 32.75  ? 216 THR J OG1 1 
ATOM   537 C  CG2 . THR J  2 6 ? -3.440  -11.114 -1.094  1.00 27.96  ? 216 THR J CG2 1 
ATOM   538 O  OXT . THR J  2 6 ? -0.606  -13.539 1.429   1.00 29.55  ? 216 THR J OXT 1 
ATOM   539 N  N   . HIS K  1 1 ? -3.605  -9.343  -11.984 1.00 17.04  ? 177 HIS K N   1 
ATOM   540 C  CA  A HIS K  1 1 ? -3.151  -9.146  -10.588 0.50 17.13  ? 177 HIS K CA  1 
ATOM   541 C  CA  B HIS K  1 1 ? -3.331  -9.032  -10.590 0.50 16.18  ? 177 HIS K CA  1 
ATOM   542 C  C   . HIS K  1 1 ? -2.491  -7.781  -10.536 1.00 15.04  ? 177 HIS K C   1 
ATOM   543 O  O   . HIS K  1 1 ? -1.779  -7.430  -11.470 1.00 16.58  ? 177 HIS K O   1 
ATOM   544 C  CB  A HIS K  1 1 ? -2.169  -10.243 -10.135 0.50 20.03  ? 177 HIS K CB  1 
ATOM   545 C  CB  B HIS K  1 1 ? -2.613  -10.176 -9.871  0.50 17.71  ? 177 HIS K CB  1 
ATOM   546 C  CG  A HIS K  1 1 ? -0.918  -10.323 -10.958 0.50 24.14  ? 177 HIS K CG  1 
ATOM   547 C  CG  B HIS K  1 1 ? -3.442  -11.407 -9.696  0.50 22.88  ? 177 HIS K CG  1 
ATOM   548 N  ND1 A HIS K  1 1 ? -0.760  -11.220 -11.994 0.50 28.15  ? 177 HIS K ND1 1 
ATOM   549 N  ND1 B HIS K  1 1 ? -3.093  -12.623 -10.247 0.50 26.05  ? 177 HIS K ND1 1 
ATOM   550 C  CD2 A HIS K  1 1 ? 0.213   -9.575  -10.933 0.50 28.26  ? 177 HIS K CD2 1 
ATOM   551 C  CD2 B HIS K  1 1 ? -4.587  -11.618 -9.006  0.50 27.94  ? 177 HIS K CD2 1 
ATOM   552 C  CE1 A HIS K  1 1 ? 0.414   -11.023 -12.571 0.50 29.23  ? 177 HIS K CE1 1 
ATOM   553 C  CE1 B HIS K  1 1 ? -4.005  -13.523 -9.924  0.50 25.83  ? 177 HIS K CE1 1 
ATOM   554 N  NE2 A HIS K  1 1 ? 1.017   -10.019 -11.957 0.50 29.26  ? 177 HIS K NE2 1 
ATOM   555 N  NE2 B HIS K  1 1 ? -4.893  -12.950 -9.128  0.50 24.46  ? 177 HIS K NE2 1 
ATOM   556 N  N   . ASP K  1 2 ? -2.704  -7.048  -9.458  1.00 13.25  ? 178 ASP K N   1 
ATOM   557 C  CA  . ASP K  1 2 ? -2.145  -5.741  -9.295  1.00 11.67  ? 178 ASP K CA  1 
ATOM   558 C  C   . ASP K  1 2 ? -1.525  -5.674  -7.917  1.00 11.99  ? 178 ASP K C   1 
ATOM   559 O  O   . ASP K  1 2 ? -2.131  -5.267  -6.953  1.00 13.19  ? 178 ASP K O   1 
ATOM   560 C  CB  . ASP K  1 2 ? -3.274  -4.758  -9.499  1.00 12.12  ? 178 ASP K CB  1 
ATOM   561 C  CG  . ASP K  1 2 ? -2.881  -3.297  -9.385  1.00 11.21  ? 178 ASP K CG  1 
ATOM   562 O  OD1 . ASP K  1 2 ? -3.836  -2.489  -9.210  1.00 14.30  ? 178 ASP K OD1 1 
ATOM   563 O  OD2 . ASP K  1 2 ? -1.698  -2.945  -9.541  1.00 13.85  ? 178 ASP K OD2 1 
ATOM   564 N  N   . CYS K  1 3 ? -0.296  -6.163  -7.836  1.00 12.28  ? 179 CYS K N   1 
ATOM   565 C  CA  . CYS K  1 3 ? 0.341   -6.533  -6.568  1.00 12.78  ? 179 CYS K CA  1 
ATOM   566 C  C   . CYS K  1 3 ? 1.812   -6.201  -6.584  1.00 13.53  ? 179 CYS K C   1 
ATOM   567 O  O   . CYS K  1 3 ? 2.499   -6.370  -7.611  1.00 14.84  ? 179 CYS K O   1 
ATOM   568 C  CB  . CYS K  1 3 ? 0.220   -8.046  -6.272  1.00 14.12  ? 179 CYS K CB  1 
ATOM   569 S  SG  . CYS K  1 3 ? -1.400  -8.782  -6.324  1.00 15.91  ? 179 CYS K SG  1 
ATOM   570 N  N   . VAL K  1 4 ? 2.341   -5.926  -5.390  1.00 13.52  ? 180 VAL K N   1 
ATOM   571 C  CA  . VAL K  1 4 ? 3.783   -5.841  -5.159  1.00 13.38  ? 180 VAL K CA  1 
ATOM   572 C  C   . VAL K  1 4 ? 4.137   -6.571  -3.891  1.00 13.77  ? 180 VAL K C   1 
ATOM   573 O  O   . VAL K  1 4 ? 3.387   -6.627  -2.954  1.00 14.58  ? 180 VAL K O   1 
ATOM   574 C  CB  . VAL K  1 4 ? 4.295   -4.367  -5.076  1.00 15.41  ? 180 VAL K CB  1 
ATOM   575 C  CG1 . VAL K  1 4 ? 4.308   -3.734  -6.424  1.00 19.22  ? 180 VAL K CG1 1 
ATOM   576 C  CG2 . VAL K  1 4 ? 3.488   -3.574  -4.090  1.00 19.38  ? 180 VAL K CG2 1 
ATOM   577 N  N   . ASN K  1 5 ? 5.276   -7.221  -3.871  1.00 14.52  ? 181 ASN K N   1 
ATOM   578 C  CA  . ASN K  1 5 ? 5.848   -7.776  -2.653  1.00 14.50  ? 181 ASN K CA  1 
ATOM   579 C  C   . ASN K  1 5 ? 6.182   -6.673  -1.657  1.00 18.45  ? 181 ASN K C   1 
ATOM   580 O  O   . ASN K  1 5 ? 6.882   -5.724  -1.984  1.00 20.95  ? 181 ASN K O   1 
ATOM   581 C  CB  . ASN K  1 5 ? 7.141   -8.563  -2.981  1.00 16.08  ? 181 ASN K CB  1 
ATOM   582 C  CG  . ASN K  1 5 ? 6.892   -9.843  -3.693  1.00 18.06  ? 181 ASN K CG  1 
ATOM   583 O  OD1 . ASN K  1 5 ? 5.764   -10.272 -3.848  1.00 22.15  ? 181 ASN K OD1 1 
ATOM   584 N  ND2 . ASN K  1 5 ? 7.992   -10.548 -4.020  1.00 21.32  ? 181 ASN K ND2 1 
ATOM   585 N  N   . ILE K  1 6 ? 5.723   -6.856  -0.423  1.00 18.47  ? 182 ILE K N   1 
ATOM   586 C  CA  A ILE K  1 6 ? 5.818   -5.902  0.668   0.30 20.29  ? 182 ILE K CA  1 
ATOM   587 C  CA  B ILE K  1 6 ? 6.024   -5.881  0.638   0.70 21.48  ? 182 ILE K CA  1 
ATOM   588 C  C   . ILE K  1 6 ? 6.381   -6.574  1.949   1.00 21.86  ? 182 ILE K C   1 
ATOM   589 O  O   . ILE K  1 6 ? 6.711   -5.901  2.923   1.00 25.67  ? 182 ILE K O   1 
ATOM   590 C  CB  A ILE K  1 6 ? 4.410   -5.326  0.963   0.30 19.88  ? 182 ILE K CB  1 
ATOM   591 C  CB  B ILE K  1 6 ? 4.834   -4.929  0.973   0.70 21.18  ? 182 ILE K CB  1 
ATOM   592 C  CG1 A ILE K  1 6 ? 4.506   -4.071  1.814   0.30 18.02  ? 182 ILE K CG1 1 
ATOM   593 C  CG1 B ILE K  1 6 ? 3.645   -5.750  1.488   0.70 22.26  ? 182 ILE K CG1 1 
ATOM   594 C  CG2 A ILE K  1 6 ? 3.515   -6.368  1.638   0.30 17.51  ? 182 ILE K CG2 1 
ATOM   595 C  CG2 B ILE K  1 6 ? 4.456   -4.070  -0.216  0.70 21.86  ? 182 ILE K CG2 1 
ATOM   596 C  CD1 A ILE K  1 6 ? 3.570   -2.990  1.381   0.30 14.88  ? 182 ILE K CD1 1 
ATOM   597 C  CD1 B ILE K  1 6 ? 2.831   -5.029  2.505   0.70 24.39  ? 182 ILE K CD1 1 
ATOM   598 O  OXT A ILE K  1 6 ? 6.505   -7.796  2.049   0.30 22.65  ? 182 ILE K OXT 1 
ATOM   599 O  OXT B ILE K  1 6 ? 6.260   -7.794  2.135   0.70 21.58  ? 182 ILE K OXT 1 
ATOM   600 N  N   . GLU L  2 1 ? 4.430   -12.370 0.978   1.00 19.70  ? 211 GLU L N   1 
ATOM   601 C  CA  . GLU L  2 1 ? 3.567   -11.265 1.467   1.00 17.63  ? 211 GLU L CA  1 
ATOM   602 C  C   . GLU L  2 1 ? 3.515   -10.191 0.396   1.00 16.46  ? 211 GLU L C   1 
ATOM   603 O  O   . GLU L  2 1 ? 4.526   -9.644  -0.007  1.00 17.18  ? 211 GLU L O   1 
ATOM   604 C  CB  . GLU L  2 1 ? 4.154   -10.689 2.752   1.00 19.54  ? 211 GLU L CB  1 
ATOM   605 C  CG  . GLU L  2 1 ? 3.233   -9.738  3.427   1.00 21.81  ? 211 GLU L CG  1 
ATOM   606 C  CD  . GLU L  2 1 ? 3.825   -9.118  4.672   1.00 25.72  ? 211 GLU L CD  1 
ATOM   607 O  OE1 . GLU L  2 1 ? 4.710   -9.735  5.295   1.00 26.58  ? 211 GLU L OE1 1 
ATOM   608 O  OE2 . GLU L  2 1 ? 3.359   -8.016  5.027   1.00 23.68  ? 211 GLU L OE2 1 
ATOM   609 N  N   . GLN L  2 2 ? 2.319   -9.942  -0.095  1.00 15.87  ? 212 GLN L N   1 
ATOM   610 C  CA  A GLN L  2 2 ? 2.083   -8.977  -1.144  0.50 14.45  ? 212 GLN L CA  1 
ATOM   611 C  CA  B GLN L  2 2 ? 2.137   -8.935  -1.098  0.50 14.95  ? 212 GLN L CA  1 
ATOM   612 C  C   . GLN L  2 2 ? 1.008   -8.018  -0.714  1.00 14.82  ? 212 GLN L C   1 
ATOM   613 O  O   . GLN L  2 2 ? 0.132   -8.387  0.043   1.00 14.81  ? 212 GLN L O   1 
ATOM   614 C  CB  A GLN L  2 2 ? 1.605   -9.630  -2.445  0.50 15.60  ? 212 GLN L CB  1 
ATOM   615 C  CB  B GLN L  2 2 ? 1.873   -9.535  -2.482  0.50 16.22  ? 212 GLN L CB  1 
ATOM   616 C  CG  A GLN L  2 2 ? 2.656   -10.427 -3.160  0.50 14.22  ? 212 GLN L CG  1 
ATOM   617 C  CG  B GLN L  2 2 ? 0.815   -10.611 -2.469  0.50 17.40  ? 212 GLN L CG  1 
ATOM   618 C  CD  A GLN L  2 2 ? 2.489   -10.376 -4.628  0.50 16.76  ? 212 GLN L CD  1 
ATOM   619 C  CD  B GLN L  2 2 ? 0.689   -11.333 -3.780  0.50 19.70  ? 212 GLN L CD  1 
ATOM   620 O  OE1 A GLN L  2 2 ? 1.476   -10.826 -5.149  0.50 17.94  ? 212 GLN L OE1 1 
ATOM   621 O  OE1 B GLN L  2 2 ? -0.304  -12.032 -4.050  0.50 23.00  ? 212 GLN L OE1 1 
ATOM   622 N  NE2 A GLN L  2 2 ? 3.517   -9.905  -5.330  0.50 19.77  ? 212 GLN L NE2 1 
ATOM   623 N  NE2 B GLN L  2 2 ? 1.722   -11.230 -4.573  0.50 17.35  ? 212 GLN L NE2 1 
ATOM   624 N  N   . MET L  2 3 ? 1.078   -6.797  -1.257  1.00 13.08  ? 213 MET L N   1 
ATOM   625 C  CA  A MET L  2 3 ? -0.012  -5.817  -1.239  0.75 13.46  ? 213 MET L CA  1 
ATOM   626 C  CA  B MET L  2 3 ? -0.057  -5.905  -1.219  0.25 13.90  ? 213 MET L CA  1 
ATOM   627 C  C   . MET L  2 3 ? -0.672  -5.834  -2.621  1.00 13.42  ? 213 MET L C   1 
ATOM   628 O  O   . MET L  2 3 ? 0.017   -5.642  -3.593  1.00 14.47  ? 213 MET L O   1 
ATOM   629 C  CB  A MET L  2 3 ? 0.562   -4.423  -1.013  0.75 15.77  ? 213 MET L CB  1 
ATOM   630 C  CB  B MET L  2 3 ? 0.372   -4.543  -0.700  0.25 15.05  ? 213 MET L CB  1 
ATOM   631 C  CG  A MET L  2 3 ? -0.483  -3.346  -0.979  0.75 19.19  ? 213 MET L CG  1 
ATOM   632 C  CG  B MET L  2 3 ? -0.752  -3.576  -0.541  0.25 18.09  ? 213 MET L CG  1 
ATOM   633 S  SD  A MET L  2 3 ? 0.115   -1.661  -0.786  0.75 25.98  ? 213 MET L SD  1 
ATOM   634 S  SD  B MET L  2 3 ? -0.960  -2.585  -2.022  0.25 22.76  ? 213 MET L SD  1 
ATOM   635 C  CE  A MET L  2 3 ? 0.959   -1.482  -2.341  0.75 25.61  ? 213 MET L CE  1 
ATOM   636 C  CE  B MET L  2 3 ? 0.104   -1.214  -1.621  0.25 21.47  ? 213 MET L CE  1 
ATOM   637 N  N   . CYS L  2 4 ? -1.975  -6.119  -2.699  1.00 13.33  ? 214 CYS L N   1 
ATOM   638 C  CA  . CYS L  2 4 ? -2.682  -6.179  -3.967  1.00 13.49  ? 214 CYS L CA  1 
ATOM   639 C  C   . CYS L  2 4 ? -3.885  -5.236  -3.939  1.00 13.80  ? 214 CYS L C   1 
ATOM   640 O  O   . CYS L  2 4 ? -4.538  -5.051  -2.913  1.00 16.15  ? 214 CYS L O   1 
ATOM   641 C  CB  . CYS L  2 4 ? -3.188  -7.589  -4.222  1.00 15.95  ? 214 CYS L CB  1 
ATOM   642 S  SG  . CYS L  2 4 ? -1.961  -8.878  -4.373  1.00 16.74  ? 214 CYS L SG  1 
ATOM   643 N  N   . ILE L  2 5 ? -4.209  -4.721  -5.124  1.00 14.93  ? 215 ILE L N   1 
ATOM   644 C  CA  . ILE L  2 5 ? -5.329  -3.840  -5.311  1.00 15.04  ? 215 ILE L CA  1 
ATOM   645 C  C   . ILE L  2 5 ? -6.378  -4.593  -6.087  1.00 15.39  ? 215 ILE L C   1 
ATOM   646 O  O   . ILE L  2 5 ? -6.062  -5.249  -7.090  1.00 17.76  ? 215 ILE L O   1 
ATOM   647 C  CB  . ILE L  2 5 ? -4.888  -2.574  -6.124  1.00 16.72  ? 215 ILE L CB  1 
ATOM   648 C  CG1 . ILE L  2 5 ? -3.671  -1.876  -5.475  1.00 19.90  ? 215 ILE L CG1 1 
ATOM   649 C  CG2 . ILE L  2 5 ? -6.074  -1.647  -6.398  1.00 17.64  ? 215 ILE L CG2 1 
ATOM   650 C  CD1 . ILE L  2 5 ? -3.814  -1.464  -4.030  1.00 21.99  ? 215 ILE L CD1 1 
ATOM   651 N  N   . THR L  2 6 ? -7.623  -4.510  -5.606  1.00 18.33  ? 216 THR L N   1 
ATOM   652 C  CA  . THR L  2 6 ? -8.748  -5.104  -6.324  1.00 20.41  ? 216 THR L CA  1 
ATOM   653 C  C   . THR L  2 6 ? -9.920  -4.114  -6.361  1.00 22.21  ? 216 THR L C   1 
ATOM   654 O  O   . THR L  2 6 ? -10.880 -4.333  -7.130  1.00 23.77  ? 216 THR L O   1 
ATOM   655 C  CB  . THR L  2 6 ? -9.176  -6.461  -5.709  1.00 22.58  ? 216 THR L CB  1 
ATOM   656 O  OG1 . THR L  2 6 ? -9.480  -6.281  -4.337  1.00 23.95  ? 216 THR L OG1 1 
ATOM   657 C  CG2 . THR L  2 6 ? -8.097  -7.541  -5.849  1.00 26.67  ? 216 THR L CG2 1 
ATOM   658 O  OXT . THR L  2 6 ? -9.890  -3.037  -5.710  1.00 21.85  ? 216 THR L OXT 1 
HETATM 659 FE FE  . FE  M  3 . ? -15.070 -4.065  7.009   1.00 19.43  ? 201 FE  G FE  1 
HETATM 660 C  C1  . CIT N  4 . ? -12.546 -3.588  3.699   1.00 25.21  ? 202 CIT G C1  1 
HETATM 661 O  O1  . CIT N  4 . ? -11.807 -3.611  2.696   1.00 28.99  ? 202 CIT G O1  1 
HETATM 662 O  O2  . CIT N  4 . ? -13.638 -3.017  3.644   1.00 30.68  ? 202 CIT G O2  1 
HETATM 663 C  C2  . CIT N  4 . ? -12.130 -4.241  4.970   1.00 20.69  ? 202 CIT G C2  1 
HETATM 664 C  C3  . CIT N  4 . ? -13.022 -5.465  5.215   1.00 18.25  ? 202 CIT G C3  1 
HETATM 665 O  O7  . CIT N  4 . ? -14.375 -5.045  5.433   1.00 16.13  ? 202 CIT G O7  1 
HETATM 666 C  C4  . CIT N  4 . ? -12.582 -6.279  6.424   1.00 18.46  ? 202 CIT G C4  1 
HETATM 667 C  C5  . CIT N  4 . ? -12.510 -5.524  7.715   1.00 23.99  ? 202 CIT G C5  1 
HETATM 668 O  O3  . CIT N  4 . ? -11.546 -5.731  8.496   1.00 28.99  ? 202 CIT G O3  1 
HETATM 669 O  O4  . CIT N  4 . ? -13.454 -4.753  8.028   1.00 21.74  ? 202 CIT G O4  1 
HETATM 670 C  C6  . CIT N  4 . ? -13.014 -6.340  3.972   1.00 21.46  ? 202 CIT G C6  1 
HETATM 671 O  O5  . CIT N  4 . ? -11.949 -6.871  3.630   1.00 23.96  ? 202 CIT G O5  1 
HETATM 672 O  O6  . CIT N  4 . ? -14.059 -6.592  3.325   1.00 21.29  ? 202 CIT G O6  1 
HETATM 673 C  C1  . CIT O  4 . ? -17.553 -0.788  4.301   1.00 22.73  ? 203 CIT G C1  1 
HETATM 674 O  O1  . CIT O  4 . ? -18.159 -1.910  4.330   1.00 21.48  ? 203 CIT G O1  1 
HETATM 675 O  O2  . CIT O  4 . ? -18.044 0.246   3.779   1.00 26.95  ? 203 CIT G O2  1 
HETATM 676 C  C2  . CIT O  4 . ? -16.137 -0.719  4.812   1.00 23.54  ? 203 CIT G C2  1 
HETATM 677 C  C3  . CIT O  4 . ? -15.944 -1.488  6.113   1.00 21.29  ? 203 CIT G C3  1 
HETATM 678 O  O7  . CIT O  4 . ? -16.239 -2.888  5.847   1.00 19.90  ? 203 CIT G O7  1 
HETATM 679 C  C4  . CIT O  4 . ? -16.825 -1.046  7.282   1.00 23.97  ? 203 CIT G C4  1 
HETATM 680 C  C5  . CIT O  4 . ? -16.596 -1.902  8.515   1.00 26.03  ? 203 CIT G C5  1 
HETATM 681 O  O3  . CIT O  4 . ? -17.172 -1.615  9.598   1.00 33.88  ? 203 CIT G O3  1 
HETATM 682 O  O4  . CIT O  4 . ? -15.785 -2.858  8.507   1.00 22.02  ? 203 CIT G O4  1 
HETATM 683 C  C6  . CIT O  4 . ? -14.475 -1.292  6.482   1.00 25.96  ? 203 CIT G C6  1 
HETATM 684 O  O5  . CIT O  4 . ? -13.977 -0.142  6.514   1.00 31.33  ? 203 CIT G O5  1 
HETATM 685 O  O6  . CIT O  4 . ? -13.735 -2.282  6.703   1.00 24.58  ? 203 CIT G O6  1 
HETATM 686 FE FE  . FE  P  3 . ? -17.762 -3.753  4.874   1.00 19.01  ? 201 FE  I FE  1 
HETATM 687 FE FE  . FE  Q  3 . ? -15.751 -6.065  4.334   1.00 18.73  ? 202 FE  I FE  1 
HETATM 688 C  C1  . CIT R  4 . ? -19.655 -4.602  6.936   1.00 19.63  ? 203 CIT I C1  1 
HETATM 689 O  O1  . CIT R  4 . ? -20.619 -4.363  7.703   1.00 23.56  ? 203 CIT I O1  1 
HETATM 690 O  O2  . CIT R  4 . ? -19.032 -3.616  6.407   1.00 20.91  ? 203 CIT I O2  1 
HETATM 691 C  C2  . CIT R  4 . ? -19.337 -6.047  6.607   1.00 19.74  ? 203 CIT I C2  1 
HETATM 692 C  C3  . CIT R  4 . ? -17.833 -6.366  6.510   1.00 18.09  ? 203 CIT I C3  1 
HETATM 693 O  O7  . CIT R  4 . ? -17.173 -5.598  5.430   1.00 18.95  ? 203 CIT I O7  1 
HETATM 694 C  C4  . CIT R  4 . ? -17.644 -7.866  6.272   1.00 19.59  ? 203 CIT I C4  1 
HETATM 695 C  C5  . CIT R  4 . ? -16.186 -8.272  6.196   1.00 19.79  ? 203 CIT I C5  1 
HETATM 696 O  O3  . CIT R  4 . ? -15.494 -7.777  5.270   1.00 21.40  ? 203 CIT I O3  1 
HETATM 697 O  O4  . CIT R  4 . ? -15.668 -9.089  7.033   1.00 21.72  ? 203 CIT I O4  1 
HETATM 698 C  C6  . CIT R  4 . ? -17.201 -6.068  7.855   1.00 18.35  ? 203 CIT I C6  1 
HETATM 699 O  O5  . CIT R  4 . ? -17.820 -6.435  8.883   1.00 23.13  ? 203 CIT I O5  1 
HETATM 700 O  O6  . CIT R  4 . ? -16.059 -5.526  7.921   1.00 20.00  ? 203 CIT I O6  1 
HETATM 701 C  C1  . CIT S  4 . ? -19.406 -4.228  2.513   1.00 23.08  ? 204 CIT I C1  1 
HETATM 702 O  O1  . CIT S  4 . ? -20.496 -4.401  1.963   1.00 25.84  ? 204 CIT I O1  1 
HETATM 703 O  O2  . CIT S  4 . ? -19.351 -4.428  3.737   1.00 23.70  ? 204 CIT I O2  1 
HETATM 704 C  C2  . CIT S  4 . ? -18.197 -3.892  1.664   1.00 21.83  ? 204 CIT I C2  1 
HETATM 705 C  C3  . CIT S  4 . ? -16.944 -4.711  2.023   1.00 22.44  ? 204 CIT I C3  1 
HETATM 706 O  O7  . CIT S  4 . ? -16.530 -4.389  3.367   1.00 18.69  ? 204 CIT I O7  1 
HETATM 707 C  C4  . CIT S  4 . ? -15.770 -4.426  1.061   1.00 25.84  ? 204 CIT I C4  1 
HETATM 708 C  C5  . CIT S  4 . ? -15.385 -2.960  0.989   1.00 28.57  ? 204 CIT I C5  1 
HETATM 709 O  O3  . CIT S  4 . ? -16.010 -2.078  1.628   1.00 29.27  ? 204 CIT I O3  1 
HETATM 710 O  O4  . CIT S  4 . ? -14.405 -2.614  0.288   1.00 35.71  ? 204 CIT I O4  1 
HETATM 711 C  C6  . CIT S  4 . ? -17.278 -6.195  1.978   1.00 22.20  ? 204 CIT I C6  1 
HETATM 712 O  O5  . CIT S  4 . ? -17.961 -6.619  1.027   1.00 27.91  ? 204 CIT I O5  1 
HETATM 713 O  O6  . CIT S  4 . ? -16.799 -6.996  2.823   1.00 23.94  ? 204 CIT I O6  1 
HETATM 714 O  O   . HOH T  5 . ? 6.219   -0.690  -13.735 1.00 43.24  ? 201 HOH A O   1 
HETATM 715 O  O   . HOH T  5 . ? 1.631   0.122   -12.718 1.00 167.70 ? 202 HOH A O   1 
HETATM 716 O  O   . HOH U  5 . ? 12.776  0.221   -1.790  1.00 44.29  ? 301 HOH B O   1 
HETATM 717 O  O   . HOH U  5 . ? 11.077  -2.829  -6.808  1.00 41.38  ? 302 HOH B O   1 
HETATM 718 O  O   . HOH U  5 . ? 9.942   4.047   -5.482  1.00 107.38 ? 303 HOH B O   1 
HETATM 719 O  O   A HOH V  5 . ? 11.401  -0.472  8.825   0.50 16.18  ? 201 HOH C O   1 
HETATM 720 O  O   B HOH V  5 . ? 10.435  -2.310  8.476   0.50 10.09  ? 201 HOH C O   1 
HETATM 721 O  O   . HOH V  5 . ? 14.579  2.503   2.919   1.00 46.49  ? 202 HOH C O   1 
HETATM 722 O  O   . HOH V  5 . ? 12.084  -3.073  10.574  1.00 31.75  ? 203 HOH C O   1 
HETATM 723 O  O   . HOH V  5 . ? 10.481  -4.659  8.432   1.00 27.52  ? 204 HOH C O   1 
HETATM 724 O  O   . HOH V  5 . ? 14.859  1.664   -1.093  1.00 63.23  ? 205 HOH C O   1 
HETATM 725 O  O   . HOH V  5 . ? 16.124  2.540   1.011   1.00 203.42 ? 206 HOH C O   1 
HETATM 726 O  O   . HOH V  5 . ? 12.691  10.629  -1.809  1.00 40.21  ? 207 HOH C O   1 
HETATM 727 O  O   . HOH W  5 . ? 1.283   8.160   -9.577  1.00 26.35  ? 301 HOH D O   1 
HETATM 728 O  O   . HOH W  5 . ? 6.879   5.725   -7.972  1.00 40.40  ? 302 HOH D O   1 
HETATM 729 O  O   . HOH W  5 . ? 11.750  -4.805  -3.093  1.00 41.51  ? 303 HOH D O   1 
HETATM 730 O  O   . HOH X  5 . ? -6.534  6.559   -3.180  1.00 55.09  ? 201 HOH E O   1 
HETATM 731 O  O   . HOH X  5 . ? -0.138  15.717  -1.870  1.00 48.57  ? 202 HOH E O   1 
HETATM 732 O  O   . HOH X  5 . ? 1.199   11.408  -3.314  1.00 48.30  ? 203 HOH E O   1 
HETATM 733 O  O   . HOH Y  5 . ? 2.832   7.196   10.468  1.00 16.17  ? 301 HOH F O   1 
HETATM 734 O  O   . HOH Y  5 . ? 0.294   7.975   11.151  1.00 26.23  ? 302 HOH F O   1 
HETATM 735 O  O   . HOH Y  5 . ? 3.509   8.264   13.244  1.00 24.31  ? 303 HOH F O   1 
HETATM 736 O  O   . HOH Y  5 . ? 0.101   12.541  3.436   1.00 42.78  ? 304 HOH F O   1 
HETATM 737 O  O   . HOH Y  5 . ? -10.178 11.598  0.171   1.00 71.61  ? 305 HOH F O   1 
HETATM 738 O  O   . HOH Z  5 . ? -4.287  -7.331  9.710   1.00 27.58  ? 301 HOH G O   1 
HETATM 739 O  O   . HOH Z  5 . ? -14.866 -1.444  11.565  1.00 30.27  ? 302 HOH G O   1 
HETATM 740 O  O   . HOH Z  5 . ? -7.239  -6.205  9.346   1.00 41.07  ? 303 HOH G O   1 
HETATM 741 O  O   . HOH Z  5 . ? -2.697  -8.472  7.410   1.00 25.05  ? 304 HOH G O   1 
HETATM 742 O  O   . HOH Z  5 . ? -11.120 0.226   5.448   1.00 87.65  ? 305 HOH G O   1 
HETATM 743 O  O   . HOH Z  5 . ? 1.889   -4.749  13.350  1.00 22.34  ? 306 HOH G O   1 
HETATM 744 O  O   . HOH Z  5 . ? -19.897 -7.833  9.880   1.00 27.31  ? 307 HOH G O   1 
HETATM 745 O  O   . HOH Z  5 . ? -9.916  2.449   4.595   1.00 34.77  ? 308 HOH G O   1 
HETATM 746 O  O   . HOH AA 5 . ? -3.750  6.985   7.669   1.00 29.14  ? 301 HOH H O   1 
HETATM 747 O  O   . HOH AA 5 . ? -9.630  10.864  3.959   1.00 102.67 ? 302 HOH H O   1 
HETATM 748 O  O   . HOH BA 5 . ? -6.116  -9.050  -3.249  1.00 34.26  ? 301 HOH I O   1 
HETATM 749 O  O   . HOH BA 5 . ? -21.818 -2.430  9.070   1.00 181.78 ? 302 HOH I O   1 
HETATM 750 O  O   . HOH BA 5 . ? -7.591  -15.020 2.002   1.00 32.36  ? 303 HOH I O   1 
HETATM 751 O  O   . HOH CA 5 . ? -12.381 4.570   -4.390  1.00 54.21  ? 301 HOH J O   1 
HETATM 752 O  O   . HOH CA 5 . ? -4.066  -11.052 5.156   1.00 89.14  ? 302 HOH J O   1 
HETATM 753 O  O   . HOH CA 5 . ? -13.400 1.964   -2.273  1.00 36.50  ? 303 HOH J O   1 
HETATM 754 O  O   . HOH CA 5 . ? -13.995 -2.658  -3.584  1.00 54.17  ? 304 HOH J O   1 
HETATM 755 O  O   . HOH CA 5 . ? -14.070 1.337   -6.408  1.00 139.74 ? 305 HOH J O   1 
HETATM 756 O  O   . HOH CA 5 . ? 1.701   -14.784 1.183   1.00 72.76  ? 306 HOH J O   1 
HETATM 757 O  O   . HOH DA 5 . ? 5.127   -13.132 -2.974  1.00 38.88  ? 201 HOH K O   1 
HETATM 758 O  O   . HOH DA 5 . ? 8.652   -5.491  -4.382  1.00 37.74  ? 202 HOH K O   1 
HETATM 759 O  O   . HOH EA 5 . ? -4.924  -7.672  -7.749  1.00 19.99  ? 301 HOH L O   1 
HETATM 760 O  O   . HOH EA 5 . ? -5.334  -9.895  -6.181  1.00 31.22  ? 302 HOH L O   1 
HETATM 761 O  O   . HOH EA 5 . ? 3.062   -13.336 -1.217  1.00 39.20  ? 303 HOH L O   1 
HETATM 762 O  O   . HOH EA 5 . ? 3.723   -14.369 2.936   1.00 32.04  ? 304 HOH L O   1 
HETATM 763 O  O   . HOH EA 5 . ? -6.929  -6.486  -3.194  1.00 25.25  ? 305 HOH L O   1 
HETATM 764 O  O   . HOH EA 5 . ? 0.674   -11.140 -8.068  1.00 43.34  ? 306 HOH L O   1 
HETATM 765 O  O   A HOH EA 5 . ? -5.864  -13.322 -3.609  0.50 28.85  ? 307 HOH L O   1 
HETATM 766 O  O   B HOH EA 5 . ? -7.549  -12.868 -3.544  0.50 24.53  ? 307 HOH L O   1 
HETATM 767 O  O   . HOH EA 5 . ? -12.851 -2.802  -7.293  1.00 43.01  ? 308 HOH L O   1 
HETATM 768 O  O   . HOH EA 5 . ? -12.711 -4.843  -4.610  1.00 52.93  ? 309 HOH L O   1 
HETATM 769 O  O   . HOH EA 5 . ? -0.551  -14.344 -3.510  1.00 114.97 ? 310 HOH L O   1 
HETATM 770 O  O   . HOH EA 5 . ? -3.595  -12.032 -5.826  1.00 123.87 ? 311 HOH L O   1 
HETATM 771 O  O   . HOH EA 5 . ? -6.800  -9.024  -9.877  1.00 34.03  ? 312 HOH L O   1 
# 
loop_
_atom_site_anisotrop.id 
_atom_site_anisotrop.type_symbol 
_atom_site_anisotrop.pdbx_label_atom_id 
_atom_site_anisotrop.pdbx_label_alt_id 
_atom_site_anisotrop.pdbx_label_comp_id 
_atom_site_anisotrop.pdbx_label_asym_id 
_atom_site_anisotrop.pdbx_label_seq_id 
_atom_site_anisotrop.pdbx_PDB_ins_code 
_atom_site_anisotrop.U[1][1] 
_atom_site_anisotrop.U[2][2] 
_atom_site_anisotrop.U[3][3] 
_atom_site_anisotrop.U[1][2] 
_atom_site_anisotrop.U[1][3] 
_atom_site_anisotrop.U[2][3] 
_atom_site_anisotrop.pdbx_auth_seq_id 
_atom_site_anisotrop.pdbx_auth_comp_id 
_atom_site_anisotrop.pdbx_auth_asym_id 
_atom_site_anisotrop.pdbx_auth_atom_id 
1   N  N   . HIS A  1 ? 0.4843 0.4733 0.5063 0.0326  0.0944  0.0234  177 HIS A N   
2   C  CA  . HIS A  1 ? 0.4653 0.4622 0.5020 0.0161  0.0938  0.0212  177 HIS A CA  
3   C  C   . HIS A  1 ? 0.4223 0.3953 0.4622 0.0260  0.0853  0.0180  177 HIS A C   
4   O  O   . HIS A  1 ? 0.4455 0.4265 0.4756 0.0306  0.0933  0.0226  177 HIS A O   
5   C  CB  . HIS A  1 ? 0.4936 0.4838 0.5210 0.0091  0.0863  0.0235  177 HIS A CB  
6   C  CG  . HIS A  1 ? 0.5727 0.5176 0.5864 -0.0410 0.0925  0.0488  177 HIS A CG  
7   N  ND1 . HIS A  1 ? 0.6695 0.5912 0.6158 -0.0772 0.0844  0.0331  177 HIS A ND1 
8   C  CD2 . HIS A  1 ? 0.6487 0.6065 0.6266 -0.0797 0.0726  0.0340  177 HIS A CD2 
9   C  CE1 . HIS A  1 ? 0.6695 0.6254 0.6432 -0.0914 0.0968  0.0674  177 HIS A CE1 
10  N  NE2 . HIS A  1 ? 0.6614 0.5879 0.6575 -0.1150 0.0786  0.0757  177 HIS A NE2 
11  N  N   . ASP A  2 ? 0.3275 0.3098 0.4073 0.0339  0.0889  -0.0100 178 ASP A N   
12  C  CA  . ASP A  2 ? 0.2655 0.2638 0.3492 0.0414  0.0857  0.0034  178 ASP A CA  
13  C  C   . ASP A  2 ? 0.2277 0.1871 0.2927 0.0380  0.0697  0.0092  178 ASP A C   
14  O  O   . ASP A  2 ? 0.2184 0.1685 0.3100 0.0506  0.0568  0.0393  178 ASP A O   
15  C  CB  . ASP A  2 ? 0.2601 0.2677 0.3735 0.0604  0.0710  -0.0199 178 ASP A CB  
16  C  CG  . ASP A  2 ? 0.2806 0.3073 0.3758 0.0726  0.0890  0.0515  178 ASP A CG  
17  O  OD1 . ASP A  2 ? 0.4121 0.3691 0.4467 0.1309  -0.0096 0.0952  178 ASP A OD1 
18  O  OD2 . ASP A  2 ? 0.2428 0.2391 0.3531 0.0200  0.0510  -0.0538 178 ASP A OD2 
19  N  N   . CYS A  3 ? 0.2471 0.1499 0.2616 0.0188  0.0580  0.0310  179 CYS A N   
20  C  CA  . CYS A  3 ? 0.2423 0.1293 0.2248 0.0198  0.0558  0.0231  179 CYS A CA  
21  C  C   . CYS A  3 ? 0.2238 0.1080 0.2362 0.0311  0.0520  0.0229  179 CYS A C   
22  O  O   . CYS A  3 ? 0.2534 0.1386 0.2576 0.0011  0.0727  0.0123  179 CYS A O   
23  C  CB  . CYS A  3 ? 0.2816 0.1369 0.2050 0.0007  0.0616  0.0313  179 CYS A CB  
24  S  SG  . CYS A  3 ? 0.2862 0.2091 0.2314 -0.0133 0.0737  0.0464  179 CYS A SG  
25  N  N   . VAL A  4 ? 0.2114 0.1242 0.2345 0.0243  0.0688  -0.0001 180 VAL A N   
26  C  CA  . VAL A  4 ? 0.2171 0.1292 0.2363 0.0285  0.0480  0.0280  180 VAL A CA  
27  C  C   . VAL A  4 ? 0.2075 0.1168 0.2280 0.0439  0.0325  0.0154  180 VAL A C   
28  O  O   . VAL A  4 ? 0.2391 0.1466 0.2815 0.0127  0.0024  0.0186  180 VAL A O   
29  C  CB  . VAL A  4 ? 0.2109 0.1597 0.2594 0.0140  0.0643  0.0182  180 VAL A CB  
30  C  CG1 . VAL A  4 ? 0.2686 0.1873 0.2634 0.0709  0.0447  0.0374  180 VAL A CG1 
31  C  CG2 . VAL A  4 ? 0.2394 0.1538 0.2138 0.0048  0.0645  0.0352  180 VAL A CG2 
32  N  N   . ASN A  5 ? 0.2109 0.1395 0.2358 0.0236  0.0488  0.0146  181 ASN A N   
33  C  CA  A ASN A  5 ? 0.2115 0.1286 0.2221 0.0197  0.0559  0.0339  181 ASN A CA  
34  C  CA  B ASN A  5 ? 0.2130 0.1297 0.2136 0.0318  0.0545  0.0275  181 ASN A CA  
35  C  C   . ASN A  5 ? 0.2096 0.1423 0.2190 0.0256  0.0611  0.0510  181 ASN A C   
36  O  O   . ASN A  5 ? 0.2167 0.1402 0.2359 0.0324  0.0711  0.0634  181 ASN A O   
37  C  CB  A ASN A  5 ? 0.2181 0.1582 0.2286 -0.0050 0.0539  0.0452  181 ASN A CB  
38  C  CB  B ASN A  5 ? 0.2226 0.1296 0.2155 0.0274  0.0463  0.0276  181 ASN A CB  
39  C  CG  A ASN A  5 ? 0.2511 0.1264 0.2197 -0.0394 0.0269  0.0561  181 ASN A CG  
40  C  CG  B ASN A  5 ? 0.2586 0.1462 0.1861 0.0466  0.0611  0.0046  181 ASN A CG  
41  O  OD1 A ASN A  5 ? 0.3884 0.2876 0.3295 -0.0399 0.0604  0.1214  181 ASN A OD1 
42  O  OD1 B ASN A  5 ? 0.3809 0.1451 0.2298 0.1236  0.0214  0.0162  181 ASN A OD1 
43  N  ND2 A ASN A  5 ? 0.2709 0.1562 0.2704 -0.0394 -0.0170 0.0556  181 ASN A ND2 
44  N  ND2 B ASN A  5 ? 0.3240 0.1164 0.1700 0.0955  0.0013  -0.0362 181 ASN A ND2 
45  N  N   . ILE A  6 ? 0.2169 0.1324 0.2135 0.0392  0.0695  0.0684  182 ILE A N   
46  C  CA  A ILE A  6 ? 0.2081 0.1706 0.2369 0.0516  0.0817  0.0684  182 ILE A CA  
47  C  CA  B ILE A  6 ? 0.2327 0.1650 0.2411 0.0522  0.0664  0.0650  182 ILE A CA  
48  C  C   . ILE A  6 ? 0.2262 0.1674 0.2564 0.0597  0.0753  0.0809  182 ILE A C   
49  O  O   . ILE A  6 ? 0.2995 0.1651 0.2809 0.0847  0.0589  0.0928  182 ILE A O   
50  C  CB  A ILE A  6 ? 0.2060 0.1900 0.2308 0.0469  0.0883  0.0677  182 ILE A CB  
51  C  CB  B ILE A  6 ? 0.2427 0.1755 0.2510 0.0566  0.0565  0.0553  182 ILE A CB  
52  C  CG1 A ILE A  6 ? 0.1442 0.2038 0.2078 0.0622  0.1141  0.0453  182 ILE A CG1 
53  C  CG1 B ILE A  6 ? 0.2895 0.1606 0.2478 0.0298  0.0594  0.0248  182 ILE A CG1 
54  C  CG2 A ILE A  6 ? 0.2207 0.2165 0.2482 0.0914  0.0951  0.0603  182 ILE A CG2 
55  C  CG2 B ILE A  6 ? 0.2714 0.1961 0.2280 0.0781  0.0398  0.0569  182 ILE A CG2 
56  C  CD1 A ILE A  6 ? 0.1934 0.2937 0.2739 0.0437  0.0434  0.0355  182 ILE A CD1 
57  C  CD1 B ILE A  6 ? 0.3412 0.2124 0.1933 0.0487  0.0269  0.0263  182 ILE A CD1 
58  O  OXT A ILE A  6 ? 0.2408 0.1675 0.2731 0.0797  0.0968  0.0766  182 ILE A OXT 
59  O  OXT B ILE A  6 ? 0.2593 0.2038 0.2782 0.0871  0.0860  0.0829  182 ILE A OXT 
60  N  N   . GLU B  1 ? 0.3813 0.2090 0.4061 0.0583  -0.0233 0.0496  211 GLU B N   
61  C  CA  . GLU B  1 ? 0.3615 0.1635 0.3102 0.0415  0.0128  0.0720  211 GLU B CA  
62  C  C   . GLU B  1 ? 0.3248 0.1435 0.2707 0.0415  0.0386  0.0386  211 GLU B C   
63  O  O   . GLU B  1 ? 0.3547 0.1235 0.3037 0.0521  0.0598  0.0518  211 GLU B O   
64  C  CB  . GLU B  1 ? 0.3704 0.1537 0.3431 0.0280  0.0276  0.0919  211 GLU B CB  
65  C  CG  . GLU B  1 ? 0.3778 0.1892 0.2956 0.0697  0.0175  0.0351  211 GLU B CG  
66  C  CD  . GLU B  1 ? 0.4600 0.2678 0.4346 0.0675  0.0443  0.0153  211 GLU B CD  
67  O  OE1 . GLU B  1 ? 0.5408 0.3741 0.3936 0.1355  0.0161  -0.0322 211 GLU B OE1 
68  O  OE2 . GLU B  1 ? 0.5374 0.2762 0.5637 0.0074  0.1796  -0.0116 211 GLU B OE2 
69  N  N   . GLN B  2 ? 0.3395 0.1555 0.2465 0.0397  -0.0104 0.0498  212 GLN B N   
70  C  CA  A GLN B  2 ? 0.3381 0.1897 0.2691 0.0327  -0.0060 0.0150  212 GLN B CA  
71  C  CA  B GLN B  2 ? 0.3220 0.1796 0.2531 0.0339  -0.0051 0.0268  212 GLN B CA  
72  C  C   . GLN B  2 ? 0.3246 0.1934 0.2665 0.0329  -0.0124 0.0166  212 GLN B C   
73  O  O   . GLN B  2 ? 0.3544 0.1738 0.2639 0.0344  -0.0353 0.0328  212 GLN B O   
74  C  CB  A GLN B  2 ? 0.3610 0.2685 0.3114 0.0175  -0.0011 0.0190  212 GLN B CB  
75  C  CB  B GLN B  2 ? 0.3296 0.2141 0.2522 0.0320  -0.0063 0.0333  212 GLN B CB  
76  C  CG  A GLN B  2 ? 0.4322 0.2930 0.3481 0.0397  -0.0069 0.0085  212 GLN B CG  
77  C  CG  B GLN B  2 ? 0.3214 0.2461 0.2277 0.0197  0.0027  0.0390  212 GLN B CG  
78  C  CD  A GLN B  2 ? 0.4932 0.2935 0.3432 0.0877  0.0062  0.0046  212 GLN B CD  
79  C  CD  B GLN B  2 ? 0.3012 0.2719 0.1769 0.0377  -0.0163 0.0351  212 GLN B CD  
80  O  OE1 A GLN B  2 ? 0.5443 0.2038 0.3807 0.1161  0.0360  0.0670  212 GLN B OE1 
81  O  OE1 B GLN B  2 ? 0.3296 0.2161 0.1703 0.0147  0.0694  0.0979  212 GLN B OE1 
82  N  NE2 A GLN B  2 ? 0.5307 0.2990 0.3149 0.1304  -0.0429 -0.0699 212 GLN B NE2 
83  N  NE2 B GLN B  2 ? 0.3801 0.3245 0.0920 0.0486  -0.0450 0.0443  212 GLN B NE2 
84  N  N   . MET B  3 ? 0.2905 0.1344 0.2758 0.0396  0.0068  -0.0075 213 MET B N   
85  C  CA  . MET B  3 ? 0.2603 0.1323 0.2715 0.0477  0.0067  -0.0036 213 MET B CA  
86  C  C   . MET B  3 ? 0.2475 0.1075 0.2639 0.0407  0.0203  -0.0025 213 MET B C   
87  O  O   . MET B  3 ? 0.2364 0.1207 0.2793 0.0236  0.0330  0.0139  213 MET B O   
88  C  CB  . MET B  3 ? 0.2657 0.1464 0.3093 0.0745  0.0134  -0.0133 213 MET B CB  
89  C  CG  . MET B  3 ? 0.3417 0.2552 0.3087 0.0731  0.0244  -0.0017 213 MET B CG  
90  S  SD  . MET B  3 ? 0.4674 0.5408 0.3685 0.1271  0.0823  -0.0218 213 MET B SD  
91  C  CE  . MET B  3 ? 0.4804 0.4334 0.3583 0.2311  0.1574  -0.0300 213 MET B CE  
92  N  N   . CYS B  4 ? 0.2361 0.1227 0.2584 0.0328  0.0099  0.0035  214 CYS B N   
93  C  CA  . CYS B  4 ? 0.2016 0.1393 0.2394 0.0276  0.0209  0.0015  214 CYS B CA  
94  C  C   . CYS B  4 ? 0.2432 0.1570 0.2711 0.0345  0.0179  0.0080  214 CYS B C   
95  O  O   . CYS B  4 ? 0.2228 0.1834 0.2687 0.0344  0.0106  0.0012  214 CYS B O   
96  C  CB  . CYS B  4 ? 0.2541 0.1538 0.2930 0.0083  0.0108  0.0072  214 CYS B CB  
97  S  SG  . CYS B  4 ? 0.3197 0.1551 0.2623 -0.0106 0.0370  0.0500  214 CYS B SG  
98  N  N   . ILE B  5 ? 0.2624 0.1912 0.3010 0.0530  0.0145  0.0090  215 ILE B N   
99  C  CA  . ILE B  5 ? 0.3113 0.2469 0.3586 0.0436  0.0012  0.0253  215 ILE B CA  
100 C  C   . ILE B  5 ? 0.3207 0.3192 0.3907 0.0481  0.0213  0.0124  215 ILE B C   
101 O  O   . ILE B  5 ? 0.3307 0.3612 0.4023 0.0488  0.0226  -0.0153 215 ILE B O   
102 C  CB  . ILE B  5 ? 0.3356 0.2589 0.3759 0.0368  -0.0105 0.0433  215 ILE B CB  
103 C  CG1 . ILE B  5 ? 0.3522 0.2730 0.4113 0.0331  -0.0031 0.0685  215 ILE B CG1 
104 C  CG2 . ILE B  5 ? 0.3657 0.2650 0.4437 0.0505  -0.0323 0.0573  215 ILE B CG2 
105 C  CD1 . ILE B  5 ? 0.3907 0.3456 0.4487 0.0145  0.0084  0.0832  215 ILE B CD1 
106 N  N   . THR B  6 ? 0.3436 0.3960 0.4339 0.0282  0.0382  0.0069  216 THR B N   
107 C  CA  . THR B  6 ? 0.3996 0.4561 0.4693 0.0228  0.0449  0.0372  216 THR B CA  
108 C  C   . THR B  6 ? 0.4052 0.5020 0.4906 0.0348  0.0467  0.0387  216 THR B C   
109 O  O   . THR B  6 ? 0.4603 0.5377 0.5235 0.0414  0.0358  0.0518  216 THR B O   
110 C  CB  . THR B  6 ? 0.3745 0.4483 0.4671 0.0128  0.0394  0.0439  216 THR B CB  
111 O  OG1 . THR B  6 ? 0.4808 0.4256 0.4508 0.0003  0.0718  0.0340  216 THR B OG1 
112 C  CG2 . THR B  6 ? 0.3979 0.4993 0.5165 0.0004  0.0481  0.0581  216 THR B CG2 
113 O  OXT . THR B  6 ? 0.4138 0.5473 0.4993 0.0420  0.0676  0.0393  216 THR B OXT 
114 N  N   . HIS C  1 ? 0.6734 0.4579 0.4780 -0.0593 0.0249  0.0661  177 HIS C N   
115 C  CA  . HIS C  1 ? 0.6461 0.4234 0.4679 -0.0651 0.0404  0.0751  177 HIS C CA  
116 C  C   . HIS C  1 ? 0.6141 0.3590 0.4340 -0.0744 0.0381  0.0594  177 HIS C C   
117 O  O   . HIS C  1 ? 0.6719 0.3706 0.4734 -0.1000 0.0406  0.0755  177 HIS C O   
118 C  CB  . HIS C  1 ? 0.6539 0.4718 0.5016 -0.0633 0.0461  0.0784  177 HIS C CB  
119 C  CG  . HIS C  1 ? 0.6792 0.5008 0.5165 -0.0914 0.0752  0.1482  177 HIS C CG  
120 N  ND1 . HIS C  1 ? 0.7146 0.5168 0.5034 -0.1107 0.1041  0.1720  177 HIS C ND1 
121 C  CD2 . HIS C  1 ? 0.6960 0.5162 0.4991 -0.1320 0.0908  0.1946  177 HIS C CD2 
122 C  CE1 . HIS C  1 ? 0.7081 0.5493 0.5034 -0.1262 0.1258  0.1909  177 HIS C CE1 
123 N  NE2 . HIS C  1 ? 0.6801 0.5232 0.5150 -0.1655 0.1283  0.2142  177 HIS C NE2 
124 N  N   . ASP C  2 ? 0.5566 0.2443 0.3606 -0.0566 0.0336  0.0548  178 ASP C N   
125 C  CA  . ASP C  2 ? 0.4930 0.1732 0.3196 -0.0417 0.0390  0.0523  178 ASP C CA  
126 C  C   . ASP C  2 ? 0.3850 0.1408 0.2719 -0.0297 0.0449  0.0456  178 ASP C C   
127 O  O   . ASP C  2 ? 0.3526 0.1527 0.2435 -0.0103 0.0211  0.0362  178 ASP C O   
128 C  CB  . ASP C  2 ? 0.5208 0.1703 0.3342 -0.0187 0.0391  0.0627  178 ASP C CB  
129 C  CG  . ASP C  2 ? 0.6190 0.1930 0.3908 -0.0263 0.0468  0.0304  178 ASP C CG  
130 O  OD1 . ASP C  2 ? 0.7052 0.1892 0.3300 -0.0112 -0.0026 0.0796  178 ASP C OD1 
131 O  OD2 . ASP C  2 ? 0.7640 0.2702 0.5011 0.0254  0.1425  0.0384  178 ASP C OD2 
132 N  N   . CYS C  3 ? 0.3461 0.1185 0.2448 -0.0284 0.0409  0.0619  179 CYS C N   
133 C  CA  . CYS C  3 ? 0.2974 0.1377 0.2239 -0.0371 0.0424  0.0433  179 CYS C CA  
134 C  C   . CYS C  3 ? 0.2610 0.1409 0.2079 -0.0243 0.0503  0.0286  179 CYS C C   
135 O  O   . CYS C  3 ? 0.2846 0.1527 0.2300 -0.0464 0.0414  0.0243  179 CYS C O   
136 C  CB  . CYS C  3 ? 0.2804 0.1572 0.2339 -0.0374 0.0050  0.0254  179 CYS C CB  
137 S  SG  . CYS C  3 ? 0.2746 0.2109 0.2607 -0.0496 0.0798  0.0379  179 CYS C SG  
138 N  N   . VAL C  4 ? 0.2357 0.1170 0.2006 0.0100  0.0358  0.0375  180 VAL C N   
139 C  CA  . VAL C  4 ? 0.1958 0.1465 0.1953 0.0172  0.0384  0.0418  180 VAL C CA  
140 C  C   . VAL C  4 ? 0.1878 0.1239 0.1846 0.0248  0.0533  0.0461  180 VAL C C   
141 O  O   . VAL C  4 ? 0.2415 0.1547 0.1786 0.0494  0.0508  0.0297  180 VAL C O   
142 C  CB  . VAL C  4 ? 0.1863 0.1302 0.2153 0.0424  0.0492  0.0491  180 VAL C CB  
143 C  CG1 . VAL C  4 ? 0.1954 0.2022 0.2374 0.0920  0.0361  0.0214  180 VAL C CG1 
144 C  CG2 . VAL C  4 ? 0.1776 0.1524 0.2945 -0.0282 0.0388  0.0158  180 VAL C CG2 
145 N  N   . ASN C  5 ? 0.1859 0.1486 0.1810 0.0270  0.0416  0.0225  181 ASN C N   
146 C  CA  . ASN C  5 ? 0.1845 0.1984 0.2132 0.0179  0.0418  0.0295  181 ASN C CA  
147 C  C   . ASN C  5 ? 0.1772 0.1640 0.2062 0.0132  0.0567  0.0562  181 ASN C C   
148 O  O   . ASN C  5 ? 0.1860 0.1972 0.2233 0.0136  0.0838  0.0501  181 ASN C O   
149 C  CB  . ASN C  5 ? 0.1926 0.2195 0.2508 0.0147  0.0305  0.0271  181 ASN C CB  
150 C  CG  . ASN C  5 ? 0.1855 0.2574 0.3154 0.0157  0.0126  -0.0159 181 ASN C CG  
151 O  OD1 . ASN C  5 ? 0.2863 0.4079 0.4003 0.0701  -0.0069 -0.0039 181 ASN C OD1 
152 N  ND2 . ASN C  5 ? 0.2019 0.3259 0.4258 0.0122  0.0355  0.0657  181 ASN C ND2 
153 N  N   . ILE C  6 ? 0.1612 0.1476 0.2186 0.0345  0.0615  0.0771  182 ILE C N   
154 C  CA  A ILE C  6 ? 0.1738 0.1652 0.2677 0.0376  0.0678  0.0795  182 ILE C CA  
155 C  CA  B ILE C  6 ? 0.1737 0.1739 0.2694 0.0337  0.0681  0.0857  182 ILE C CA  
156 C  C   . ILE C  6 ? 0.1574 0.1797 0.2752 0.0431  0.0921  0.1065  182 ILE C C   
157 O  O   . ILE C  6 ? 0.1750 0.1882 0.2961 0.0513  0.0947  0.0860  182 ILE C O   
158 C  CB  A ILE C  6 ? 0.2009 0.1803 0.2800 0.0229  0.0540  0.0793  182 ILE C CB  
159 C  CB  B ILE C  6 ? 0.1998 0.1948 0.2862 0.0176  0.0538  0.0863  182 ILE C CB  
160 C  CG1 A ILE C  6 ? 0.2306 0.1834 0.3118 0.0193  0.0320  0.0734  182 ILE C CG1 
161 C  CG1 B ILE C  6 ? 0.2350 0.2063 0.3298 -0.0042 0.0559  0.0652  182 ILE C CG1 
162 C  CG2 A ILE C  6 ? 0.2261 0.1651 0.3392 0.0244  0.0616  0.0365  182 ILE C CG2 
163 C  CG2 B ILE C  6 ? 0.2283 0.1977 0.3143 0.0154  0.0399  0.1029  182 ILE C CG2 
164 C  CD1 A ILE C  6 ? 0.2505 0.1207 0.3550 -0.0165 -0.0005 0.0311  182 ILE C CD1 
165 C  CD1 B ILE C  6 ? 0.3110 0.2868 0.3264 -0.0173 0.0418  0.0680  182 ILE C CD1 
166 O  OXT A ILE C  6 ? 0.2069 0.2023 0.3335 0.0549  0.1029  0.1455  182 ILE C OXT 
167 O  OXT B ILE C  6 ? 0.2045 0.2061 0.3378 0.0513  0.1037  0.1499  182 ILE C OXT 
168 N  N   . GLU D  1 ? 0.2358 0.3078 0.2797 0.0389  0.0643  0.0598  211 GLU D N   
169 C  CA  A GLU D  1 ? 0.2415 0.2712 0.2864 0.0640  0.0534  0.0555  211 GLU D CA  
170 C  CA  B GLU D  1 ? 0.2392 0.2646 0.2886 0.0711  0.0501  0.0583  211 GLU D CA  
171 C  C   . GLU D  1 ? 0.2071 0.2351 0.2689 0.0745  0.0607  0.0600  211 GLU D C   
172 O  O   . GLU D  1 ? 0.2304 0.2052 0.2940 0.0476  0.0985  0.0768  211 GLU D O   
173 C  CB  A GLU D  1 ? 0.2628 0.2910 0.2921 0.0670  0.0433  0.0433  211 GLU D CB  
174 C  CB  B GLU D  1 ? 0.2485 0.2667 0.3054 0.0821  0.0399  0.0473  211 GLU D CB  
175 C  CG  A GLU D  1 ? 0.3116 0.2751 0.3352 0.0503  0.0436  0.0294  211 GLU D CG  
176 C  CG  B GLU D  1 ? 0.3400 0.2791 0.3486 0.0746  0.0277  0.0399  211 GLU D CG  
177 C  CD  A GLU D  1 ? 0.4184 0.3290 0.4068 0.0275  0.0088  -0.0127 211 GLU D CD  
178 C  CD  B GLU D  1 ? 0.3739 0.2459 0.4228 0.1370  -0.0002 0.0256  211 GLU D CD  
179 O  OE1 A GLU D  1 ? 0.4881 0.2769 0.4634 0.0997  -0.0202 -0.0366 211 GLU D OE1 
180 O  OE1 B GLU D  1 ? 0.3907 0.2357 0.4463 0.1385  -0.0615 0.0623  211 GLU D OE1 
181 O  OE2 A GLU D  1 ? 0.4121 0.3982 0.4575 -0.0087 -0.0145 0.0057  211 GLU D OE2 
182 O  OE2 B GLU D  1 ? 0.4285 0.2699 0.4426 0.1163  0.0374  -0.0045 211 GLU D OE2 
183 N  N   . GLN D  2 ? 0.2492 0.2567 0.2456 0.0747  0.0740  0.0574  212 GLN D N   
184 C  CA  . GLN D  2 ? 0.2219 0.2301 0.2836 0.0524  0.0661  0.0503  212 GLN D CA  
185 C  C   . GLN D  2 ? 0.2529 0.1767 0.2488 0.0474  0.0555  0.0407  212 GLN D C   
186 O  O   . GLN D  2 ? 0.2563 0.1902 0.2593 0.0722  0.0669  0.0256  212 GLN D O   
187 C  CB  . GLN D  2 ? 0.2553 0.2902 0.3035 0.0340  0.0688  0.0576  212 GLN D CB  
188 C  CG  . GLN D  2 ? 0.2817 0.3000 0.3480 0.0012  0.0760  0.0847  212 GLN D CG  
189 C  CD  . GLN D  2 ? 0.2886 0.3360 0.4145 -0.0227 0.0827  0.0913  212 GLN D CD  
190 O  OE1 . GLN D  2 ? 0.3426 0.4002 0.4381 -0.0772 0.1125  0.0941  212 GLN D OE1 
191 N  NE2 . GLN D  2 ? 0.3780 0.3439 0.4542 0.0134  0.0101  0.1468  212 GLN D NE2 
192 N  N   . MET D  3 ? 0.2505 0.1489 0.2394 0.0312  0.0527  0.0226  213 MET D N   
193 C  CA  . MET D  3 ? 0.2726 0.1458 0.2506 0.0133  0.0382  0.0158  213 MET D CA  
194 C  C   . MET D  3 ? 0.2614 0.1260 0.2172 0.0139  0.0208  0.0241  213 MET D C   
195 O  O   . MET D  3 ? 0.2489 0.1390 0.1974 0.0102  0.0318  0.0457  213 MET D O   
196 C  CB  . MET D  3 ? 0.3216 0.1464 0.2708 -0.0085 0.0520  0.0286  213 MET D CB  
197 C  CG  . MET D  3 ? 0.3229 0.2913 0.3618 -0.0667 0.0457  0.0542  213 MET D CG  
198 S  SD  . MET D  3 ? 0.5060 0.3918 0.5250 -0.1885 0.0424  0.0092  213 MET D SD  
199 C  CE  . MET D  3 ? 0.4388 0.3971 0.5922 -0.1094 0.0215  -0.0290 213 MET D CE  
200 N  N   . CYS D  4 ? 0.2302 0.1405 0.1959 0.0340  0.0227  0.0251  214 CYS D N   
201 C  CA  . CYS D  4 ? 0.2765 0.1233 0.1968 -0.0005 0.0320  0.0397  214 CYS D CA  
202 C  C   . CYS D  4 ? 0.2891 0.1372 0.2184 0.0077  0.0119  0.0071  214 CYS D C   
203 O  O   . CYS D  4 ? 0.3250 0.1284 0.2342 0.0330  -0.0206 0.0175  214 CYS D O   
204 C  CB  . CYS D  4 ? 0.2759 0.1704 0.2105 -0.0003 0.0402  0.0493  214 CYS D CB  
205 S  SG  . CYS D  4 ? 0.2499 0.2331 0.2672 0.0154  0.0855  0.0482  214 CYS D SG  
206 N  N   . ILE D  5 ? 0.3243 0.1545 0.2437 0.0060  -0.0182 0.0116  215 ILE D N   
207 C  CA  . ILE D  5 ? 0.3614 0.1819 0.2906 0.0083  -0.0216 0.0178  215 ILE D CA  
208 C  C   . ILE D  5 ? 0.4166 0.2279 0.3180 -0.0029 -0.0089 0.0313  215 ILE D C   
209 O  O   . ILE D  5 ? 0.4427 0.1926 0.3362 -0.0252 -0.0328 0.0234  215 ILE D O   
210 C  CB  . ILE D  5 ? 0.3629 0.2268 0.2864 0.0182  -0.0209 0.0107  215 ILE D CB  
211 C  CG1 . ILE D  5 ? 0.3469 0.2378 0.3537 0.0421  -0.0177 0.0123  215 ILE D CG1 
212 C  CG2 . ILE D  5 ? 0.4130 0.1990 0.3399 0.0331  -0.0589 0.0240  215 ILE D CG2 
213 C  CD1 . ILE D  5 ? 0.3668 0.2797 0.3717 -0.0464 0.0793  -0.0346 215 ILE D CD1 
214 N  N   . THR D  6 ? 0.4675 0.2871 0.3477 -0.0130 0.0084  0.0510  216 THR D N   
215 C  CA  . THR D  6 ? 0.5030 0.3137 0.3908 -0.0072 0.0275  0.0809  216 THR D CA  
216 C  C   . THR D  6 ? 0.5097 0.2996 0.4210 -0.0113 0.0427  0.1038  216 THR D C   
217 O  O   . THR D  6 ? 0.5114 0.3180 0.4506 -0.0060 0.0378  0.1192  216 THR D O   
218 C  CB  . THR D  6 ? 0.5310 0.3145 0.3689 -0.0012 0.0303  0.0835  216 THR D CB  
219 O  OG1 . THR D  6 ? 0.5339 0.3126 0.4537 -0.0202 0.0331  0.0630  216 THR D OG1 
220 C  CG2 . THR D  6 ? 0.5633 0.3921 0.4042 -0.0146 0.0636  0.0733  216 THR D CG2 
221 O  OXT . THR D  6 ? 0.5273 0.3167 0.4546 -0.0133 0.0597  0.1542  216 THR D OXT 
222 N  N   . HIS E  1 ? 0.2048 0.1923 0.2080 -0.0020 0.0384  -0.0106 177 HIS E N   
223 C  CA  . HIS E  1 ? 0.1926 0.1394 0.2241 0.0201  0.0307  -0.0050 177 HIS E CA  
224 C  C   . HIS E  1 ? 0.1684 0.1318 0.1984 0.0058  0.0237  0.0087  177 HIS E C   
225 O  O   . HIS E  1 ? 0.1661 0.1706 0.2067 -0.0244 0.0537  0.0087  177 HIS E O   
226 C  CB  . HIS E  1 ? 0.2472 0.2273 0.2713 0.0226  0.0025  -0.0041 177 HIS E CB  
227 C  CG  . HIS E  1 ? 0.3260 0.2957 0.3423 0.0701  0.0011  -0.0652 177 HIS E CG  
228 N  ND1 . HIS E  1 ? 0.4516 0.3425 0.4337 0.1244  0.0028  -0.0798 177 HIS E ND1 
229 C  CD2 . HIS E  1 ? 0.2908 0.3444 0.4113 0.0594  0.0619  -0.1284 177 HIS E CD2 
230 C  CE1 . HIS E  1 ? 0.3589 0.3714 0.4519 0.1258  0.0057  -0.1302 177 HIS E CE1 
231 N  NE2 . HIS E  1 ? 0.2443 0.3967 0.4465 0.1433  0.0353  -0.1123 177 HIS E NE2 
232 N  N   . ASP E  2 ? 0.1424 0.1082 0.1980 -0.0159 0.0354  0.0259  178 ASP E N   
233 C  CA  . ASP E  2 ? 0.1311 0.1345 0.1805 -0.0074 0.0378  0.0256  178 ASP E CA  
234 C  C   . ASP E  2 ? 0.1164 0.0937 0.1948 0.0104  0.0248  0.0343  178 ASP E C   
235 O  O   . ASP E  2 ? 0.1632 0.1119 0.2291 -0.0060 0.0339  0.0217  178 ASP E O   
236 C  CB  . ASP E  2 ? 0.1544 0.1605 0.1785 -0.0181 0.0405  0.0395  178 ASP E CB  
237 C  CG  . ASP E  2 ? 0.1396 0.1246 0.1998 0.0247  0.0278  0.0609  178 ASP E CG  
238 O  OD1 . ASP E  2 ? 0.2313 0.1342 0.2168 0.0242  0.0230  0.0697  178 ASP E OD1 
239 O  OD2 . ASP E  2 ? 0.1945 0.1048 0.2380 0.0017  0.0304  0.0347  178 ASP E OD2 
240 N  N   . CYS E  3 ? 0.1526 0.0934 0.2068 -0.0073 0.0227  0.0373  179 CYS E N   
241 C  CA  . CYS E  3 ? 0.1555 0.1289 0.2075 0.0001  0.0212  0.0397  179 CYS E CA  
242 C  C   . CYS E  3 ? 0.1837 0.1276 0.2004 -0.0079 0.0282  0.0373  179 CYS E C   
243 O  O   . CYS E  3 ? 0.1801 0.1263 0.2278 -0.0068 0.0229  0.0442  179 CYS E O   
244 C  CB  . CYS E  3 ? 0.1780 0.1364 0.2438 0.0033  0.0107  0.0097  179 CYS E CB  
245 S  SG  . CYS E  3 ? 0.1910 0.1672 0.2536 0.0186  0.0319  0.0218  179 CYS E SG  
246 N  N   . VAL E  4 ? 0.1994 0.1275 0.2216 0.0049  0.0100  0.0494  180 VAL E N   
247 C  CA  . VAL E  4 ? 0.2082 0.1338 0.2148 -0.0082 0.0326  0.0489  180 VAL E CA  
248 C  C   . VAL E  4 ? 0.2184 0.1317 0.2228 -0.0158 0.0214  0.0835  180 VAL E C   
249 O  O   . VAL E  4 ? 0.2252 0.1189 0.2564 0.0187  0.0333  0.1086  180 VAL E O   
250 C  CB  . VAL E  4 ? 0.2321 0.1744 0.2337 -0.0131 0.0341  0.0486  180 VAL E CB  
251 C  CG1 . VAL E  4 ? 0.2427 0.1876 0.3071 -0.0295 0.0338  0.0030  180 VAL E CG1 
252 C  CG2 . VAL E  4 ? 0.2628 0.1882 0.2408 -0.0168 0.0220  0.0075  180 VAL E CG2 
253 N  N   . ASN E  5 ? 0.2667 0.1576 0.2397 0.0195  0.0025  0.0670  181 ASN E N   
254 C  CA  . ASN E  5 ? 0.2816 0.1726 0.2681 0.0374  0.0107  0.0556  181 ASN E CA  
255 C  C   . ASN E  5 ? 0.2796 0.2121 0.2571 0.0348  0.0056  0.0446  181 ASN E C   
256 O  O   . ASN E  5 ? 0.2726 0.2812 0.2617 0.0321  0.0101  0.0180  181 ASN E O   
257 C  CB  . ASN E  5 ? 0.3248 0.1804 0.3075 0.0303  0.0120  0.0639  181 ASN E CB  
258 C  CG  . ASN E  5 ? 0.4137 0.1380 0.4210 0.0224  0.0443  0.0410  181 ASN E CG  
259 O  OD1 . ASN E  5 ? 0.4954 0.2407 0.5347 -0.0112 0.1323  0.0558  181 ASN E OD1 
260 N  ND2 . ASN E  5 ? 0.5277 0.3002 0.6366 0.0345  0.1014  0.0390  181 ASN E ND2 
261 N  N   . ILE E  6 ? 0.2835 0.2230 0.2423 0.0388  -0.0089 0.0422  182 ILE E N   
262 C  CA  . ILE E  6 ? 0.3012 0.2694 0.2583 0.0476  -0.0140 0.0285  182 ILE E CA  
263 C  C   . ILE E  6 ? 0.2920 0.2841 0.2791 0.0651  -0.0155 -0.0003 182 ILE E C   
264 O  O   . ILE E  6 ? 0.3400 0.3689 0.2802 0.0618  -0.0182 0.0136  182 ILE E O   
265 C  CB  . ILE E  6 ? 0.3026 0.2622 0.2960 0.0430  -0.0077 0.0017  182 ILE E CB  
266 C  CG1 . ILE E  6 ? 0.3223 0.2674 0.2720 0.0225  -0.0064 -0.0209 182 ILE E CG1 
267 C  CG2 . ILE E  6 ? 0.3214 0.3179 0.2630 0.0779  -0.0354 0.0119  182 ILE E CG2 
268 C  CD1 . ILE E  6 ? 0.3719 0.2481 0.3233 0.0120  -0.0195 -0.0169 182 ILE E CD1 
269 O  OXT . ILE E  6 ? 0.3316 0.3312 0.3183 0.0755  -0.0401 0.0291  182 ILE E OXT 
270 N  N   . GLU F  1 ? 0.3335 0.2027 0.3986 0.0646  0.0261  0.0352  211 GLU F N   
271 C  CA  . GLU F  1 ? 0.2572 0.1940 0.3266 0.0695  0.0310  0.0255  211 GLU F CA  
272 C  C   . GLU F  1 ? 0.2709 0.1971 0.3214 0.0446  0.0224  0.0369  211 GLU F C   
273 O  O   . GLU F  1 ? 0.2957 0.2436 0.3329 0.0573  0.0232  0.0114  211 GLU F O   
274 C  CB  . GLU F  1 ? 0.2422 0.2213 0.3353 0.0653  0.0378  0.0155  211 GLU F CB  
275 C  CG  . GLU F  1 ? 0.2415 0.2035 0.3095 0.0515  0.0164  0.0301  211 GLU F CG  
276 C  CD  . GLU F  1 ? 0.2354 0.2936 0.3657 0.0414  -0.0124 0.0567  211 GLU F CD  
277 O  OE1 . GLU F  1 ? 0.3926 0.3168 0.4278 0.0452  -0.0463 0.1158  211 GLU F OE1 
278 O  OE2 . GLU F  1 ? 0.4705 0.2910 0.4699 0.0006  -0.0675 0.0737  211 GLU F OE2 
279 N  N   . GLN F  2 ? 0.2555 0.1712 0.3214 0.0518  0.0175  0.0499  212 GLN F N   
280 C  CA  . GLN F  2 ? 0.2263 0.1786 0.2952 0.0389  0.0165  0.0594  212 GLN F CA  
281 C  C   . GLN F  2 ? 0.2076 0.1553 0.2845 0.0311  0.0091  0.0680  212 GLN F C   
282 O  O   . GLN F  2 ? 0.2268 0.1714 0.3150 0.0337  0.0130  0.0612  212 GLN F O   
283 C  CB  . GLN F  2 ? 0.2790 0.2012 0.3567 0.0325  0.0112  0.0447  212 GLN F CB  
284 C  CG  . GLN F  2 ? 0.2903 0.3245 0.4040 0.0141  0.0578  0.0158  212 GLN F CG  
285 C  CD  . GLN F  2 ? 0.3240 0.3662 0.4325 0.0015  0.0096  -0.0165 212 GLN F CD  
286 O  OE1 . GLN F  2 ? 0.3589 0.4192 0.5914 0.0852  -0.0126 -0.0005 212 GLN F OE1 
287 N  NE2 . GLN F  2 ? 0.3250 0.4426 0.5053 0.0648  0.0516  -0.0190 212 GLN F NE2 
288 N  N   . MET F  3 ? 0.1955 0.1334 0.2679 0.0191  0.0217  0.0601  213 MET F N   
289 C  CA  . MET F  3 ? 0.2058 0.1579 0.2599 0.0228  -0.0062 0.0565  213 MET F CA  
290 C  C   . MET F  3 ? 0.1718 0.1608 0.2271 0.0177  -0.0019 0.0620  213 MET F C   
291 O  O   . MET F  3 ? 0.1759 0.1714 0.2376 -0.0133 0.0275  0.0690  213 MET F O   
292 C  CB  . MET F  3 ? 0.2463 0.1871 0.2497 0.0216  -0.0243 0.0448  213 MET F CB  
293 C  CG  . MET F  3 ? 0.3712 0.1660 0.2787 0.0284  -0.0194 0.0265  213 MET F CG  
294 S  SD  . MET F  3 ? 0.4934 0.2949 0.3691 0.0750  0.0147  -0.0347 213 MET F SD  
295 C  CE  . MET F  3 ? 0.4900 0.4251 0.4519 0.0381  0.0000  -0.0006 213 MET F CE  
296 N  N   . CYS F  4 ? 0.1713 0.1387 0.2404 0.0037  0.0025  0.0597  214 CYS F N   
297 C  CA  . CYS F  4 ? 0.1825 0.1434 0.2381 0.0000  0.0030  0.0455  214 CYS F CA  
298 C  C   . CYS F  4 ? 0.1463 0.1190 0.2131 -0.0140 0.0121  0.0611  214 CYS F C   
299 O  O   . CYS F  4 ? 0.1693 0.1314 0.2809 -0.0315 0.0144  0.0702  214 CYS F O   
300 C  CB  . CYS F  4 ? 0.2135 0.1603 0.2454 0.0030  0.0125  0.0442  214 CYS F CB  
301 S  SG  . CYS F  4 ? 0.1820 0.1790 0.2795 0.0293  0.0300  0.0307  214 CYS F SG  
302 N  N   . ILE F  5 ? 0.1546 0.1102 0.2372 -0.0141 0.0053  0.0422  215 ILE F N   
303 C  CA  . ILE F  5 ? 0.1644 0.1136 0.2122 -0.0088 0.0171  0.0512  215 ILE F CA  
304 C  C   . ILE F  5 ? 0.2114 0.1345 0.2304 -0.0170 -0.0004 0.0418  215 ILE F C   
305 O  O   . ILE F  5 ? 0.2034 0.1262 0.2357 -0.0202 0.0156  0.0130  215 ILE F O   
306 C  CB  . ILE F  5 ? 0.1658 0.1447 0.2622 -0.0186 0.0065  0.0231  215 ILE F CB  
307 C  CG1 . ILE F  5 ? 0.1758 0.1839 0.2732 0.0277  0.0038  0.0238  215 ILE F CG1 
308 C  CG2 . ILE F  5 ? 0.1665 0.1971 0.3180 0.0041  0.0356  0.0605  215 ILE F CG2 
309 C  CD1 . ILE F  5 ? 0.2709 0.2276 0.2894 0.0015  -0.0469 0.0002  215 ILE F CD1 
310 N  N   . THR F  6 ? 0.2303 0.1342 0.2424 -0.0285 0.0051  0.0484  216 THR F N   
311 C  CA  . THR F  6 ? 0.2900 0.1914 0.2805 -0.0351 -0.0007 0.0499  216 THR F CA  
312 C  C   . THR F  6 ? 0.3217 0.2170 0.2796 -0.0263 -0.0290 0.0521  216 THR F C   
313 O  O   . THR F  6 ? 0.3395 0.1785 0.2713 -0.0281 -0.0532 0.0815  216 THR F O   
314 C  CB  . THR F  6 ? 0.3217 0.2160 0.3083 0.0041  0.0094  0.0479  216 THR F CB  
315 O  OG1 . THR F  6 ? 0.3418 0.2404 0.3205 -0.0241 0.0228  0.0680  216 THR F OG1 
316 C  CG2 . THR F  6 ? 0.2630 0.2418 0.2878 0.0446  0.0690  0.0721  216 THR F CG2 
317 O  OXT . THR F  6 ? 0.3609 0.2599 0.3045 -0.0371 -0.0251 0.0647  216 THR F OXT 
318 N  N   . HIS G  1 ? 0.3117 0.4619 0.5089 0.0469  0.0862  0.1077  177 HIS G N   
319 C  CA  . HIS G  1 ? 0.3349 0.4533 0.4879 0.0537  0.0838  0.0986  177 HIS G CA  
320 C  C   . HIS G  1 ? 0.3454 0.4448 0.4735 0.0250  0.0669  0.0918  177 HIS G C   
321 O  O   . HIS G  1 ? 0.4164 0.4836 0.4695 0.0026  0.1189  0.1284  177 HIS G O   
322 C  CB  . HIS G  1 ? 0.3376 0.4695 0.4986 0.0546  0.0697  0.0854  177 HIS G CB  
323 C  CG  . HIS G  1 ? 0.3602 0.5101 0.4472 0.0550  0.1266  0.0634  177 HIS G CG  
324 N  ND1 . HIS G  1 ? 0.4404 0.5774 0.3970 0.0851  0.1620  0.1001  177 HIS G ND1 
325 C  CD2 . HIS G  1 ? 0.4298 0.5548 0.4430 0.0681  0.1012  0.0668  177 HIS G CD2 
326 C  CE1 . HIS G  1 ? 0.4469 0.5710 0.4171 0.0680  0.1153  0.0764  177 HIS G CE1 
327 N  NE2 . HIS G  1 ? 0.3551 0.5160 0.3559 0.0631  0.1403  0.0618  177 HIS G NE2 
328 N  N   . ASP G  2 ? 0.2555 0.3812 0.4306 0.0354  0.0848  0.1070  178 ASP G N   
329 C  CA  A ASP G  2 ? 0.2467 0.3318 0.4084 0.0380  0.0712  0.0921  178 ASP G CA  
330 C  CA  B ASP G  2 ? 0.2550 0.3295 0.4064 0.0360  0.0670  0.0924  178 ASP G CA  
331 C  C   . ASP G  2 ? 0.2209 0.2536 0.3623 0.0430  0.0608  0.0965  178 ASP G C   
332 O  O   . ASP G  2 ? 0.2118 0.2093 0.3167 0.0496  0.0503  0.1044  178 ASP G O   
333 C  CB  A ASP G  2 ? 0.2666 0.3508 0.4298 0.0553  0.0711  0.0857  178 ASP G CB  
334 C  CB  B ASP G  2 ? 0.2828 0.3437 0.4280 0.0494  0.0686  0.0922  178 ASP G CB  
335 C  CG  A ASP G  2 ? 0.2345 0.4068 0.4834 0.0669  0.1050  0.0782  178 ASP G CG  
336 C  CG  B ASP G  2 ? 0.2922 0.3893 0.4536 0.0512  0.0640  0.0684  178 ASP G CG  
337 O  OD1 A ASP G  2 ? 0.2406 0.4628 0.5410 0.0837  0.0869  0.0862  178 ASP G OD1 
338 O  OD1 B ASP G  2 ? 0.3750 0.4287 0.4884 0.0374  0.0997  0.1022  178 ASP G OD1 
339 O  OD2 A ASP G  2 ? 0.3462 0.5007 0.5866 0.0600  0.1023  0.0353  178 ASP G OD2 
340 O  OD2 B ASP G  2 ? 0.3380 0.3841 0.5198 0.0283  0.1120  0.0988  178 ASP G OD2 
341 N  N   . CYS G  3 ? 0.1958 0.2181 0.3119 0.0355  0.0703  0.0720  179 CYS G N   
342 C  CA  . CYS G  3 ? 0.2040 0.1784 0.2826 0.0342  0.0497  0.0641  179 CYS G CA  
343 C  C   . CYS G  3 ? 0.1443 0.1664 0.2805 0.0147  0.0447  0.0728  179 CYS G C   
344 O  O   . CYS G  3 ? 0.1528 0.2262 0.3654 -0.0186 0.0979  0.1095  179 CYS G O   
345 C  CB  . CYS G  3 ? 0.2119 0.2172 0.2710 0.0474  0.0616  0.0589  179 CYS G CB  
346 S  SG  . CYS G  3 ? 0.3926 0.2353 0.2359 0.0718  0.0501  0.0353  179 CYS G SG  
347 N  N   . VAL G  4 ? 0.1361 0.1511 0.2955 0.0203  0.0379  0.0562  180 VAL G N   
348 C  CA  . VAL G  4 ? 0.1358 0.1627 0.3130 0.0233  0.0393  0.0495  180 VAL G CA  
349 C  C   . VAL G  4 ? 0.1679 0.1508 0.2833 0.0094  0.0194  0.0596  180 VAL G C   
350 O  O   . VAL G  4 ? 0.1697 0.1475 0.2756 0.0099  0.0509  0.0472  180 VAL G O   
351 C  CB  . VAL G  4 ? 0.1700 0.1703 0.3304 0.0313  0.0330  0.0352  180 VAL G CB  
352 C  CG1 . VAL G  4 ? 0.1740 0.2664 0.4128 -0.0300 -0.0013 0.0305  180 VAL G CG1 
353 C  CG2 . VAL G  4 ? 0.2099 0.2423 0.2183 0.0313  0.0529  -0.0085 180 VAL G CG2 
354 N  N   . ASN G  5 ? 0.1401 0.1635 0.3036 0.0059  0.0536  0.0678  181 ASN G N   
355 C  CA  . ASN G  5 ? 0.1574 0.1550 0.2208 0.0197  0.0164  0.0365  181 ASN G CA  
356 C  C   . ASN G  5 ? 0.2181 0.1933 0.2597 0.0107  0.0388  0.0330  181 ASN G C   
357 O  O   . ASN G  5 ? 0.2218 0.1986 0.2361 -0.0004 0.0474  0.0069  181 ASN G O   
358 C  CB  . ASN G  5 ? 0.2008 0.1568 0.2279 0.0214  0.0352  0.0649  181 ASN G CB  
359 C  CG  . ASN G  5 ? 0.2881 0.1574 0.2451 -0.0137 0.0140  0.0629  181 ASN G CG  
360 O  OD1 . ASN G  5 ? 0.4144 0.1831 0.2734 0.0012  0.0518  0.0366  181 ASN G OD1 
361 N  ND2 . ASN G  5 ? 0.3354 0.1805 0.3476 -0.0672 0.0804  0.0894  181 ASN G ND2 
362 N  N   . ILE G  6 ? 0.1941 0.1876 0.1926 0.0077  0.0334  -0.0045 182 ILE G N   
363 C  CA  . ILE G  6 ? 0.2436 0.2826 0.2691 0.0375  0.0525  0.0050  182 ILE G CA  
364 C  C   . ILE G  6 ? 0.2535 0.2921 0.2655 0.0591  0.0546  0.0004  182 ILE G C   
365 O  O   . ILE G  6 ? 0.2354 0.3017 0.2770 0.0793  0.0259  0.0033  182 ILE G O   
366 C  CB  . ILE G  6 ? 0.2478 0.2579 0.2645 0.0315  0.0555  0.0046  182 ILE G CB  
367 C  CG1 . ILE G  6 ? 0.1990 0.1916 0.3259 0.0291  0.0453  0.0033  182 ILE G CG1 
368 C  CG2 . ILE G  6 ? 0.2642 0.2833 0.2132 0.0169  0.0286  0.0805  182 ILE G CG2 
369 C  CD1 . ILE G  6 ? 0.1755 0.2529 0.3347 -0.0054 0.0328  0.0248  182 ILE G CD1 
370 O  OXT . ILE G  6 ? 0.2868 0.3359 0.3145 0.0502  0.0708  0.0014  182 ILE G OXT 
371 N  N   . GLU H  1 ? 0.1230 0.2083 0.2753 0.0189  0.0410  0.0408  211 GLU H N   
372 C  CA  A GLU H  1 ? 0.1554 0.1933 0.2505 0.0016  0.0396  0.0342  211 GLU H CA  
373 C  CA  B GLU H  1 ? 0.1313 0.1830 0.2265 0.0094  0.0503  0.0310  211 GLU H CA  
374 C  C   . GLU H  1 ? 0.1227 0.1582 0.2557 0.0015  0.0638  0.0274  211 GLU H C   
375 O  O   . GLU H  1 ? 0.1511 0.1831 0.2981 0.0048  0.0522  0.0059  211 GLU H O   
376 C  CB  A GLU H  1 ? 0.1539 0.2000 0.2619 -0.0070 0.0226  0.0328  211 GLU H CB  
377 C  CB  B GLU H  1 ? 0.1267 0.1792 0.2205 0.0163  0.0428  0.0264  211 GLU H CB  
378 C  CG  A GLU H  1 ? 0.1576 0.2107 0.2831 0.0113  0.0430  0.0208  211 GLU H CG  
379 C  CG  B GLU H  1 ? 0.1255 0.1871 0.2603 0.0145  0.0445  0.0493  211 GLU H CG  
380 C  CD  A GLU H  1 ? 0.1546 0.2695 0.2911 -0.0226 0.0178  0.0131  211 GLU H CD  
381 C  CD  B GLU H  1 ? 0.1339 0.1390 0.2753 0.0274  0.0575  0.0366  211 GLU H CD  
382 O  OE1 A GLU H  1 ? 0.2143 0.3411 0.3219 -0.0520 0.0076  -0.0024 211 GLU H OE1 
383 O  OE1 B GLU H  1 ? 0.1286 0.1153 0.2620 -0.0164 0.0668  -0.0128 211 GLU H OE1 
384 O  OE2 A GLU H  1 ? 0.1337 0.3125 0.3171 -0.0838 0.0439  0.0117  211 GLU H OE2 
385 O  OE2 B GLU H  1 ? 0.1526 0.0934 0.2476 0.0399  0.0862  0.0291  211 GLU H OE2 
386 N  N   . GLN H  2 ? 0.1287 0.1583 0.2573 0.0118  0.0423  0.0263  212 GLN H N   
387 C  CA  . GLN H  2 ? 0.1507 0.1534 0.2352 0.0125  0.0483  0.0321  212 GLN H CA  
388 C  C   . GLN H  2 ? 0.1284 0.1187 0.2341 -0.0060 0.0442  0.0378  212 GLN H C   
389 O  O   . GLN H  2 ? 0.1576 0.1508 0.2639 -0.0113 0.0123  0.0714  212 GLN H O   
390 C  CB  . GLN H  2 ? 0.1753 0.1615 0.2487 0.0020  0.0516  0.0322  212 GLN H CB  
391 C  CG  . GLN H  2 ? 0.2352 0.1843 0.2516 0.0206  0.0974  0.0649  212 GLN H CG  
392 C  CD  . GLN H  2 ? 0.2649 0.2108 0.2622 0.0367  0.1268  0.1009  212 GLN H CD  
393 O  OE1 . GLN H  2 ? 0.2967 0.2035 0.3219 0.0438  0.1726  0.0931  212 GLN H OE1 
394 N  NE2 . GLN H  2 ? 0.2245 0.2239 0.2787 -0.0073 0.0825  0.0937  212 GLN H NE2 
395 N  N   . MET H  3 ? 0.1537 0.1393 0.2585 -0.0069 0.0285  0.0446  213 MET H N   
396 C  CA  . MET H  3 ? 0.1627 0.1617 0.2468 -0.0161 0.0252  0.0432  213 MET H CA  
397 C  C   . MET H  3 ? 0.1533 0.1472 0.2612 0.0062  0.0243  0.0527  213 MET H C   
398 O  O   . MET H  3 ? 0.1414 0.1516 0.2723 0.0022  0.0351  0.0410  213 MET H O   
399 C  CB  . MET H  3 ? 0.2208 0.1894 0.2713 0.0078  0.0276  0.0277  213 MET H CB  
400 C  CG  . MET H  3 ? 0.3011 0.1729 0.3275 0.0299  0.0123  0.0089  213 MET H CG  
401 S  SD  . MET H  3 ? 0.6391 0.3491 0.3453 0.0518  -0.0322 0.0436  213 MET H SD  
402 C  CE  . MET H  3 ? 0.5096 0.3623 0.2393 0.0910  -0.0384 -0.0966 213 MET H CE  
403 N  N   . CYS H  4 ? 0.1472 0.1357 0.2595 -0.0086 0.0178  0.0630  214 CYS H N   
404 C  CA  . CYS H  4 ? 0.1873 0.1266 0.2640 0.0149  0.0187  0.0700  214 CYS H CA  
405 C  C   . CYS H  4 ? 0.1847 0.1451 0.2917 0.0084  0.0021  0.1153  214 CYS H C   
406 O  O   . CYS H  4 ? 0.1452 0.2037 0.3431 0.0031  0.0126  0.1269  214 CYS H O   
407 C  CB  . CYS H  4 ? 0.2250 0.1551 0.2763 0.0142  0.0376  0.0519  214 CYS H CB  
408 S  SG  . CYS H  4 ? 0.3559 0.1862 0.2673 0.0494  -0.0350 0.0252  214 CYS H SG  
409 N  N   . ILE H  5 ? 0.2085 0.1881 0.3351 0.0073  -0.0085 0.1225  215 ILE H N   
410 C  CA  . ILE H  5 ? 0.2372 0.1748 0.3796 0.0166  0.0121  0.1271  215 ILE H CA  
411 C  C   . ILE H  5 ? 0.2116 0.2389 0.4418 0.0401  0.0310  0.1405  215 ILE H C   
412 O  O   . ILE H  5 ? 0.2171 0.2857 0.4972 0.0378  0.0735  0.1675  215 ILE H O   
413 C  CB  . ILE H  5 ? 0.2419 0.2229 0.3879 0.0171  -0.0230 0.1300  215 ILE H CB  
414 C  CG1 . ILE H  5 ? 0.2351 0.2252 0.3405 0.0529  -0.0494 0.0903  215 ILE H CG1 
415 C  CG2 . ILE H  5 ? 0.3032 0.1466 0.4427 0.0291  -0.0877 0.1214  215 ILE H CG2 
416 C  CD1 . ILE H  5 ? 0.2344 0.3546 0.3275 0.0319  0.0043  0.0410  215 ILE H CD1 
417 N  N   . THR H  6 ? 0.2546 0.2441 0.4705 0.0539  0.0598  0.1231  216 THR H N   
418 C  CA  . THR H  6 ? 0.3173 0.3038 0.5238 0.0710  0.0677  0.0981  216 THR H CA  
419 C  C   . THR H  6 ? 0.3155 0.3063 0.5501 0.0942  0.0761  0.1035  216 THR H C   
420 O  O   . THR H  6 ? 0.3014 0.2530 0.5234 0.1171  0.1022  0.1313  216 THR H O   
421 C  CB  . THR H  6 ? 0.3545 0.3173 0.5298 0.0750  0.0675  0.0766  216 THR H CB  
422 O  OG1 . THR H  6 ? 0.4323 0.3685 0.5788 0.0333  0.0689  0.0654  216 THR H OG1 
423 C  CG2 . THR H  6 ? 0.4009 0.3201 0.5470 0.0676  0.0661  0.0827  216 THR H CG2 
424 O  OXT . THR H  6 ? 0.3376 0.3088 0.6158 0.1248  0.0800  0.0984  216 THR H OXT 
425 N  N   . HIS I  1 ? 0.3072 0.2116 0.3366 -0.0217 0.0690  0.0706  177 HIS I N   
426 C  CA  A HIS I  1 ? 0.2558 0.1916 0.3018 -0.0118 0.0781  0.0456  177 HIS I CA  
427 C  CA  B HIS I  1 ? 0.2649 0.2119 0.3155 -0.0097 0.0655  0.0397  177 HIS I CA  
428 C  C   . HIS I  1 ? 0.2561 0.1871 0.3015 -0.0199 0.0668  0.0356  177 HIS I C   
429 O  O   . HIS I  1 ? 0.2655 0.1940 0.3388 -0.0342 0.0558  0.0185  177 HIS I O   
430 C  CB  A HIS I  1 ? 0.2543 0.1956 0.2866 -0.0198 0.0907  0.0487  177 HIS I CB  
431 C  CB  B HIS I  1 ? 0.2712 0.2119 0.3121 -0.0116 0.0744  0.0501  177 HIS I CB  
432 C  CG  A HIS I  1 ? 0.2567 0.2004 0.3246 -0.0456 0.1047  0.0176  177 HIS I CG  
433 C  CG  B HIS I  1 ? 0.2872 0.2938 0.3675 -0.0348 0.0459  -0.0015 177 HIS I CG  
434 N  ND1 A HIS I  1 ? 0.3251 0.1963 0.3106 -0.0312 0.1009  0.0024  177 HIS I ND1 
435 N  ND1 B HIS I  1 ? 0.3502 0.3051 0.3550 -0.0133 0.0262  -0.0510 177 HIS I ND1 
436 C  CD2 A HIS I  1 ? 0.3123 0.2046 0.3596 -0.0456 0.0786  0.0163  177 HIS I CD2 
437 C  CD2 B HIS I  1 ? 0.2934 0.2904 0.3667 -0.0144 0.0365  -0.0197 177 HIS I CD2 
438 C  CE1 A HIS I  1 ? 0.3703 0.1352 0.3194 -0.0077 0.0846  0.0483  177 HIS I CE1 
439 C  CE1 B HIS I  1 ? 0.3298 0.3330 0.3992 -0.0096 0.0372  -0.0900 177 HIS I CE1 
440 N  NE2 A HIS I  1 ? 0.3492 0.2337 0.3298 -0.0271 0.0978  0.0073  177 HIS I NE2 
441 N  NE2 B HIS I  1 ? 0.2764 0.3121 0.3730 -0.0626 0.0112  -0.0989 177 HIS I NE2 
442 N  N   . ASP I  2 ? 0.2286 0.1592 0.2744 -0.0089 0.0664  0.0541  178 ASP I N   
443 C  CA  . ASP I  2 ? 0.2056 0.1390 0.2312 -0.0136 0.0707  0.0552  178 ASP I CA  
444 C  C   . ASP I  2 ? 0.1658 0.1209 0.1840 -0.0073 0.0743  0.0442  178 ASP I C   
445 O  O   . ASP I  2 ? 0.1814 0.1553 0.2034 0.0300  0.0733  0.0617  178 ASP I O   
446 C  CB  . ASP I  2 ? 0.2271 0.1412 0.2539 0.0048  0.0663  0.0363  178 ASP I CB  
447 C  CG  . ASP I  2 ? 0.1764 0.1708 0.2755 -0.0083 0.0448  0.0962  178 ASP I CG  
448 O  OD1 . ASP I  2 ? 0.1812 0.2535 0.2969 0.0477  0.1051  0.1488  178 ASP I OD1 
449 O  OD2 . ASP I  2 ? 0.2398 0.2790 0.3134 -0.0186 0.0372  0.1155  178 ASP I OD2 
450 N  N   . CYS I  3 ? 0.1753 0.1418 0.2290 0.0030  0.0858  0.0632  179 CYS I N   
451 C  CA  . CYS I  3 ? 0.1543 0.1559 0.2006 0.0225  0.0848  0.0464  179 CYS I CA  
452 C  C   . CYS I  3 ? 0.1670 0.1479 0.2168 0.0213  0.0889  0.0477  179 CYS I C   
453 O  O   . CYS I  3 ? 0.1925 0.1498 0.2247 0.0527  0.0972  0.0404  179 CYS I O   
454 C  CB  . CYS I  3 ? 0.1967 0.1961 0.2386 0.0269  0.0714  0.0404  179 CYS I CB  
455 S  SG  . CYS I  3 ? 0.1630 0.1832 0.2482 -0.0083 0.0906  0.0351  179 CYS I SG  
456 N  N   . VAL I  4 ? 0.2025 0.1718 0.1845 0.0221  0.0875  0.0573  180 VAL I N   
457 C  CA  . VAL I  4 ? 0.2043 0.1810 0.2374 0.0291  0.0597  0.0605  180 VAL I CA  
458 C  C   . VAL I  4 ? 0.2085 0.2043 0.2396 0.0316  0.0642  0.0487  180 VAL I C   
459 O  O   . VAL I  4 ? 0.2149 0.2211 0.2157 0.0195  0.0752  0.0603  180 VAL I O   
460 C  CB  . VAL I  4 ? 0.2638 0.2022 0.2572 0.0416  0.0201  0.0518  180 VAL I CB  
461 C  CG1 . VAL I  4 ? 0.3321 0.2623 0.2997 0.0547  -0.0007 0.0262  180 VAL I CG1 
462 C  CG2 . VAL I  4 ? 0.2815 0.1914 0.3292 0.0346  0.0172  0.0346  180 VAL I CG2 
463 N  N   . ASN I  5 ? 0.2130 0.2030 0.2620 0.0356  0.0745  0.0360  181 ASN I N   
464 C  CA  . ASN I  5 ? 0.2388 0.2147 0.2891 0.0427  0.0510  0.0197  181 ASN I CA  
465 C  C   . ASN I  5 ? 0.2889 0.1946 0.2880 0.0354  0.0254  0.0324  181 ASN I C   
466 O  O   . ASN I  5 ? 0.3257 0.2111 0.2962 0.0127  0.0176  0.0833  181 ASN I O   
467 C  CB  . ASN I  5 ? 0.2638 0.2372 0.3346 0.0873  0.0478  -0.0030 181 ASN I CB  
468 C  CG  . ASN I  5 ? 0.3276 0.3361 0.4493 0.0650  0.0258  -0.0136 181 ASN I CG  
469 O  OD1 . ASN I  5 ? 0.3389 0.4524 0.5717 -0.0580 0.0650  -0.0734 181 ASN I OD1 
470 N  ND2 . ASN I  5 ? 0.4247 0.3915 0.5776 0.1144  0.0376  -0.0128 181 ASN I ND2 
471 N  N   . ILE I  6 ? 0.3188 0.2046 0.2986 0.0285  0.0129  0.0350  182 ILE I N   
472 C  CA  A ILE I  6 ? 0.3682 0.2306 0.3242 0.0205  -0.0088 0.0359  182 ILE I CA  
473 C  CA  B ILE I  6 ? 0.3394 0.2081 0.3189 0.0198  -0.0013 0.0379  182 ILE I CA  
474 C  C   . ILE I  6 ? 0.3985 0.2339 0.3500 0.0100  -0.0140 0.0507  182 ILE I C   
475 O  O   . ILE I  6 ? 0.4389 0.2498 0.3686 0.0298  -0.0474 0.0545  182 ILE I O   
476 C  CB  A ILE I  6 ? 0.3764 0.2726 0.3286 -0.0028 0.0214  0.0336  182 ILE I CB  
477 C  CB  B ILE I  6 ? 0.3248 0.2099 0.3165 0.0046  0.0104  0.0342  182 ILE I CB  
478 C  CG1 A ILE I  6 ? 0.4118 0.3136 0.3468 -0.0139 0.0072  0.0162  182 ILE I CG1 
479 C  CG1 B ILE I  6 ? 0.2613 0.2137 0.2904 -0.0012 0.0121  0.0352  182 ILE I CG1 
480 C  CG2 A ILE I  6 ? 0.3816 0.3223 0.2933 -0.0130 -0.0295 0.0439  182 ILE I CG2 
481 C  CG2 B ILE I  6 ? 0.3021 0.1766 0.3041 0.0129  0.0129  0.0465  182 ILE I CG2 
482 C  CD1 A ILE I  6 ? 0.4219 0.3331 0.2692 -0.0429 0.0771  0.0511  182 ILE I CD1 
483 C  CD1 B ILE I  6 ? 0.0964 0.2223 0.3135 0.0545  0.0261  0.0005  182 ILE I CD1 
484 O  OXT A ILE I  6 ? 0.4731 0.2379 0.3874 0.0254  -0.0321 0.0634  182 ILE I OXT 
485 O  OXT B ILE I  6 ? 0.4287 0.2430 0.3691 0.0170  -0.0158 0.0605  182 ILE I OXT 
486 N  N   . GLU J  1 ? 0.2188 0.2693 0.3263 0.0634  0.0364  0.0338  211 GLU J N   
487 C  CA  . GLU J  1 ? 0.2170 0.2135 0.2752 0.0575  0.0209  0.0344  211 GLU J CA  
488 C  C   . GLU J  1 ? 0.1889 0.2046 0.2398 0.0500  0.0430  0.0480  211 GLU J C   
489 O  O   . GLU J  1 ? 0.2119 0.1872 0.2803 0.0521  0.0347  0.0385  211 GLU J O   
490 C  CB  . GLU J  1 ? 0.2350 0.2099 0.3004 0.0571  0.0001  0.0382  211 GLU J CB  
491 C  CG  . GLU J  1 ? 0.2071 0.2267 0.2601 -0.0020 0.0198  0.0372  211 GLU J CG  
492 C  CD  . GLU J  1 ? 0.2115 0.1918 0.3168 0.0803  0.0314  0.0467  211 GLU J CD  
493 O  OE1 . GLU J  1 ? 0.2069 0.2257 0.4486 0.0695  0.1526  0.0547  211 GLU J OE1 
494 O  OE2 . GLU J  1 ? 0.3088 0.1974 0.4715 0.0378  0.0660  0.0922  211 GLU J OE2 
495 N  N   . GLN J  2 ? 0.1703 0.2175 0.1971 0.0405  0.0602  0.0558  212 GLN J N   
496 C  CA  . GLN J  2 ? 0.1639 0.1903 0.2103 0.0340  0.0764  0.0585  212 GLN J CA  
497 C  C   . GLN J  2 ? 0.1505 0.1942 0.1737 0.0413  0.0770  0.0677  212 GLN J C   
498 O  O   . GLN J  2 ? 0.1741 0.2265 0.1842 0.0387  0.0545  0.0657  212 GLN J O   
499 C  CB  . GLN J  2 ? 0.1809 0.2043 0.1821 -0.0047 0.1043  0.0716  212 GLN J CB  
500 C  CG  . GLN J  2 ? 0.2381 0.2267 0.2533 -0.0104 0.0871  0.0682  212 GLN J CG  
501 C  CD  . GLN J  2 ? 0.1957 0.2827 0.3397 -0.0095 0.1071  0.0352  212 GLN J CD  
502 O  OE1 . GLN J  2 ? 0.3566 0.3101 0.3855 -0.0488 0.0672  0.0412  212 GLN J OE1 
503 N  NE2 . GLN J  2 ? 0.2302 0.2632 0.3717 0.0545  0.0765  0.0957  212 GLN J NE2 
504 N  N   . MET J  3 ? 0.1530 0.1707 0.1972 0.0215  0.0698  0.0591  213 MET J N   
505 C  CA  A MET J  3 ? 0.1706 0.1801 0.2044 0.0200  0.0651  0.0619  213 MET J CA  
506 C  CA  B MET J  3 ? 0.1716 0.1829 0.2076 0.0178  0.0651  0.0621  213 MET J CA  
507 C  C   . MET J  3 ? 0.1661 0.1666 0.1853 0.0343  0.0526  0.0588  213 MET J C   
508 O  O   . MET J  3 ? 0.2257 0.1262 0.2044 0.0487  0.0878  0.0793  213 MET J O   
509 C  CB  A MET J  3 ? 0.2048 0.1799 0.2181 0.0168  0.0574  0.0686  213 MET J CB  
510 C  CB  B MET J  3 ? 0.2110 0.1884 0.2219 0.0101  0.0561  0.0709  213 MET J CB  
511 C  CG  A MET J  3 ? 0.2420 0.2579 0.2711 0.0235  0.0445  0.0512  213 MET J CG  
512 C  CG  B MET J  3 ? 0.2306 0.2686 0.2977 0.0088  0.0560  0.0491  213 MET J CG  
513 S  SD  A MET J  3 ? 0.3422 0.2066 0.3205 0.0283  0.0130  0.0751  213 MET J SD  
514 S  SD  B MET J  3 ? 0.3099 0.3365 0.4631 -0.0049 0.0424  -0.0065 213 MET J SD  
515 C  CE  A MET J  3 ? 0.2924 0.2747 0.3376 0.0647  0.0339  0.0125  213 MET J CE  
516 C  CE  B MET J  3 ? 0.2054 0.2251 0.2670 -0.1134 0.0977  0.0780  213 MET J CE  
517 N  N   . CYS J  4 ? 0.1424 0.1486 0.1811 0.0390  0.0680  0.0788  214 CYS J N   
518 C  CA  . CYS J  4 ? 0.1678 0.1398 0.1942 0.0374  0.0623  0.0543  214 CYS J CA  
519 C  C   . CYS J  4 ? 0.1720 0.1498 0.2054 0.0459  0.0820  0.0564  214 CYS J C   
520 O  O   . CYS J  4 ? 0.1656 0.2000 0.2009 0.0444  0.0935  0.0871  214 CYS J O   
521 C  CB  . CYS J  4 ? 0.2036 0.1674 0.2358 0.0251  0.0687  0.0396  214 CYS J CB  
522 S  SG  . CYS J  4 ? 0.1622 0.1760 0.2231 0.0320  0.0615  0.0205  214 CYS J SG  
523 N  N   . ILE J  5 ? 0.1580 0.1223 0.1987 0.0363  0.0923  0.0779  215 ILE J N   
524 C  CA  . ILE J  5 ? 0.1756 0.1367 0.2248 0.0322  0.0837  0.0590  215 ILE J CA  
525 C  C   . ILE J  5 ? 0.1608 0.1507 0.2702 0.0080  0.0937  0.0736  215 ILE J C   
526 O  O   . ILE J  5 ? 0.2234 0.1601 0.3117 -0.0325 0.0807  0.1048  215 ILE J O   
527 C  CB  . ILE J  5 ? 0.1764 0.1948 0.2297 0.0165  0.0562  0.0720  215 ILE J CB  
528 C  CG1 . ILE J  5 ? 0.2348 0.2171 0.2078 0.0265  0.0334  0.0471  215 ILE J CG1 
529 C  CG2 . ILE J  5 ? 0.1710 0.1645 0.2887 0.0476  0.0315  0.0596  215 ILE J CG2 
530 C  CD1 . ILE J  5 ? 0.2701 0.1773 0.2189 0.0171  0.0234  0.0678  215 ILE J CD1 
531 N  N   . THR J  6 ? 0.1844 0.1556 0.3636 0.0154  0.0978  0.0552  216 THR J N   
532 C  CA  . THR J  6 ? 0.2831 0.1854 0.4538 0.0081  0.0627  0.0545  216 THR J CA  
533 C  C   . THR J  6 ? 0.2675 0.1664 0.5209 0.0158  0.0616  0.0588  216 THR J C   
534 O  O   . THR J  6 ? 0.2428 0.1590 0.5986 0.0481  0.0444  0.1088  216 THR J O   
535 C  CB  . THR J  6 ? 0.3031 0.2132 0.4519 -0.0112 0.0725  0.0292  216 THR J CB  
536 O  OG1 . THR J  6 ? 0.4479 0.3160 0.4802 -0.0248 0.0755  0.0019  216 THR J OG1 
537 C  CG2 . THR J  6 ? 0.3936 0.2465 0.4221 -0.0069 0.0362  0.0914  216 THR J CG2 
538 O  OXT . THR J  6 ? 0.3213 0.2127 0.5889 0.0251  0.0389  0.0571  216 THR J OXT 
539 N  N   . HIS K  1 ? 0.2457 0.1533 0.2482 -0.0053 0.0491  0.0314  177 HIS K N   
540 C  CA  A HIS K  1 ? 0.2610 0.1384 0.2515 -0.0077 0.0480  0.0295  177 HIS K CA  
541 C  CA  B HIS K  1 ? 0.2530 0.1231 0.2386 -0.0064 0.0466  0.0377  177 HIS K CA  
542 C  C   . HIS K  1 ? 0.2492 0.1137 0.2086 -0.0061 0.0483  0.0441  177 HIS K C   
543 O  O   . HIS K  1 ? 0.2691 0.1386 0.2219 -0.0214 0.0769  0.0179  177 HIS K O   
544 C  CB  A HIS K  1 ? 0.3032 0.1657 0.2920 0.0062  0.0343  0.0287  177 HIS K CB  
545 C  CB  B HIS K  1 ? 0.2583 0.1468 0.2675 0.0068  0.0352  0.0332  177 HIS K CB  
546 C  CG  A HIS K  1 ? 0.3282 0.2149 0.3740 0.0215  0.0403  0.0219  177 HIS K CG  
547 C  CG  B HIS K  1 ? 0.3619 0.1972 0.3102 -0.0182 0.0592  0.0589  177 HIS K CG  
548 N  ND1 A HIS K  1 ? 0.3900 0.2426 0.4368 0.0677  0.0076  0.0270  177 HIS K ND1 
549 N  ND1 B HIS K  1 ? 0.4344 0.2292 0.3260 -0.0241 0.0490  0.0683  177 HIS K ND1 
550 C  CD2 A HIS K  1 ? 0.3261 0.2816 0.4660 0.0248  0.0275  0.0025  177 HIS K CD2 
551 C  CD2 B HIS K  1 ? 0.4027 0.2517 0.4069 -0.0457 0.0761  0.0547  177 HIS K CD2 
552 C  CE1 A HIS K  1 ? 0.3757 0.2878 0.4470 0.0433  -0.0015 0.0283  177 HIS K CE1 
553 C  CE1 B HIS K  1 ? 0.4062 0.1899 0.3852 -0.0180 0.0743  0.0926  177 HIS K CE1 
554 N  NE2 A HIS K  1 ? 0.3672 0.3016 0.4426 0.0275  0.0195  -0.0049 177 HIS K NE2 
555 N  NE2 B HIS K  1 ? 0.3439 0.1696 0.4157 -0.0539 0.1092  0.0971  177 HIS K NE2 
556 N  N   . ASP K  2 ? 0.1911 0.1266 0.1858 0.0104  0.0526  0.0524  178 ASP K N   
557 C  CA  . ASP K  2 ? 0.1826 0.0871 0.1737 0.0214  0.0389  0.0599  178 ASP K CA  
558 C  C   . ASP K  2 ? 0.1672 0.1230 0.1653 0.0403  0.0463  0.0636  178 ASP K C   
559 O  O   . ASP K  2 ? 0.1728 0.1451 0.1833 0.0223  0.0540  0.0477  178 ASP K O   
560 C  CB  . ASP K  2 ? 0.1677 0.1276 0.1649 0.0178  0.0440  0.0597  178 ASP K CB  
561 C  CG  . ASP K  2 ? 0.1947 0.1064 0.1246 0.0445  0.0662  0.0273  178 ASP K CG  
562 O  OD1 . ASP K  2 ? 0.2154 0.1162 0.2118 0.0586  0.0619  0.0568  178 ASP K OD1 
563 O  OD2 . ASP K  2 ? 0.1881 0.1158 0.2220 0.0150  0.0611  0.0668  178 ASP K OD2 
564 N  N   . CYS K  3 ? 0.1482 0.1310 0.1874 0.0380  0.0523  0.0593  179 CYS K N   
565 C  CA  . CYS K  3 ? 0.1551 0.1618 0.1688 0.0284  0.0637  0.0603  179 CYS K CA  
566 C  C   . CYS K  3 ? 0.1411 0.1811 0.1918 0.0504  0.0714  0.0630  179 CYS K C   
567 O  O   . CYS K  3 ? 0.1954 0.1729 0.1955 0.0463  0.0661  0.0760  179 CYS K O   
568 C  CB  . CYS K  3 ? 0.1870 0.1685 0.1807 0.0273  0.0534  0.0789  179 CYS K CB  
569 S  SG  . CYS K  3 ? 0.2153 0.1609 0.2281 0.0243  0.0478  0.0679  179 CYS K SG  
570 N  N   . VAL K  4 ? 0.1529 0.1744 0.1865 0.0455  0.0621  0.0715  180 VAL K N   
571 C  CA  . VAL K  4 ? 0.1225 0.1922 0.1936 0.0481  0.0831  0.0598  180 VAL K CA  
572 C  C   . VAL K  4 ? 0.1146 0.1883 0.2202 0.0490  0.0566  0.0683  180 VAL K C   
573 O  O   . VAL K  4 ? 0.1701 0.1803 0.2034 0.0567  0.1061  0.0637  180 VAL K O   
574 C  CB  . VAL K  4 ? 0.1740 0.2027 0.2085 0.0169  0.0506  0.0643  180 VAL K CB  
575 C  CG1 . VAL K  4 ? 0.1985 0.3031 0.2285 0.0358  0.0453  0.0747  180 VAL K CG1 
576 C  CG2 . VAL K  4 ? 0.2560 0.2188 0.2614 0.0365  0.0624  0.0047  180 VAL K CG2 
577 N  N   . ASN K  5 ? 0.1034 0.2233 0.2251 0.0628  0.0788  0.0672  181 ASN K N   
578 C  CA  . ASN K  5 ? 0.1315 0.1887 0.2306 0.0623  0.0667  0.0606  181 ASN K CA  
579 C  C   . ASN K  5 ? 0.2011 0.2242 0.2755 0.0614  0.0260  0.0480  181 ASN K C   
580 O  O   . ASN K  5 ? 0.2462 0.2368 0.3128 0.0437  0.0211  0.0408  181 ASN K O   
581 C  CB  . ASN K  5 ? 0.1505 0.1937 0.2664 0.0793  0.0561  0.0450  181 ASN K CB  
582 C  CG  . ASN K  5 ? 0.1376 0.2830 0.2655 0.0704  0.0651  0.0529  181 ASN K CG  
583 O  OD1 . ASN K  5 ? 0.1864 0.2651 0.3902 0.0698  0.0337  0.0078  181 ASN K OD1 
584 N  ND2 . ASN K  5 ? 0.2129 0.2661 0.3310 0.1066  0.0776  0.0355  181 ASN K ND2 
585 N  N   . ILE K  6 ? 0.2367 0.2132 0.2517 0.0749  0.0173  0.0332  182 ILE K N   
586 C  CA  A ILE K  6 ? 0.2804 0.2153 0.2753 0.0750  -0.0006 0.0249  182 ILE K CA  
587 C  CA  B ILE K  6 ? 0.2996 0.2326 0.2836 0.0746  -0.0004 0.0323  182 ILE K CA  
588 C  C   . ILE K  6 ? 0.3179 0.2338 0.2787 0.0749  -0.0138 0.0192  182 ILE K C   
589 O  O   . ILE K  6 ? 0.3708 0.2638 0.3404 0.0878  -0.0289 -0.0042 182 ILE K O   
590 C  CB  A ILE K  6 ? 0.2717 0.2185 0.2649 0.0693  0.0036  0.0240  182 ILE K CB  
591 C  CB  B ILE K  6 ? 0.2845 0.2470 0.2730 0.0662  -0.0001 0.0371  182 ILE K CB  
592 C  CG1 A ILE K  6 ? 0.2483 0.1690 0.2670 0.0591  0.0178  0.0293  182 ILE K CG1 
593 C  CG1 B ILE K  6 ? 0.2721 0.2752 0.2984 0.0786  0.0224  0.0265  182 ILE K CG1 
594 C  CG2 A ILE K  6 ? 0.2556 0.1711 0.2385 0.1139  0.0101  0.0351  182 ILE K CG2 
595 C  CG2 B ILE K  6 ? 0.2881 0.2563 0.2861 0.0454  0.0294  0.0791  182 ILE K CG2 
596 C  CD1 A ILE K  6 ? 0.1992 0.1465 0.2197 0.0560  0.0589  0.0160  182 ILE K CD1 
597 C  CD1 B ILE K  6 ? 0.2449 0.3403 0.3413 0.0440  0.0915  0.0266  182 ILE K CD1 
598 O  OXT A ILE K  6 ? 0.3377 0.2291 0.2939 0.0865  -0.0129 0.0064  182 ILE K OXT 
599 O  OXT B ILE K  6 ? 0.3445 0.2070 0.2684 0.1021  -0.0025 0.0073  182 ILE K OXT 
600 N  N   . GLU L  1 ? 0.2487 0.2260 0.2735 0.0875  0.0941  0.0718  211 GLU L N   
601 C  CA  . GLU L  1 ? 0.2125 0.2054 0.2517 0.0653  0.0770  0.0599  211 GLU L CA  
602 C  C   . GLU L  1 ? 0.1775 0.2089 0.2386 0.0697  0.0808  0.0625  211 GLU L C   
603 O  O   . GLU L  1 ? 0.1712 0.2439 0.2373 0.0813  0.0570  0.0702  211 GLU L O   
604 C  CB  . GLU L  1 ? 0.2740 0.2138 0.2546 0.0617  0.0652  0.0667  211 GLU L CB  
605 C  CG  . GLU L  1 ? 0.3050 0.2325 0.2911 0.0938  0.0552  0.0294  211 GLU L CG  
606 C  CD  . GLU L  1 ? 0.3306 0.2949 0.3518 0.1297  0.0417  0.0161  211 GLU L CD  
607 O  OE1 . GLU L  1 ? 0.2982 0.3600 0.3516 0.1263  0.1147  0.0295  211 GLU L OE1 
608 O  OE2 . GLU L  1 ? 0.2817 0.2973 0.3207 0.1206  0.1229  0.0676  211 GLU L OE2 
609 N  N   . GLN L  2 ? 0.1574 0.1919 0.2533 0.0718  0.0762  0.0589  212 GLN L N   
610 C  CA  A GLN L  2 ? 0.1641 0.1650 0.2197 0.0510  0.0637  0.0495  212 GLN L CA  
611 C  CA  B GLN L  2 ? 0.1689 0.1768 0.2220 0.0490  0.0628  0.0558  212 GLN L CA  
612 C  C   . GLN L  2 ? 0.1657 0.1870 0.2104 0.0561  0.0642  0.0515  212 GLN L C   
613 O  O   . GLN L  2 ? 0.1756 0.1637 0.2234 0.0437  0.0573  0.0638  212 GLN L O   
614 C  CB  A GLN L  2 ? 0.1707 0.1863 0.2356 0.0548  0.0691  0.0426  212 GLN L CB  
615 C  CB  B GLN L  2 ? 0.1857 0.1945 0.2359 0.0478  0.0701  0.0562  212 GLN L CB  
616 C  CG  A GLN L  2 ? 0.1862 0.1379 0.2159 0.0726  0.0716  0.0147  212 GLN L CG  
617 C  CG  B GLN L  2 ? 0.1957 0.2150 0.2501 0.0334  0.0666  0.0508  212 GLN L CG  
618 C  CD  A GLN L  2 ? 0.1927 0.1993 0.2446 0.1037  0.0516  0.0115  212 GLN L CD  
619 C  CD  B GLN L  2 ? 0.2624 0.2228 0.2631 0.0292  0.0632  0.0500  212 GLN L CD  
620 O  OE1 A GLN L  2 ? 0.2862 0.1999 0.1953 0.1228  -0.0267 0.0576  212 GLN L OE1 
621 O  OE1 B GLN L  2 ? 0.3092 0.2436 0.3208 0.0036  0.1154  0.0234  212 GLN L OE1 
622 N  NE2 A GLN L  2 ? 0.1870 0.3400 0.2242 0.1028  0.1092  -0.0077 212 GLN L NE2 
623 N  NE2 B GLN L  2 ? 0.2433 0.1842 0.2317 0.0686  0.0936  0.0584  212 GLN L NE2 
624 N  N   . MET L  3 ? 0.1168 0.1750 0.2050 0.0441  0.0827  0.0712  213 MET L N   
625 C  CA  A MET L  3 ? 0.1346 0.1847 0.1918 0.0535  0.0702  0.0522  213 MET L CA  
626 C  CA  B MET L  3 ? 0.1460 0.1925 0.1897 0.0476  0.0649  0.0580  213 MET L CA  
627 C  C   . MET L  3 ? 0.1301 0.1941 0.1854 0.0562  0.0637  0.0567  213 MET L C   
628 O  O   . MET L  3 ? 0.1346 0.2089 0.2061 0.0332  0.0747  0.0587  213 MET L O   
629 C  CB  A MET L  3 ? 0.1547 0.2083 0.2360 0.0653  0.0424  0.0307  213 MET L CB  
630 C  CB  B MET L  3 ? 0.1628 0.2065 0.2025 0.0459  0.0528  0.0540  213 MET L CB  
631 C  CG  A MET L  3 ? 0.1954 0.2416 0.2921 0.0650  0.0654  0.0359  213 MET L CG  
632 C  CG  B MET L  3 ? 0.2019 0.2679 0.2175 0.0526  0.0602  0.0676  213 MET L CG  
633 S  SD  A MET L  3 ? 0.3917 0.2125 0.3827 0.0653  0.0295  -0.0333 213 MET L SD  
634 S  SD  B MET L  3 ? 0.3336 0.2886 0.2426 0.0602  0.0255  0.0794  213 MET L SD  
635 C  CE  A MET L  3 ? 0.3018 0.2446 0.4266 -0.0208 0.0619  -0.0837 213 MET L CE  
636 C  CE  B MET L  3 ? 0.2985 0.2692 0.2480 0.0549  0.0260  0.1087  213 MET L CE  
637 N  N   . CYS L  4 ? 0.1504 0.1856 0.1704 0.0418  0.0649  0.0746  214 CYS L N   
638 C  CA  . CYS L  4 ? 0.1408 0.1907 0.1807 0.0581  0.0704  0.0448  214 CYS L CA  
639 C  C   . CYS L  4 ? 0.1430 0.2022 0.1791 0.0440  0.0821  0.0772  214 CYS L C   
640 O  O   . CYS L  4 ? 0.1705 0.2322 0.2108 0.0745  0.0767  0.1019  214 CYS L O   
641 C  CB  . CYS L  4 ? 0.1722 0.2245 0.2091 0.0399  0.0439  0.0684  214 CYS L CB  
642 S  SG  . CYS L  4 ? 0.2134 0.1889 0.2336 0.0336  0.0593  0.0771  214 CYS L SG  
643 N  N   . ILE L  5 ? 0.1813 0.2027 0.1829 0.0552  0.0678  0.0773  215 ILE L N   
644 C  CA  . ILE L  5 ? 0.1656 0.2229 0.1828 0.0452  0.0650  0.0842  215 ILE L CA  
645 C  C   . ILE L  5 ? 0.1748 0.2294 0.1804 0.0578  0.0819  0.0597  215 ILE L C   
646 O  O   . ILE L  5 ? 0.2105 0.2593 0.2050 0.0711  0.0578  0.0369  215 ILE L O   
647 C  CB  . ILE L  5 ? 0.1930 0.2328 0.2095 0.0387  0.0429  0.1092  215 ILE L CB  
648 C  CG1 . ILE L  5 ? 0.2341 0.2611 0.2605 0.0236  0.0596  0.0752  215 ILE L CG1 
649 C  CG2 . ILE L  5 ? 0.2011 0.2102 0.2590 0.0709  0.0455  0.0832  215 ILE L CG2 
650 C  CD1 . ILE L  5 ? 0.2875 0.3055 0.2423 -0.0682 0.0614  0.1114  215 ILE L CD1 
651 N  N   . THR L  6 ? 0.1828 0.2809 0.2325 0.0378  0.0492  0.0272  216 THR L N   
652 C  CA  . THR L  6 ? 0.1796 0.3242 0.2714 0.0255  0.0656  0.0260  216 THR L CA  
653 C  C   . THR L  6 ? 0.1875 0.3677 0.2887 0.0366  0.0512  0.0143  216 THR L C   
654 O  O   . THR L  6 ? 0.1987 0.4107 0.2936 0.0328  0.0426  0.0001  216 THR L O   
655 C  CB  . THR L  6 ? 0.2027 0.3344 0.3206 0.0136  0.0490  0.0283  216 THR L CB  
656 O  OG1 . THR L  6 ? 0.2546 0.3303 0.3251 -0.0251 0.0643  0.0325  216 THR L OG1 
657 C  CG2 . THR L  6 ? 0.2894 0.3398 0.3839 0.0253  0.0487  0.0065  216 THR L CG2 
658 O  OXT . THR L  6 ? 0.1973 0.3638 0.2690 0.0712  0.0376  0.0211  216 THR L OXT 
659 FE FE  . FE  M  . ? 0.2632 0.1994 0.2754 0.0730  0.0431  0.0360  201 FE  G FE  
660 C  C1  . CIT N  . ? 0.3013 0.3333 0.3231 0.0851  0.0948  0.0106  202 CIT G C1  
661 O  O1  . CIT N  . ? 0.3670 0.3876 0.3466 0.0217  0.0641  0.0696  202 CIT G O1  
662 O  O2  . CIT N  . ? 0.3722 0.4584 0.3350 0.1133  0.0556  0.1031  202 CIT G O2  
663 C  C2  . CIT N  . ? 0.2149 0.2768 0.2944 0.0677  0.0903  0.0127  202 CIT G C2  
664 C  C3  . CIT N  . ? 0.2267 0.1954 0.2713 0.0974  0.0665  0.0070  202 CIT G C3  
665 O  O7  . CIT N  . ? 0.2055 0.1231 0.2840 0.0718  0.0837  0.0202  202 CIT G O7  
666 C  C4  . CIT N  . ? 0.1969 0.1859 0.3184 0.1060  0.0315  0.0578  202 CIT G C4  
667 C  C5  . CIT N  . ? 0.2586 0.2999 0.3529 0.1268  0.0555  0.0389  202 CIT G C5  
668 O  O3  . CIT N  . ? 0.3626 0.3084 0.4303 0.0917  -0.0005 0.0203  202 CIT G O3  
669 O  O4  . CIT N  . ? 0.2670 0.2379 0.3212 0.1531  0.0904  0.0645  202 CIT G O4  
670 C  C6  . CIT N  . ? 0.2897 0.2518 0.2736 0.0672  0.0476  0.0086  202 CIT G C6  
671 O  O5  . CIT N  . ? 0.2843 0.2435 0.3825 0.0112  0.1177  0.0447  202 CIT G O5  
672 O  O6  . CIT N  . ? 0.2696 0.2525 0.2866 0.1044  0.0550  -0.0090 202 CIT G O6  
673 C  C1  . CIT O  . ? 0.2844 0.1821 0.3968 0.1004  -0.0057 0.0548  203 CIT G C1  
674 O  O1  . CIT O  . ? 0.2854 0.1992 0.3315 0.0826  0.0595  0.0696  203 CIT G O1  
675 O  O2  . CIT O  . ? 0.3354 0.2204 0.4679 0.0964  0.0069  0.0654  203 CIT G O2  
676 C  C2  . CIT O  . ? 0.2970 0.2212 0.3761 0.0679  -0.0103 0.0414  203 CIT G C2  
677 C  C3  . CIT O  . ? 0.2936 0.2015 0.3139 0.0732  0.0062  0.0223  203 CIT G C3  
678 O  O7  . CIT O  . ? 0.3154 0.1515 0.2892 0.0755  0.0319  0.0244  203 CIT G O7  
679 C  C4  . CIT O  . ? 0.3684 0.2162 0.3261 0.1392  -0.0015 -0.0033 203 CIT G C4  
680 C  C5  . CIT O  . ? 0.4431 0.2314 0.3145 0.1489  0.0364  -0.0031 203 CIT G C5  
681 O  O3  . CIT O  . ? 0.5886 0.3393 0.3593 0.2166  0.0778  0.0112  203 CIT G O3  
682 O  O4  . CIT O  . ? 0.3918 0.1728 0.2718 0.1203  0.0389  0.0186  203 CIT G O4  
683 C  C6  . CIT O  . ? 0.3686 0.2354 0.3820 0.0382  -0.0477 0.0627  203 CIT G C6  
684 O  O5  . CIT O  . ? 0.4954 0.2243 0.4707 0.0265  -0.0473 0.0173  203 CIT G O5  
685 O  O6  . CIT O  . ? 0.2980 0.2220 0.4139 0.0019  0.0029  0.0578  203 CIT G O6  
686 FE FE  . FE  P  . ? 0.2418 0.1875 0.2929 0.0468  0.0295  0.0357  201 FE  I FE  
687 FE FE  . FE  Q  . ? 0.2573 0.1837 0.2705 0.0532  0.0545  0.0184  202 FE  I FE  
688 C  C1  . CIT R  . ? 0.2174 0.2345 0.2938 0.0836  0.0669  0.0523  203 CIT I C1  
689 O  O1  . CIT R  . ? 0.2846 0.2936 0.3170 0.0934  0.1171  0.0703  203 CIT I O1  
690 O  O2  . CIT R  . ? 0.2030 0.1954 0.3958 0.0708  0.0611  -0.0299 203 CIT I O2  
691 C  C2  . CIT R  . ? 0.2600 0.2162 0.2736 0.0187  0.0310  0.0610  203 CIT I C2  
692 C  C3  . CIT R  . ? 0.2414 0.1582 0.2876 0.0440  0.0526  0.0242  203 CIT I C3  
693 O  O7  . CIT R  . ? 0.1868 0.1232 0.4098 0.0305  0.0312  0.0786  203 CIT I O7  
694 C  C4  . CIT R  . ? 0.2478 0.1473 0.3492 0.0151  -0.0108 0.0195  203 CIT I C4  
695 C  C5  . CIT R  . ? 0.2741 0.1618 0.3158 0.0296  -0.0025 0.0067  203 CIT I C5  
696 O  O3  . CIT R  . ? 0.2748 0.1636 0.3744 0.0524  0.0062  0.0105  203 CIT I O3  
697 O  O4  . CIT R  . ? 0.2838 0.1656 0.3757 -0.0029 -0.0258 0.1026  203 CIT I O4  
698 C  C6  . CIT R  . ? 0.2376 0.1975 0.2618 0.0407  0.0243  0.0836  203 CIT I C6  
699 O  O5  . CIT R  . ? 0.2806 0.2753 0.3230 0.0064  0.0297  0.1082  203 CIT I O5  
700 O  O6  . CIT R  . ? 0.2874 0.2155 0.2567 0.0828  0.0204  -0.0117 203 CIT I O6  
701 C  C1  . CIT S  . ? 0.2884 0.2477 0.3410 0.0805  -0.0142 0.0071  204 CIT I C1  
702 O  O1  . CIT S  . ? 0.2512 0.2966 0.4339 0.0217  -0.0061 0.0174  204 CIT I O1  
703 O  O2  . CIT S  . ? 0.3074 0.2680 0.3251 0.0227  -0.0078 0.0287  204 CIT I O2  
704 C  C2  . CIT S  . ? 0.2911 0.2418 0.2966 0.0431  -0.0110 0.0113  204 CIT I C2  
705 C  C3  . CIT S  . ? 0.3162 0.2323 0.3041 0.0407  0.0287  0.0167  204 CIT I C3  
706 O  O7  . CIT S  . ? 0.2084 0.2209 0.2807 0.0842  0.0581  0.0296  204 CIT I O7  
707 C  C4  . CIT S  . ? 0.3455 0.3199 0.3164 0.0531  0.0448  0.0207  204 CIT I C4  
708 C  C5  . CIT S  . ? 0.4088 0.3283 0.3482 0.0864  0.0640  0.0297  204 CIT I C5  
709 O  O3  . CIT S  . ? 0.3898 0.3255 0.3967 0.0821  0.1288  0.0689  204 CIT I O3  
710 O  O4  . CIT S  . ? 0.4530 0.4223 0.4814 0.1187  0.0949  0.0591  204 CIT I O4  
711 C  C6  . CIT S  . ? 0.3367 0.2325 0.2742 0.0616  0.0328  -0.0041 204 CIT I C6  
712 O  O5  . CIT S  . ? 0.4035 0.3281 0.3287 0.0780  -0.0510 -0.0043 204 CIT I O5  
713 O  O6  . CIT S  . ? 0.3596 0.2821 0.2678 0.0514  0.0334  -0.0260 204 CIT I O6  
714 O  O   . HOH T  . ? 0.6976 0.5484 0.3968 0.2147  -0.0947 -0.0066 201 HOH A O   
715 O  O   . HOH T  . ? 2.8704 2.4743 1.0269 -2.5714 1.5824  -1.3362 202 HOH A O   
716 O  O   . HOH U  . ? 0.5579 0.7357 0.3892 0.2848  0.1401  0.1782  301 HOH B O   
717 O  O   . HOH U  . ? 0.3161 0.6482 0.6076 0.0517  0.1099  -0.2956 302 HOH B O   
718 O  O   . HOH U  . ? 0.4244 0.9373 2.7183 -0.1720 -0.2171 -0.5517 303 HOH B O   
719 O  O   A HOH V  . ? 0.2074 0.1379 0.2694 -0.0299 -0.0198 0.0846  201 HOH C O   
720 O  O   B HOH V  . ? 0.1609 0.1181 0.1044 0.1097  0.0554  0.0508  201 HOH C O   
721 O  O   . HOH V  . ? 0.3478 1.0422 0.3763 0.2468  0.0886  0.1457  202 HOH C O   
722 O  O   . HOH V  . ? 0.3642 0.3045 0.5373 0.1803  0.2218  0.0493  203 HOH C O   
723 O  O   . HOH V  . ? 0.3612 0.2376 0.4468 0.0761  0.2263  0.1193  204 HOH C O   
724 O  O   . HOH V  . ? 0.5686 0.9331 0.9007 -0.0080 0.2650  -0.3004 205 HOH C O   
725 O  O   . HOH V  . ? 1.1789 5.1650 1.3851 -1.0526 -0.5465 2.1554  206 HOH C O   
726 O  O   . HOH V  . ? 0.5732 0.4425 0.5118 -0.1372 0.1150  0.0833  207 HOH C O   
727 O  O   . HOH W  . ? 0.4468 0.2006 0.3539 -0.0411 0.0820  0.0836  301 HOH D O   
728 O  O   . HOH W  . ? 0.7616 0.3124 0.4607 -0.0412 0.0698  0.0911  302 HOH D O   
729 O  O   . HOH W  . ? 0.6441 0.2925 0.6404 -0.0507 0.0622  0.2244  303 HOH D O   
730 O  O   . HOH X  . ? 1.0069 0.4187 0.6674 0.1938  -0.1104 0.0433  201 HOH E O   
731 O  O   . HOH X  . ? 0.6795 0.5889 0.5768 -0.1303 -0.1500 0.1109  202 HOH E O   
732 O  O   . HOH X  . ? 0.4923 0.4825 0.8602 -0.1660 0.1232  0.1343  203 HOH E O   
733 O  O   . HOH Y  . ? 0.2002 0.1694 0.2448 -0.0279 0.0784  0.0415  301 HOH F O   
734 O  O   . HOH Y  . ? 0.2276 0.3478 0.4210 0.0520  0.0722  -0.0495 302 HOH F O   
735 O  O   . HOH Y  . ? 0.2595 0.3472 0.3168 0.0095  0.0563  0.0692  303 HOH F O   
736 O  O   . HOH Y  . ? 0.6419 0.4438 0.5397 0.1464  0.0684  0.0088  304 HOH F O   
737 O  O   . HOH Y  . ? 0.7081 0.4763 1.5365 0.2982  0.3398  0.6329  305 HOH F O   
738 O  O   . HOH Z  . ? 0.3215 0.2602 0.4660 -0.1170 -0.0680 0.1217  301 HOH G O   
739 O  O   . HOH Z  . ? 0.3211 0.3592 0.4699 -0.0151 0.0325  0.1690  302 HOH G O   
740 O  O   . HOH Z  . ? 0.5989 0.4735 0.4879 0.1311  -0.0775 0.0190  303 HOH G O   
741 O  O   . HOH Z  . ? 0.2775 0.3570 0.3169 -0.0607 0.0647  0.0911  304 HOH G O   
742 O  O   . HOH Z  . ? 1.6868 1.1964 0.4471 0.8468  0.0578  0.3892  305 HOH G O   
743 O  O   . HOH Z  . ? 0.2233 0.2923 0.3330 -0.0262 0.1351  0.0263  306 HOH G O   
744 O  O   . HOH Z  . ? 0.3205 0.3664 0.3507 0.0754  0.0357  0.1393  307 HOH G O   
745 O  O   . HOH Z  . ? 0.2721 0.5973 0.4516 -0.0371 0.1030  -0.1725 308 HOH G O   
746 O  O   . HOH AA . ? 0.3121 0.3366 0.4582 -0.0033 0.1426  -0.0267 301 HOH H O   
747 O  O   . HOH AA . ? 1.4780 1.5164 0.9066 1.1591  0.0665  0.1787  302 HOH H O   
748 O  O   . HOH BA . ? 0.4830 0.3798 0.4388 -0.0582 0.1346  -0.0284 301 HOH I O   
749 O  O   . HOH BA . ? 3.9511 1.9279 1.0277 2.6077  0.5038  -0.0652 302 HOH I O   
750 O  O   . HOH BA . ? 0.3558 0.2068 0.6666 0.0461  0.0896  -0.0246 303 HOH I O   
751 O  O   . HOH CA . ? 1.0604 0.5087 0.4904 0.0787  -0.1227 -0.0063 301 HOH J O   
752 O  O   . HOH CA . ? 1.2022 0.8136 1.3708 0.3634  0.5807  0.3736  302 HOH J O   
753 O  O   . HOH CA . ? 0.4583 0.4893 0.4392 0.2371  0.0000  -0.1014 303 HOH J O   
754 O  O   . HOH CA . ? 0.5319 0.4158 1.1106 -0.1731 -0.4089 0.3627  304 HOH J O   
755 O  O   . HOH CA . ? 0.2343 3.3658 1.7091 0.4334  -0.0119 1.9428  305 HOH J O   
756 O  O   . HOH CA . ? 0.6056 0.5032 1.6557 0.2646  0.4649  -0.4411 306 HOH J O   
757 O  O   . HOH DA . ? 0.3943 0.3447 0.7382 -0.0454 0.1687  -0.0650 201 HOH K O   
758 O  O   . HOH DA . ? 0.5651 0.2865 0.5821 0.0601  0.2132  0.0512  202 HOH K O   
759 O  O   . HOH EA . ? 0.2584 0.1961 0.3047 -0.0283 0.0939  0.0638  301 HOH L O   
760 O  O   . HOH EA . ? 0.4287 0.3766 0.3809 -0.1161 0.0781  0.1290  302 HOH L O   
761 O  O   . HOH EA . ? 0.6210 0.3295 0.5389 0.1328  -0.2256 -0.0923 303 HOH L O   
762 O  O   . HOH EA . ? 0.4517 0.3747 0.3909 -0.1099 -0.0480 0.1075  304 HOH L O   
763 O  O   . HOH EA . ? 0.2548 0.4174 0.2871 0.0604  0.0630  0.0297  305 HOH L O   
764 O  O   . HOH EA . ? 0.4493 0.5340 0.6632 0.1626  0.0627  -0.1443 306 HOH L O   
765 O  O   A HOH EA . ? 0.5373 0.1735 0.3851 0.0218  0.1032  -0.0510 307 HOH L O   
766 O  O   B HOH EA . ? 0.1820 0.1904 0.5596 -0.0020 0.0434  -0.0315 307 HOH L O   
767 O  O   . HOH EA . ? 0.3547 0.8027 0.4765 0.1770  0.0297  -0.1499 308 HOH L O   
768 O  O   . HOH EA . ? 0.4792 0.5857 0.9462 -0.1857 0.4154  -0.1963 309 HOH L O   
769 O  O   . HOH EA . ? 2.5282 1.3823 0.4578 1.5571  -0.1153 0.1141  310 HOH L O   
770 O  O   . HOH EA . ? 0.8167 0.7193 3.1703 0.0502  0.3919  -0.0344 311 HOH L O   
771 O  O   . HOH EA . ? 0.4104 0.5538 0.3287 -0.0009 0.0306  0.1118  312 HOH L O   
# 
